data_5MSX
#
_entry.id   5MSX
#
_cell.length_a   76.827
_cell.length_b   129.181
_cell.length_c   158.080
_cell.angle_alpha   90.00
_cell.angle_beta   90.00
_cell.angle_gamma   90.00
#
_symmetry.space_group_name_H-M   'P 21 21 21'
#
loop_
_entity.id
_entity.type
_entity.pdbx_description
1 polymer 'Putative endo-1,4-beta-xylanase'
2 non-polymer '4-(2-HYDROXYETHYL)-1-PIPERAZINE ETHANESULFONIC ACID'
3 non-polymer 'CALCIUM ION'
4 non-polymer 1,2-ETHANEDIOL
5 non-polymer TRIS-HYDROXYMETHYL-METHYL-AMMONIUM
6 water water
#
_entity_poly.entity_id   1
_entity_poly.type   'polypeptide(L)'
_entity_poly.pdbx_seq_one_letter_code
;MGSSHHHHHHSSGPQQGLRQHNNPFGNALIPDMIADASIQEINGVFYCYATTDGYGQGLKTSGPPVVWKSKDFVHWSFDG
TYFPSAAKEKYWAPSKAIFANGKYYIYPTINGYMYPAVADKPEGPFKLARGKDEFYKPFTPSTLLQSKNPGGIDAEIFVD
DDGQAYVFWGRRHVAKLNEDMITVDSVVQVISTPRKEYSEGPIFFKRKGIYYYLYTIGGDEKYQYAYVMSRVSPMGPFEA
PEQDIISTTNYERGIFGPGHGCVFHPEGTDNYYFAYLEFGRRSTNRQTYVNQLKFNEDGTIRPVELTMDGVGALKKVKSD
KKMKIDTVYASSIEVPLKIEPMKDPTCLRTEYFVPSFAVDGANGSRWMAAAEDSINPWIVADLGTVKKVRRSEIYFVRPT
AGHAYVIEASMDGKVWQEFAVHQDRKMCSPHTDVLNKRFRYLRIKILKGVPGIWEWNIY
;
_entity_poly.pdbx_strand_id   A,B,C
#
loop_
_chem_comp.id
_chem_comp.type
_chem_comp.name
_chem_comp.formula
144 non-polymer TRIS-HYDROXYMETHYL-METHYL-AMMONIUM 'C4 H12 N O3 1'
CA non-polymer 'CALCIUM ION' 'Ca 2'
EDO non-polymer 1,2-ETHANEDIOL 'C2 H6 O2'
EPE non-polymer '4-(2-HYDROXYETHYL)-1-PIPERAZINE ETHANESULFONIC ACID' 'C8 H18 N2 O4 S'
#
# COMPACT_ATOMS: atom_id res chain seq x y z
N HIS A 21 1.31 -42.02 1.16
CA HIS A 21 1.37 -41.13 -0.04
C HIS A 21 0.08 -40.31 -0.31
N ASN A 22 -1.06 -40.97 -0.46
CA ASN A 22 -2.25 -40.30 -0.98
C ASN A 22 -3.03 -39.43 0.04
N ASN A 23 -3.32 -38.18 -0.37
CA ASN A 23 -4.03 -37.20 0.46
C ASN A 23 -5.32 -36.76 -0.20
N PRO A 24 -6.47 -37.31 0.22
CA PRO A 24 -7.73 -36.86 -0.41
C PRO A 24 -8.23 -35.44 -0.07
N PHE A 25 -7.60 -34.76 0.88
CA PHE A 25 -8.07 -33.46 1.36
C PHE A 25 -7.23 -32.30 0.81
N GLY A 26 -6.27 -32.62 -0.06
CA GLY A 26 -5.48 -31.66 -0.78
C GLY A 26 -4.89 -30.55 0.04
N ASN A 27 -4.96 -29.33 -0.49
CA ASN A 27 -4.44 -28.13 0.16
C ASN A 27 -5.55 -27.13 0.60
N ALA A 28 -6.17 -27.45 1.73
CA ALA A 28 -7.14 -26.58 2.44
C ALA A 28 -6.60 -25.16 2.68
N LEU A 29 -7.47 -24.15 2.77
CA LEU A 29 -7.01 -22.79 3.05
C LEU A 29 -6.23 -22.67 4.39
N ILE A 30 -6.75 -23.27 5.45
CA ILE A 30 -6.26 -23.12 6.81
C ILE A 30 -5.82 -24.48 7.34
N PRO A 31 -4.70 -24.53 8.10
CA PRO A 31 -4.29 -25.77 8.75
C PRO A 31 -5.08 -25.99 10.05
N ASP A 32 -6.37 -26.24 9.89
CA ASP A 32 -7.27 -26.59 10.99
C ASP A 32 -8.53 -27.06 10.29
N MET A 33 -9.42 -27.66 11.07
CA MET A 33 -10.72 -27.97 10.61
C MET A 33 -11.62 -26.75 10.91
N ILE A 34 -12.09 -26.13 9.84
CA ILE A 34 -12.92 -24.94 9.90
C ILE A 34 -14.01 -25.00 8.85
N ALA A 35 -15.11 -24.31 9.15
CA ALA A 35 -16.31 -24.35 8.37
C ALA A 35 -16.98 -22.97 8.44
N ASP A 36 -17.95 -22.74 7.57
CA ASP A 36 -18.79 -21.53 7.61
C ASP A 36 -17.95 -20.23 7.53
N ALA A 37 -16.89 -20.23 6.72
CA ALA A 37 -15.88 -19.19 6.74
C ALA A 37 -16.35 -17.86 6.14
N SER A 38 -15.95 -16.78 6.81
CA SER A 38 -16.16 -15.41 6.38
C SER A 38 -14.77 -14.80 6.21
N ILE A 39 -14.45 -14.48 4.97
CA ILE A 39 -13.12 -14.06 4.60
C ILE A 39 -13.20 -12.64 4.01
N GLN A 40 -12.27 -11.79 4.41
CA GLN A 40 -12.25 -10.41 3.92
C GLN A 40 -10.84 -9.81 4.00
N GLU A 41 -10.65 -8.69 3.31
CA GLU A 41 -9.45 -7.87 3.38
C GLU A 41 -9.74 -6.59 4.16
N ILE A 42 -8.97 -6.34 5.20
CA ILE A 42 -9.08 -5.15 6.02
C ILE A 42 -7.68 -4.54 6.12
N ASN A 43 -7.53 -3.31 5.61
CA ASN A 43 -6.28 -2.55 5.68
C ASN A 43 -5.11 -3.34 5.10
N GLY A 44 -5.35 -3.95 3.96
CA GLY A 44 -4.34 -4.77 3.31
C GLY A 44 -3.94 -6.06 3.95
N VAL A 45 -4.65 -6.54 4.97
CA VAL A 45 -4.43 -7.88 5.58
C VAL A 45 -5.68 -8.75 5.39
N PHE A 46 -5.53 -10.05 5.11
CA PHE A 46 -6.70 -10.94 4.99
C PHE A 46 -7.05 -11.54 6.35
N TYR A 47 -8.36 -11.65 6.60
CA TYR A 47 -8.94 -12.15 7.82
C TYR A 47 -9.94 -13.24 7.48
N CYS A 48 -9.93 -14.32 8.26
CA CYS A 48 -10.84 -15.44 8.09
C CYS A 48 -11.47 -15.78 9.45
N TYR A 49 -12.75 -15.45 9.60
CA TYR A 49 -13.55 -15.75 10.78
C TYR A 49 -14.39 -16.95 10.40
N ALA A 50 -14.36 -17.99 11.24
CA ALA A 50 -15.00 -19.25 10.91
C ALA A 50 -15.49 -20.00 12.14
N THR A 51 -16.28 -21.04 11.89
CA THR A 51 -16.57 -22.06 12.87
C THR A 51 -15.33 -22.93 12.97
N THR A 52 -14.84 -23.13 14.20
CA THR A 52 -13.78 -24.08 14.47
C THR A 52 -14.37 -25.44 14.80
N ASP A 53 -14.01 -26.41 13.97
CA ASP A 53 -14.47 -27.81 13.97
C ASP A 53 -13.37 -28.66 14.66
N GLY A 54 -13.52 -29.99 14.61
CA GLY A 54 -12.56 -30.93 15.17
C GLY A 54 -12.60 -31.20 16.66
N TYR A 55 -13.67 -30.83 17.34
CA TYR A 55 -13.73 -30.97 18.79
C TYR A 55 -14.38 -32.30 19.25
N GLY A 56 -14.81 -33.16 18.32
CA GLY A 56 -15.12 -34.58 18.62
C GLY A 56 -16.51 -34.90 19.18
N GLN A 57 -17.42 -33.92 19.27
CA GLN A 57 -18.78 -34.15 19.77
C GLN A 57 -19.87 -33.68 18.85
N GLY A 58 -19.66 -33.81 17.55
CA GLY A 58 -20.64 -33.36 16.56
C GLY A 58 -21.03 -31.90 16.78
N LEU A 59 -22.31 -31.61 16.62
CA LEU A 59 -22.85 -30.27 16.79
C LEU A 59 -23.07 -29.85 18.27
N LYS A 60 -22.68 -30.68 19.24
CA LYS A 60 -22.89 -30.33 20.66
C LYS A 60 -21.85 -29.38 21.20
N THR A 61 -20.66 -29.35 20.62
CA THR A 61 -19.64 -28.36 21.00
C THR A 61 -18.95 -27.83 19.74
N SER A 62 -18.18 -26.78 19.93
CA SER A 62 -17.30 -26.23 18.87
C SER A 62 -15.99 -25.88 19.54
N GLY A 63 -15.03 -25.49 18.71
CA GLY A 63 -13.88 -24.79 19.19
C GLY A 63 -14.26 -23.34 19.50
N PRO A 64 -13.35 -22.62 20.10
CA PRO A 64 -13.57 -21.23 20.44
C PRO A 64 -13.54 -20.25 19.23
N PRO A 65 -14.02 -18.99 19.44
CA PRO A 65 -13.89 -17.97 18.37
C PRO A 65 -12.44 -17.45 18.15
N VAL A 66 -11.85 -17.83 17.03
CA VAL A 66 -10.54 -17.32 16.64
C VAL A 66 -10.59 -16.75 15.22
N VAL A 67 -9.70 -15.81 14.94
CA VAL A 67 -9.57 -15.21 13.61
C VAL A 67 -8.20 -15.47 13.04
N TRP A 68 -8.15 -16.10 11.87
CA TRP A 68 -6.90 -16.32 11.17
C TRP A 68 -6.60 -15.13 10.26
N LYS A 69 -5.32 -14.76 10.17
CA LYS A 69 -4.83 -13.63 9.39
C LYS A 69 -3.69 -14.01 8.45
N SER A 70 -3.57 -13.28 7.34
CA SER A 70 -2.53 -13.56 6.33
C SER A 70 -2.25 -12.30 5.53
N LYS A 71 -0.96 -12.02 5.26
CA LYS A 71 -0.59 -10.96 4.33
C LYS A 71 -0.70 -11.40 2.87
N ASP A 72 -0.59 -12.69 2.61
CA ASP A 72 -0.51 -13.16 1.23
C ASP A 72 -1.58 -14.12 0.78
N PHE A 73 -2.46 -14.56 1.69
CA PHE A 73 -3.46 -15.62 1.47
C PHE A 73 -2.91 -17.07 1.49
N VAL A 74 -1.63 -17.23 1.78
CA VAL A 74 -0.94 -18.52 1.81
C VAL A 74 -0.47 -18.84 3.23
N HIS A 75 0.23 -17.91 3.87
CA HIS A 75 0.71 -18.09 5.26
C HIS A 75 -0.31 -17.48 6.24
N TRP A 76 -0.93 -18.34 7.05
CA TRP A 76 -2.01 -17.95 7.96
C TRP A 76 -1.61 -18.19 9.41
N SER A 77 -2.15 -17.36 10.30
CA SER A 77 -1.84 -17.46 11.72
C SER A 77 -2.98 -16.90 12.60
N PHE A 78 -3.06 -17.39 13.83
CA PHE A 78 -3.96 -16.79 14.83
C PHE A 78 -3.26 -16.79 16.19
N ASP A 79 -3.70 -15.89 17.05
CA ASP A 79 -3.21 -15.82 18.42
C ASP A 79 -4.36 -15.52 19.38
N GLY A 80 -4.66 -16.46 20.27
CA GLY A 80 -5.75 -16.30 21.21
C GLY A 80 -7.13 -16.22 20.59
N THR A 81 -8.06 -15.71 21.37
CA THR A 81 -9.44 -15.49 20.93
C THR A 81 -9.69 -14.01 20.77
N TYR A 82 -10.52 -13.66 19.79
CA TYR A 82 -11.02 -12.29 19.65
C TYR A 82 -12.23 -11.90 20.52
N PHE A 83 -12.83 -12.84 21.27
CA PHE A 83 -14.17 -12.61 21.91
C PHE A 83 -14.16 -13.24 23.30
N PRO A 84 -13.51 -12.57 24.27
CA PRO A 84 -13.30 -13.23 25.57
C PRO A 84 -14.57 -13.79 26.24
N SER A 85 -15.67 -13.04 26.29
CA SER A 85 -16.86 -13.55 27.00
C SER A 85 -17.49 -14.76 26.32
N ALA A 86 -17.22 -14.94 25.03
CA ALA A 86 -17.77 -16.04 24.24
C ALA A 86 -16.83 -17.24 24.16
N ALA A 87 -15.64 -17.12 24.75
CA ALA A 87 -14.57 -18.11 24.53
C ALA A 87 -14.91 -19.56 24.93
N LYS A 88 -15.84 -19.76 25.88
CA LYS A 88 -16.21 -21.12 26.28
C LYS A 88 -17.59 -21.57 25.76
N GLU A 89 -18.19 -20.79 24.86
CA GLU A 89 -19.53 -21.12 24.37
C GLU A 89 -19.41 -21.88 23.05
N LYS A 90 -20.50 -22.50 22.63
CA LYS A 90 -20.59 -23.05 21.29
C LYS A 90 -20.74 -21.88 20.31
N TYR A 91 -19.86 -21.84 19.31
CA TYR A 91 -19.62 -20.66 18.45
C TYR A 91 -19.65 -21.07 16.98
N TRP A 92 -20.68 -20.63 16.27
CA TRP A 92 -20.89 -20.94 14.86
C TRP A 92 -20.98 -19.70 13.94
N ALA A 93 -20.44 -19.83 12.72
CA ALA A 93 -20.84 -19.03 11.58
C ALA A 93 -20.83 -17.53 11.82
N PRO A 94 -19.69 -17.00 12.30
CA PRO A 94 -19.56 -15.58 12.38
C PRO A 94 -19.73 -14.96 10.98
N SER A 95 -20.37 -13.80 10.95
CA SER A 95 -20.40 -12.96 9.76
C SER A 95 -19.00 -12.43 9.47
N LYS A 96 -18.87 -11.66 8.40
CA LYS A 96 -17.73 -10.75 8.25
C LYS A 96 -17.79 -9.68 9.34
N ALA A 97 -16.63 -9.11 9.64
CA ALA A 97 -16.54 -7.93 10.49
C ALA A 97 -16.93 -6.72 9.64
N ILE A 98 -17.80 -5.88 10.17
CA ILE A 98 -18.42 -4.76 9.41
C ILE A 98 -18.01 -3.46 10.11
N PHE A 99 -17.37 -2.57 9.36
CA PHE A 99 -16.90 -1.32 9.91
C PHE A 99 -18.07 -0.35 9.84
N ALA A 100 -18.42 0.22 10.98
CA ALA A 100 -19.54 1.18 11.13
C ALA A 100 -19.44 1.88 12.48
N ASN A 101 -19.85 3.15 12.52
CA ASN A 101 -19.83 3.96 13.76
C ASN A 101 -18.47 3.94 14.44
N GLY A 102 -17.40 3.97 13.64
CA GLY A 102 -16.05 3.94 14.17
C GLY A 102 -15.61 2.62 14.76
N LYS A 103 -16.41 1.56 14.62
CA LYS A 103 -16.14 0.28 15.30
C LYS A 103 -16.26 -0.86 14.30
N TYR A 104 -15.96 -2.07 14.76
CA TYR A 104 -16.21 -3.28 13.98
C TYR A 104 -17.32 -4.09 14.65
N TYR A 105 -18.32 -4.49 13.87
CA TYR A 105 -19.41 -5.37 14.34
C TYR A 105 -19.31 -6.75 13.69
N ILE A 106 -19.61 -7.77 14.46
CA ILE A 106 -19.70 -9.14 13.97
C ILE A 106 -20.93 -9.84 14.59
N TYR A 107 -21.52 -10.80 13.87
CA TYR A 107 -22.83 -11.39 14.22
C TYR A 107 -22.74 -12.91 14.21
N PRO A 108 -22.09 -13.48 15.23
CA PRO A 108 -22.09 -14.95 15.35
C PRO A 108 -23.37 -15.57 15.92
N THR A 109 -23.43 -16.89 15.81
CA THR A 109 -24.48 -17.71 16.32
C THR A 109 -23.88 -18.46 17.52
N ILE A 110 -24.33 -18.08 18.70
CA ILE A 110 -23.71 -18.49 19.95
C ILE A 110 -24.79 -19.25 20.74
N ASN A 111 -24.42 -20.47 21.12
CA ASN A 111 -25.35 -21.48 21.65
C ASN A 111 -26.65 -21.53 20.89
N GLY A 112 -26.58 -21.49 19.55
CA GLY A 112 -27.76 -21.62 18.68
C GLY A 112 -28.52 -20.35 18.29
N TYR A 113 -28.11 -19.21 18.81
CA TYR A 113 -28.80 -17.95 18.55
C TYR A 113 -27.84 -16.85 18.12
N MET A 114 -28.33 -15.95 17.27
CA MET A 114 -27.55 -14.83 16.76
C MET A 114 -27.42 -13.67 17.77
N TYR A 115 -26.21 -13.11 17.89
CA TYR A 115 -25.91 -11.97 18.74
C TYR A 115 -25.09 -10.92 17.99
N PRO A 116 -25.33 -9.61 18.24
CA PRO A 116 -24.40 -8.58 17.74
C PRO A 116 -23.27 -8.37 18.74
N ALA A 117 -22.05 -8.24 18.22
CA ALA A 117 -20.89 -8.02 19.03
C ALA A 117 -20.08 -6.89 18.42
N VAL A 118 -19.36 -6.15 19.27
CA VAL A 118 -18.66 -4.94 18.82
C VAL A 118 -17.27 -4.84 19.43
N ALA A 119 -16.33 -4.27 18.68
CA ALA A 119 -14.94 -4.03 19.10
C ALA A 119 -14.30 -2.83 18.36
N ASP A 120 -13.18 -2.32 18.89
CA ASP A 120 -12.42 -1.21 18.25
C ASP A 120 -11.61 -1.67 17.05
N LYS A 121 -11.23 -2.93 17.03
CA LYS A 121 -10.47 -3.46 15.89
C LYS A 121 -10.88 -4.89 15.57
N PRO A 122 -10.55 -5.35 14.35
CA PRO A 122 -11.02 -6.66 13.94
C PRO A 122 -10.44 -7.80 14.75
N GLU A 123 -9.34 -7.56 15.46
CA GLU A 123 -8.73 -8.56 16.32
C GLU A 123 -9.43 -8.66 17.67
N GLY A 124 -10.35 -7.75 17.98
CA GLY A 124 -10.99 -7.72 19.29
C GLY A 124 -10.21 -6.88 20.30
N PRO A 125 -10.60 -6.90 21.58
CA PRO A 125 -11.67 -7.76 22.11
C PRO A 125 -13.10 -7.33 21.74
N PHE A 126 -13.87 -8.27 21.21
CA PHE A 126 -15.30 -8.10 21.04
C PHE A 126 -16.06 -8.29 22.37
N LYS A 127 -17.14 -7.52 22.50
CA LYS A 127 -18.11 -7.62 23.59
C LYS A 127 -19.50 -7.61 22.99
N LEU A 128 -20.47 -8.25 23.65
CA LEU A 128 -21.89 -8.09 23.23
C LEU A 128 -22.24 -6.60 23.11
N ALA A 129 -22.91 -6.28 22.01
CA ALA A 129 -23.26 -4.93 21.68
C ALA A 129 -24.64 -4.54 22.23
N ARG A 130 -25.43 -5.53 22.68
CA ARG A 130 -26.73 -5.28 23.35
C ARG A 130 -26.68 -6.00 24.68
N GLY A 131 -27.12 -5.34 25.76
CA GLY A 131 -27.15 -5.95 27.12
C GLY A 131 -25.81 -6.18 27.76
N LYS A 132 -25.76 -7.09 28.74
CA LYS A 132 -24.54 -7.40 29.47
C LYS A 132 -23.66 -8.38 28.70
N ASP A 133 -22.33 -8.27 28.88
CA ASP A 133 -21.38 -9.13 28.18
C ASP A 133 -21.22 -10.51 28.91
N GLU A 134 -22.29 -11.31 28.88
CA GLU A 134 -22.31 -12.65 29.48
C GLU A 134 -23.27 -13.55 28.71
N PHE A 135 -23.04 -14.86 28.80
CA PHE A 135 -23.91 -15.86 28.20
C PHE A 135 -24.48 -16.84 29.20
N TYR A 136 -25.73 -17.20 29.01
CA TYR A 136 -26.33 -18.38 29.63
C TYR A 136 -27.32 -18.99 28.64
N LYS A 137 -27.76 -20.21 28.95
CA LYS A 137 -28.61 -20.99 28.06
C LYS A 137 -30.09 -20.84 28.40
N PRO A 138 -31.01 -20.97 27.44
CA PRO A 138 -30.70 -21.18 26.02
C PRO A 138 -30.20 -19.93 25.25
N PHE A 139 -30.59 -18.73 25.70
CA PHE A 139 -30.20 -17.45 25.06
C PHE A 139 -30.49 -16.32 26.05
N THR A 140 -29.98 -15.12 25.78
CA THR A 140 -30.15 -13.99 26.70
C THR A 140 -30.92 -12.89 25.99
N PRO A 141 -31.32 -11.83 26.73
CA PRO A 141 -31.94 -10.71 26.03
C PRO A 141 -31.03 -9.96 25.05
N SER A 142 -29.70 -10.27 25.05
CA SER A 142 -28.72 -9.73 24.07
C SER A 142 -28.85 -10.21 22.61
N THR A 143 -29.77 -11.12 22.34
CA THR A 143 -29.94 -11.61 20.97
C THR A 143 -30.17 -10.52 19.94
N LEU A 144 -29.73 -10.80 18.72
CA LEU A 144 -29.84 -9.91 17.58
C LEU A 144 -31.31 -9.68 17.30
N LEU A 145 -32.07 -10.75 17.20
CA LEU A 145 -33.51 -10.62 16.97
C LEU A 145 -34.15 -10.34 18.31
N GLN A 146 -35.09 -9.39 18.34
CA GLN A 146 -35.79 -9.01 19.57
C GLN A 146 -37.28 -9.38 19.54
N SER A 147 -37.70 -10.15 18.54
CA SER A 147 -39.05 -10.67 18.50
C SER A 147 -39.25 -11.77 19.58
N LYS A 148 -40.51 -12.08 19.87
CA LYS A 148 -40.87 -13.08 20.86
C LYS A 148 -40.17 -14.42 20.60
N ASN A 149 -40.17 -14.86 19.34
CA ASN A 149 -39.36 -15.99 18.87
C ASN A 149 -38.10 -15.34 18.24
N PRO A 150 -36.93 -15.45 18.92
CA PRO A 150 -35.67 -14.89 18.41
C PRO A 150 -34.76 -15.90 17.66
N GLY A 151 -35.32 -17.04 17.28
CA GLY A 151 -34.59 -18.09 16.57
C GLY A 151 -34.10 -17.66 15.20
N GLY A 152 -33.02 -18.34 14.76
CA GLY A 152 -32.40 -18.14 13.45
C GLY A 152 -30.88 -18.19 13.59
N ILE A 153 -30.20 -18.60 12.54
CA ILE A 153 -28.74 -18.76 12.53
C ILE A 153 -28.07 -18.13 11.29
N ASP A 154 -26.74 -18.01 11.32
CA ASP A 154 -25.94 -17.75 10.11
C ASP A 154 -26.18 -16.36 9.52
N ALA A 155 -25.95 -15.33 10.32
CA ALA A 155 -26.10 -13.94 9.88
C ALA A 155 -25.08 -13.60 8.82
N GLU A 156 -25.52 -12.78 7.85
CA GLU A 156 -24.69 -12.22 6.78
C GLU A 156 -25.11 -10.73 6.61
N ILE A 157 -24.16 -9.81 6.66
CA ILE A 157 -24.49 -8.38 6.61
C ILE A 157 -24.18 -7.81 5.24
N PHE A 158 -25.00 -6.89 4.74
CA PHE A 158 -24.69 -6.15 3.52
C PHE A 158 -24.98 -4.67 3.78
N VAL A 159 -24.07 -3.80 3.35
CA VAL A 159 -24.29 -2.35 3.39
C VAL A 159 -24.31 -1.83 1.96
N ASP A 160 -25.46 -1.32 1.51
CA ASP A 160 -25.64 -0.91 0.11
C ASP A 160 -24.98 0.47 -0.15
N ASP A 161 -24.83 0.81 -1.41
CA ASP A 161 -24.31 2.12 -1.84
C ASP A 161 -25.02 3.35 -1.22
N ASP A 162 -26.34 3.30 -1.05
CA ASP A 162 -27.05 4.37 -0.29
C ASP A 162 -26.82 4.37 1.25
N GLY A 163 -25.97 3.48 1.77
CA GLY A 163 -25.68 3.40 3.21
C GLY A 163 -26.61 2.53 4.05
N GLN A 164 -27.65 1.97 3.46
CA GLN A 164 -28.60 1.12 4.17
C GLN A 164 -27.98 -0.26 4.44
N ALA A 165 -27.98 -0.66 5.72
CA ALA A 165 -27.54 -1.98 6.11
C ALA A 165 -28.72 -2.95 6.07
N TYR A 166 -28.40 -4.21 5.75
CA TYR A 166 -29.33 -5.33 5.76
C TYR A 166 -28.66 -6.49 6.47
N VAL A 167 -29.46 -7.28 7.17
CA VAL A 167 -29.05 -8.57 7.73
C VAL A 167 -29.80 -9.70 7.02
N PHE A 168 -29.06 -10.66 6.47
CA PHE A 168 -29.64 -11.89 5.93
C PHE A 168 -29.31 -13.00 6.94
N TRP A 169 -30.24 -13.93 7.13
CA TRP A 169 -29.97 -15.12 7.91
C TRP A 169 -30.62 -16.39 7.33
N GLY A 170 -30.49 -17.50 8.06
CA GLY A 170 -30.95 -18.79 7.63
C GLY A 170 -32.43 -18.83 7.29
N ARG A 171 -32.77 -19.82 6.45
CA ARG A 171 -34.14 -20.06 5.97
C ARG A 171 -34.66 -18.88 5.16
N ARG A 172 -33.73 -18.23 4.47
CA ARG A 172 -34.03 -17.22 3.46
C ARG A 172 -34.59 -15.91 4.00
N HIS A 173 -34.36 -15.63 5.29
CA HIS A 173 -34.77 -14.36 5.87
C HIS A 173 -33.86 -13.14 5.53
N VAL A 174 -34.47 -11.97 5.46
CA VAL A 174 -33.77 -10.71 5.31
C VAL A 174 -34.60 -9.59 5.95
N ALA A 175 -33.92 -8.62 6.53
CA ALA A 175 -34.53 -7.40 7.05
C ALA A 175 -33.50 -6.30 7.03
N LYS A 176 -33.96 -5.04 7.04
CA LYS A 176 -33.08 -3.91 7.24
C LYS A 176 -32.52 -3.91 8.65
N LEU A 177 -31.31 -3.38 8.78
CA LEU A 177 -30.64 -3.28 10.03
C LEU A 177 -30.43 -1.77 10.24
N ASN A 178 -30.74 -1.28 11.43
N ASN A 178 -30.82 -1.24 11.39
CA ASN A 178 -30.60 0.13 11.82
CA ASN A 178 -30.69 0.20 11.63
C ASN A 178 -29.13 0.59 11.79
C ASN A 178 -29.22 0.61 11.88
N GLU A 179 -28.92 1.90 11.66
CA GLU A 179 -27.56 2.46 11.75
C GLU A 179 -26.81 2.21 13.09
N ASP A 180 -27.54 1.92 14.18
CA ASP A 180 -26.88 1.46 15.41
C ASP A 180 -26.25 0.04 15.32
N MET A 181 -26.62 -0.71 14.29
CA MET A 181 -26.04 -2.02 13.95
C MET A 181 -26.49 -3.14 14.88
N ILE A 182 -27.51 -2.88 15.68
CA ILE A 182 -28.04 -3.86 16.62
C ILE A 182 -29.58 -4.03 16.60
N THR A 183 -30.31 -3.11 15.97
CA THR A 183 -31.77 -3.10 16.00
C THR A 183 -32.17 -3.55 14.61
N VAL A 184 -32.74 -4.74 14.53
CA VAL A 184 -33.29 -5.22 13.30
C VAL A 184 -34.68 -4.58 13.12
N ASP A 185 -34.98 -4.17 11.90
CA ASP A 185 -36.25 -3.60 11.52
C ASP A 185 -37.36 -4.65 11.75
N SER A 186 -38.54 -4.18 12.14
CA SER A 186 -39.69 -5.05 12.39
C SER A 186 -40.26 -5.73 11.13
N VAL A 187 -39.98 -5.21 9.93
CA VAL A 187 -40.43 -5.81 8.67
C VAL A 187 -39.38 -6.83 8.17
N VAL A 188 -39.73 -8.11 8.31
CA VAL A 188 -38.89 -9.23 7.89
C VAL A 188 -39.51 -9.85 6.67
N GLN A 189 -38.72 -10.05 5.63
CA GLN A 189 -39.18 -10.81 4.47
C GLN A 189 -38.44 -12.12 4.29
N VAL A 190 -39.06 -12.99 3.52
CA VAL A 190 -38.50 -14.26 3.17
C VAL A 190 -38.36 -14.24 1.67
N ILE A 191 -37.17 -14.57 1.18
CA ILE A 191 -36.83 -14.46 -0.23
C ILE A 191 -37.33 -15.70 -0.95
N SER A 192 -37.92 -15.47 -2.11
CA SER A 192 -38.42 -16.53 -2.96
C SER A 192 -37.30 -17.11 -3.84
N THR A 193 -37.15 -18.43 -3.81
CA THR A 193 -36.17 -19.16 -4.59
C THR A 193 -36.87 -20.33 -5.28
N PRO A 194 -36.36 -20.78 -6.44
CA PRO A 194 -37.03 -21.93 -7.07
C PRO A 194 -36.69 -23.27 -6.39
N ARG A 195 -35.57 -23.36 -5.68
CA ARG A 195 -35.27 -24.55 -4.91
C ARG A 195 -35.71 -24.32 -3.47
N LYS A 196 -36.35 -25.36 -2.92
CA LYS A 196 -37.28 -25.21 -1.81
C LYS A 196 -36.85 -25.79 -0.46
N GLU A 197 -35.80 -26.60 -0.40
CA GLU A 197 -35.45 -27.31 0.83
C GLU A 197 -35.06 -26.34 1.97
N TYR A 198 -34.89 -26.88 3.17
CA TYR A 198 -34.19 -26.17 4.25
C TYR A 198 -32.88 -25.44 3.71
N SER A 199 -32.74 -24.16 3.99
CA SER A 199 -31.58 -23.40 3.56
C SER A 199 -30.90 -22.69 4.73
N GLU A 200 -29.57 -22.63 4.70
CA GLU A 200 -28.79 -21.86 5.64
C GLU A 200 -27.61 -21.18 4.90
N GLY A 201 -26.66 -20.63 5.66
CA GLY A 201 -25.46 -20.04 5.09
C GLY A 201 -25.62 -19.05 3.96
N PRO A 202 -26.55 -18.05 4.11
CA PRO A 202 -26.68 -17.08 3.02
C PRO A 202 -25.41 -16.29 2.75
N ILE A 203 -25.17 -16.00 1.48
CA ILE A 203 -24.11 -15.16 0.99
C ILE A 203 -24.80 -14.12 0.13
N PHE A 204 -24.45 -12.86 0.33
CA PHE A 204 -25.01 -11.76 -0.45
C PHE A 204 -23.94 -10.79 -0.90
N PHE A 205 -23.97 -10.37 -2.15
CA PHE A 205 -23.08 -9.30 -2.63
C PHE A 205 -23.63 -8.58 -3.87
N LYS A 206 -23.09 -7.39 -4.12
CA LYS A 206 -23.52 -6.53 -5.24
C LYS A 206 -22.33 -6.35 -6.17
N ARG A 207 -22.52 -6.58 -7.47
CA ARG A 207 -21.48 -6.36 -8.47
C ARG A 207 -22.09 -5.73 -9.72
N LYS A 208 -21.57 -4.57 -10.12
CA LYS A 208 -22.03 -3.85 -11.32
C LYS A 208 -23.56 -3.70 -11.38
N GLY A 209 -24.12 -3.18 -10.31
CA GLY A 209 -25.56 -2.98 -10.21
C GLY A 209 -26.44 -4.22 -10.15
N ILE A 210 -25.85 -5.40 -9.98
CA ILE A 210 -26.64 -6.61 -9.81
C ILE A 210 -26.41 -7.13 -8.38
N TYR A 211 -27.51 -7.41 -7.68
CA TYR A 211 -27.48 -8.06 -6.37
C TYR A 211 -27.55 -9.58 -6.54
N TYR A 212 -26.68 -10.31 -5.84
CA TYR A 212 -26.62 -11.78 -5.89
C TYR A 212 -26.94 -12.38 -4.50
N TYR A 213 -27.92 -13.28 -4.45
CA TYR A 213 -28.30 -13.97 -3.20
C TYR A 213 -28.00 -15.42 -3.37
N LEU A 214 -27.00 -15.90 -2.61
CA LEU A 214 -26.58 -17.32 -2.66
C LEU A 214 -27.10 -18.02 -1.40
N TYR A 215 -27.62 -19.24 -1.55
CA TYR A 215 -28.22 -19.96 -0.43
C TYR A 215 -27.93 -21.44 -0.54
N THR A 216 -27.67 -22.09 0.60
CA THR A 216 -27.42 -23.52 0.60
C THR A 216 -28.72 -24.29 0.47
N ILE A 217 -28.59 -25.47 -0.12
N ILE A 217 -28.66 -25.45 -0.18
CA ILE A 217 -29.61 -26.53 -0.17
CA ILE A 217 -29.66 -26.51 -0.01
C ILE A 217 -28.93 -27.84 0.25
C ILE A 217 -28.93 -27.82 0.32
N GLY A 218 -29.67 -28.76 0.88
CA GLY A 218 -29.12 -30.05 1.32
C GLY A 218 -28.25 -29.95 2.56
N GLY A 219 -27.52 -31.02 2.85
CA GLY A 219 -26.53 -31.05 3.95
C GLY A 219 -25.57 -32.21 3.73
N ASP A 220 -24.50 -32.25 4.53
CA ASP A 220 -23.43 -33.24 4.41
C ASP A 220 -22.95 -33.32 2.95
N GLU A 221 -22.83 -34.51 2.36
CA GLU A 221 -22.31 -34.63 0.99
C GLU A 221 -23.19 -33.97 -0.09
N LYS A 222 -24.49 -33.86 0.21
CA LYS A 222 -25.49 -33.24 -0.70
C LYS A 222 -25.58 -31.70 -0.59
N TYR A 223 -24.81 -31.10 0.30
CA TYR A 223 -24.69 -29.65 0.39
C TYR A 223 -24.42 -29.06 -1.02
N GLN A 224 -25.23 -28.05 -1.38
CA GLN A 224 -25.07 -27.30 -2.62
C GLN A 224 -25.34 -25.82 -2.34
N TYR A 225 -24.75 -24.92 -3.12
CA TYR A 225 -25.19 -23.51 -3.22
C TYR A 225 -25.93 -23.25 -4.50
N ALA A 226 -27.07 -22.57 -4.39
CA ALA A 226 -27.82 -22.09 -5.51
C ALA A 226 -27.93 -20.57 -5.34
N TYR A 227 -28.39 -19.89 -6.38
CA TYR A 227 -28.56 -18.45 -6.24
C TYR A 227 -29.71 -17.89 -7.04
N VAL A 228 -30.02 -16.65 -6.72
CA VAL A 228 -30.93 -15.83 -7.50
C VAL A 228 -30.33 -14.44 -7.57
N MET A 229 -30.89 -13.59 -8.44
CA MET A 229 -30.35 -12.25 -8.77
C MET A 229 -31.46 -11.21 -8.81
N SER A 230 -31.12 -9.98 -8.44
CA SER A 230 -32.00 -8.83 -8.55
C SER A 230 -31.26 -7.60 -9.08
N ARG A 231 -31.92 -6.84 -9.92
CA ARG A 231 -31.51 -5.49 -10.24
C ARG A 231 -32.30 -4.43 -9.48
N VAL A 232 -33.17 -4.84 -8.55
CA VAL A 232 -34.05 -3.88 -7.86
C VAL A 232 -33.51 -3.47 -6.48
N SER A 233 -33.33 -4.43 -5.59
CA SER A 233 -32.92 -4.15 -4.22
C SER A 233 -32.41 -5.41 -3.52
N PRO A 234 -31.75 -5.25 -2.38
CA PRO A 234 -31.33 -6.45 -1.64
C PRO A 234 -32.49 -7.28 -1.06
N MET A 235 -33.69 -6.71 -1.00
CA MET A 235 -34.88 -7.45 -0.59
C MET A 235 -35.76 -7.86 -1.78
N GLY A 236 -35.22 -7.77 -3.00
CA GLY A 236 -35.90 -8.28 -4.19
C GLY A 236 -36.73 -7.22 -4.91
N PRO A 237 -37.58 -7.62 -5.87
CA PRO A 237 -37.77 -9.01 -6.30
C PRO A 237 -36.55 -9.64 -7.00
N PHE A 238 -36.41 -10.95 -6.87
CA PHE A 238 -35.29 -11.72 -7.41
C PHE A 238 -35.73 -12.60 -8.58
N GLU A 239 -34.76 -12.95 -9.40
CA GLU A 239 -34.96 -13.81 -10.56
C GLU A 239 -33.93 -14.96 -10.50
N ALA A 240 -34.32 -16.14 -11.00
CA ALA A 240 -33.44 -17.31 -11.03
C ALA A 240 -33.03 -17.61 -12.46
N PRO A 241 -31.74 -17.77 -12.72
CA PRO A 241 -31.29 -18.26 -14.03
C PRO A 241 -31.47 -19.75 -14.19
N GLU A 242 -31.36 -20.24 -15.43
CA GLU A 242 -31.40 -21.67 -15.72
C GLU A 242 -30.30 -22.40 -14.97
N GLN A 243 -29.09 -21.84 -15.01
CA GLN A 243 -27.92 -22.48 -14.41
C GLN A 243 -27.75 -21.89 -12.99
N ASP A 244 -28.64 -22.28 -12.08
CA ASP A 244 -28.73 -21.64 -10.77
C ASP A 244 -27.91 -22.35 -9.65
N ILE A 245 -27.36 -23.53 -9.94
CA ILE A 245 -26.48 -24.25 -9.01
C ILE A 245 -24.99 -23.91 -9.23
N ILE A 246 -24.40 -23.28 -8.23
CA ILE A 246 -23.05 -22.69 -8.27
C ILE A 246 -22.01 -23.68 -7.74
N SER A 247 -22.39 -24.50 -6.76
CA SER A 247 -21.51 -25.54 -6.26
C SER A 247 -22.26 -26.81 -5.95
N THR A 248 -21.64 -27.92 -6.33
CA THR A 248 -22.17 -29.24 -6.09
C THR A 248 -21.01 -30.24 -6.09
N THR A 249 -21.27 -31.40 -5.54
CA THR A 249 -20.30 -32.50 -5.55
C THR A 249 -19.71 -32.73 -6.93
N ASN A 250 -18.39 -32.85 -6.96
CA ASN A 250 -17.68 -33.16 -8.16
C ASN A 250 -17.03 -34.52 -7.93
N TYR A 251 -17.67 -35.57 -8.44
CA TYR A 251 -17.18 -36.93 -8.22
C TYR A 251 -15.79 -37.19 -8.77
N GLU A 252 -15.49 -36.69 -9.97
CA GLU A 252 -14.22 -36.98 -10.61
C GLU A 252 -13.03 -36.42 -9.80
N ARG A 253 -13.22 -35.26 -9.17
CA ARG A 253 -12.18 -34.68 -8.34
C ARG A 253 -12.26 -35.12 -6.89
N GLY A 254 -13.31 -35.82 -6.47
CA GLY A 254 -13.47 -36.22 -5.06
C GLY A 254 -13.69 -35.01 -4.11
N ILE A 255 -14.61 -34.12 -4.48
CA ILE A 255 -14.95 -32.93 -3.67
C ILE A 255 -16.44 -33.01 -3.38
N PHE A 256 -16.77 -33.22 -2.09
CA PHE A 256 -18.11 -33.56 -1.67
C PHE A 256 -18.76 -32.47 -0.80
N GLY A 257 -20.02 -32.17 -1.08
CA GLY A 257 -20.79 -31.22 -0.27
C GLY A 257 -20.14 -29.85 -0.06
N PRO A 258 -19.89 -29.12 -1.17
CA PRO A 258 -19.32 -27.78 -1.09
C PRO A 258 -20.34 -26.74 -0.59
N GLY A 259 -20.42 -26.65 0.73
CA GLY A 259 -21.40 -25.83 1.43
C GLY A 259 -20.92 -24.55 2.12
N HIS A 260 -21.68 -24.14 3.12
CA HIS A 260 -21.57 -22.86 3.80
C HIS A 260 -20.15 -22.29 3.78
N GLY A 261 -20.02 -21.18 3.07
CA GLY A 261 -18.80 -20.41 3.04
C GLY A 261 -19.09 -18.94 2.76
N CYS A 262 -18.34 -18.35 1.85
CA CYS A 262 -18.53 -16.94 1.52
C CYS A 262 -18.05 -16.64 0.13
N VAL A 263 -18.33 -15.41 -0.31
CA VAL A 263 -17.75 -14.84 -1.49
C VAL A 263 -16.96 -13.62 -1.05
N PHE A 264 -15.78 -13.44 -1.61
CA PHE A 264 -15.04 -12.20 -1.35
C PHE A 264 -14.24 -11.77 -2.57
N HIS A 265 -13.88 -10.49 -2.59
CA HIS A 265 -12.88 -10.00 -3.54
C HIS A 265 -11.92 -9.07 -2.79
N PRO A 266 -10.61 -9.20 -3.05
CA PRO A 266 -9.70 -8.19 -2.49
C PRO A 266 -10.16 -6.76 -2.82
N GLU A 267 -9.86 -5.82 -1.91
CA GLU A 267 -10.27 -4.40 -2.03
C GLU A 267 -9.78 -3.80 -3.35
N GLY A 268 -10.71 -3.19 -4.09
CA GLY A 268 -10.41 -2.45 -5.30
C GLY A 268 -10.42 -3.28 -6.57
N THR A 269 -10.49 -4.61 -6.45
CA THR A 269 -10.39 -5.48 -7.60
C THR A 269 -11.76 -5.91 -8.10
N ASP A 270 -11.78 -6.56 -9.26
CA ASP A 270 -12.93 -7.34 -9.73
C ASP A 270 -12.63 -8.84 -9.72
N ASN A 271 -11.80 -9.29 -8.79
CA ASN A 271 -11.41 -10.69 -8.73
C ASN A 271 -12.18 -11.38 -7.59
N TYR A 272 -13.23 -12.10 -7.94
CA TYR A 272 -14.08 -12.76 -6.93
C TYR A 272 -13.66 -14.19 -6.67
N TYR A 273 -13.79 -14.58 -5.39
CA TYR A 273 -13.41 -15.90 -4.89
C TYR A 273 -14.56 -16.49 -4.08
N PHE A 274 -14.69 -17.80 -4.17
CA PHE A 274 -15.70 -18.56 -3.51
C PHE A 274 -14.99 -19.47 -2.54
N ALA A 275 -15.28 -19.31 -1.27
CA ALA A 275 -14.76 -20.22 -0.23
C ALA A 275 -15.89 -21.13 0.24
N TYR A 276 -15.57 -22.40 0.42
CA TYR A 276 -16.59 -23.38 0.76
C TYR A 276 -16.03 -24.38 1.78
N LEU A 277 -16.89 -24.85 2.68
CA LEU A 277 -16.57 -26.05 3.45
C LEU A 277 -16.74 -27.31 2.57
N GLU A 278 -16.07 -28.36 2.98
CA GLU A 278 -16.16 -29.67 2.31
C GLU A 278 -16.45 -30.72 3.38
N PHE A 279 -17.16 -31.77 2.96
CA PHE A 279 -17.55 -32.90 3.81
C PHE A 279 -16.46 -33.41 4.75
N GLY A 280 -15.24 -33.46 4.27
CA GLY A 280 -14.12 -33.85 5.09
C GLY A 280 -14.15 -35.24 5.72
N ARG A 281 -14.01 -35.27 7.04
CA ARG A 281 -14.02 -36.49 7.84
C ARG A 281 -15.37 -36.78 8.49
N ARG A 282 -16.43 -36.26 7.87
CA ARG A 282 -17.83 -36.35 8.31
C ARG A 282 -18.10 -35.46 9.51
N SER A 283 -19.39 -35.22 9.74
CA SER A 283 -19.88 -34.43 10.88
C SER A 283 -19.11 -33.06 10.97
N THR A 284 -18.69 -32.62 12.15
CA THR A 284 -17.93 -31.38 12.32
C THR A 284 -16.42 -31.56 12.20
N ASN A 285 -15.99 -32.20 11.11
CA ASN A 285 -14.57 -32.41 10.85
C ASN A 285 -14.31 -31.94 9.43
N ARG A 286 -14.75 -30.71 9.17
CA ARG A 286 -14.73 -30.15 7.82
C ARG A 286 -13.47 -29.28 7.65
N GLN A 287 -13.02 -29.12 6.41
CA GLN A 287 -12.04 -28.06 6.06
C GLN A 287 -12.62 -27.12 5.03
N THR A 288 -11.94 -26.00 4.80
CA THR A 288 -12.42 -24.96 3.88
C THR A 288 -11.43 -24.78 2.72
N TYR A 289 -11.95 -24.61 1.52
CA TYR A 289 -11.18 -24.47 0.27
C TYR A 289 -11.67 -23.21 -0.46
N VAL A 290 -10.82 -22.67 -1.31
CA VAL A 290 -11.13 -21.47 -2.10
C VAL A 290 -10.87 -21.71 -3.59
N ASN A 291 -11.83 -21.28 -4.41
CA ASN A 291 -11.67 -21.20 -5.85
C ASN A 291 -12.16 -19.86 -6.40
N GLN A 292 -11.70 -19.53 -7.62
CA GLN A 292 -12.15 -18.36 -8.37
C GLN A 292 -13.63 -18.49 -8.69
N LEU A 293 -14.32 -17.37 -8.64
CA LEU A 293 -15.72 -17.26 -9.06
C LEU A 293 -15.75 -16.27 -10.24
N LYS A 294 -16.26 -16.76 -11.38
CA LYS A 294 -16.30 -15.99 -12.63
C LYS A 294 -17.75 -15.74 -13.07
N PHE A 295 -17.92 -14.69 -13.85
CA PHE A 295 -19.22 -14.21 -14.31
C PHE A 295 -19.23 -14.19 -15.84
N ASN A 296 -20.40 -14.47 -16.43
CA ASN A 296 -20.63 -14.27 -17.86
C ASN A 296 -20.90 -12.81 -18.20
N GLU A 297 -20.93 -12.51 -19.51
CA GLU A 297 -21.19 -11.14 -19.93
C GLU A 297 -22.60 -10.67 -19.53
N ASP A 298 -23.59 -11.55 -19.54
CA ASP A 298 -24.94 -11.19 -19.06
C ASP A 298 -25.07 -11.03 -17.54
N GLY A 299 -23.99 -11.21 -16.78
CA GLY A 299 -23.99 -10.97 -15.34
C GLY A 299 -24.26 -12.24 -14.53
N THR A 300 -24.60 -13.35 -15.19
CA THR A 300 -24.80 -14.63 -14.49
C THR A 300 -23.48 -15.25 -13.98
N ILE A 301 -23.58 -16.04 -12.93
CA ILE A 301 -22.43 -16.72 -12.36
C ILE A 301 -22.15 -18.01 -13.11
N ARG A 302 -20.88 -18.27 -13.40
CA ARG A 302 -20.41 -19.52 -13.99
C ARG A 302 -20.27 -20.52 -12.87
N PRO A 303 -20.95 -21.66 -12.95
CA PRO A 303 -20.79 -22.65 -11.88
C PRO A 303 -19.30 -22.83 -11.57
N VAL A 304 -18.95 -22.89 -10.28
CA VAL A 304 -17.53 -22.84 -9.89
C VAL A 304 -16.86 -24.16 -10.27
N GLU A 305 -15.65 -24.04 -10.81
CA GLU A 305 -14.78 -25.19 -11.08
C GLU A 305 -14.05 -25.48 -9.77
N LEU A 306 -14.52 -26.50 -9.06
CA LEU A 306 -14.00 -26.79 -7.74
C LEU A 306 -12.71 -27.61 -7.82
N THR A 307 -11.74 -27.25 -7.01
CA THR A 307 -10.49 -28.00 -6.83
C THR A 307 -10.06 -27.92 -5.37
N MET A 308 -9.12 -28.79 -5.00
CA MET A 308 -8.50 -28.73 -3.67
C MET A 308 -7.10 -28.12 -3.71
N ASP A 309 -6.80 -27.39 -4.79
CA ASP A 309 -5.50 -26.81 -4.97
C ASP A 309 -5.38 -25.40 -4.45
N GLY A 310 -6.48 -24.73 -4.10
CA GLY A 310 -6.40 -23.34 -3.67
C GLY A 310 -6.09 -22.39 -4.81
N VAL A 311 -5.94 -21.12 -4.48
CA VAL A 311 -5.79 -20.08 -5.48
C VAL A 311 -4.41 -19.42 -5.38
N GLY A 312 -3.53 -19.97 -4.55
CA GLY A 312 -2.21 -19.39 -4.36
C GLY A 312 -2.24 -18.05 -3.63
N ALA A 313 -1.19 -17.28 -3.86
CA ALA A 313 -0.99 -16.01 -3.22
C ALA A 313 -1.82 -14.94 -3.92
N LEU A 314 -2.55 -14.14 -3.17
CA LEU A 314 -3.34 -13.07 -3.71
C LEU A 314 -2.67 -11.71 -3.55
N LYS A 315 -1.56 -11.64 -2.80
CA LYS A 315 -0.66 -10.49 -2.80
C LYS A 315 0.77 -10.97 -3.01
N LYS A 316 1.53 -10.17 -3.76
CA LYS A 316 2.96 -10.43 -3.98
C LYS A 316 3.72 -9.84 -2.80
N VAL A 317 4.35 -10.70 -2.00
CA VAL A 317 5.13 -10.25 -0.84
C VAL A 317 6.44 -11.02 -0.78
N LYS A 318 7.39 -10.50 0.00
CA LYS A 318 8.65 -11.19 0.23
C LYS A 318 8.47 -12.21 1.35
N SER A 319 9.00 -13.39 1.20
CA SER A 319 9.01 -14.36 2.31
C SER A 319 10.26 -15.19 2.28
N ASP A 320 10.62 -15.74 3.43
CA ASP A 320 11.80 -16.56 3.56
C ASP A 320 11.48 -17.87 2.90
N LYS A 321 12.46 -18.47 2.26
CA LYS A 321 12.19 -19.72 1.57
C LYS A 321 12.52 -20.86 2.56
N LYS A 322 11.67 -21.87 2.60
CA LYS A 322 11.80 -22.93 3.59
C LYS A 322 12.85 -23.96 3.18
N MET A 323 13.44 -24.64 4.16
CA MET A 323 14.48 -25.65 3.88
C MET A 323 13.88 -26.96 3.42
N LYS A 324 14.55 -27.65 2.50
CA LYS A 324 14.14 -28.97 2.07
C LYS A 324 14.36 -29.94 3.24
N ILE A 325 13.41 -30.84 3.48
CA ILE A 325 13.60 -31.88 4.47
C ILE A 325 13.98 -33.16 3.74
N ASP A 326 15.07 -33.81 4.16
CA ASP A 326 15.48 -35.06 3.53
C ASP A 326 14.61 -36.26 3.95
N THR A 327 14.37 -36.41 5.26
CA THR A 327 13.46 -37.43 5.76
C THR A 327 12.80 -37.03 7.09
N VAL A 328 11.66 -37.63 7.37
CA VAL A 328 10.99 -37.46 8.66
C VAL A 328 10.62 -38.82 9.18
N TYR A 329 10.71 -39.01 10.49
CA TYR A 329 10.20 -40.22 11.13
C TYR A 329 9.65 -39.87 12.51
N ALA A 330 8.82 -40.75 13.07
CA ALA A 330 8.05 -40.41 14.26
C ALA A 330 8.00 -41.56 15.25
N SER A 331 7.65 -41.27 16.50
CA SER A 331 7.43 -42.33 17.50
C SER A 331 6.32 -43.32 17.14
N SER A 332 5.29 -42.88 16.44
CA SER A 332 4.20 -43.74 16.00
C SER A 332 3.37 -43.02 14.97
N ILE A 333 2.52 -43.79 14.30
CA ILE A 333 1.62 -43.33 13.26
C ILE A 333 0.24 -43.90 13.59
N GLU A 334 -0.76 -43.03 13.72
CA GLU A 334 -2.12 -43.51 13.87
C GLU A 334 -2.53 -44.37 12.68
N VAL A 335 -3.41 -45.34 12.97
CA VAL A 335 -3.92 -46.26 11.97
C VAL A 335 -4.86 -45.47 11.04
N PRO A 336 -4.95 -45.87 9.76
CA PRO A 336 -5.74 -45.06 8.85
C PRO A 336 -7.20 -44.92 9.26
N LEU A 337 -7.77 -43.74 9.01
CA LEU A 337 -9.15 -43.49 9.33
C LEU A 337 -9.98 -43.75 8.07
N LYS A 338 -10.93 -44.67 8.17
CA LYS A 338 -11.84 -45.01 7.08
C LYS A 338 -13.10 -44.22 7.34
N ILE A 339 -13.35 -43.18 6.56
CA ILE A 339 -14.40 -42.22 6.91
C ILE A 339 -15.75 -42.76 6.44
N GLU A 340 -16.69 -42.88 7.37
CA GLU A 340 -18.01 -43.34 7.02
C GLU A 340 -18.82 -42.19 6.40
N PRO A 341 -19.53 -42.48 5.29
CA PRO A 341 -20.39 -41.45 4.72
C PRO A 341 -21.61 -41.16 5.59
N MET A 342 -22.36 -40.12 5.24
CA MET A 342 -23.59 -39.77 5.93
C MET A 342 -24.74 -39.99 4.95
N LYS A 343 -24.76 -39.25 3.85
CA LYS A 343 -25.86 -39.29 2.88
C LYS A 343 -25.48 -39.79 1.47
N ASP A 344 -24.19 -39.93 1.15
CA ASP A 344 -23.74 -40.40 -0.18
C ASP A 344 -22.94 -41.68 0.03
N PRO A 345 -23.52 -42.86 -0.33
CA PRO A 345 -22.82 -44.15 -0.10
C PRO A 345 -21.54 -44.32 -0.90
N THR A 346 -21.35 -43.55 -1.96
CA THR A 346 -20.13 -43.60 -2.76
C THR A 346 -18.99 -42.72 -2.23
N CYS A 347 -19.26 -41.92 -1.19
CA CYS A 347 -18.21 -41.07 -0.61
C CYS A 347 -17.37 -41.88 0.36
N LEU A 348 -16.34 -42.52 -0.19
CA LEU A 348 -15.57 -43.52 0.53
C LEU A 348 -14.10 -43.16 0.52
N ARG A 349 -13.65 -42.52 1.60
CA ARG A 349 -12.29 -42.00 1.61
C ARG A 349 -11.59 -42.51 2.82
N THR A 350 -10.27 -42.60 2.70
CA THR A 350 -9.39 -43.00 3.77
C THR A 350 -8.36 -41.90 3.99
N GLU A 351 -8.10 -41.59 5.27
CA GLU A 351 -7.07 -40.61 5.62
C GLU A 351 -5.91 -41.34 6.26
N TYR A 352 -4.71 -41.11 5.74
CA TYR A 352 -3.51 -41.60 6.39
C TYR A 352 -2.90 -40.52 7.26
N PHE A 353 -1.95 -40.93 8.09
CA PHE A 353 -1.42 -40.11 9.16
C PHE A 353 0.12 -40.15 9.20
N VAL A 354 0.74 -40.43 8.05
CA VAL A 354 2.18 -40.62 7.97
C VAL A 354 3.00 -39.36 8.27
N PRO A 355 4.23 -39.51 8.81
CA PRO A 355 5.08 -38.36 9.15
C PRO A 355 5.37 -37.37 8.02
N SER A 356 5.50 -37.87 6.79
CA SER A 356 5.75 -36.98 5.66
C SER A 356 4.60 -35.98 5.42
N PHE A 357 3.40 -36.25 5.94
CA PHE A 357 2.30 -35.30 5.85
C PHE A 357 2.50 -34.08 6.74
N ALA A 358 3.38 -34.14 7.75
CA ALA A 358 3.78 -32.94 8.47
C ALA A 358 4.60 -31.95 7.66
N VAL A 359 5.18 -32.36 6.54
CA VAL A 359 6.16 -31.53 5.85
C VAL A 359 5.89 -31.43 4.35
N ASP A 360 4.69 -31.76 3.89
CA ASP A 360 4.43 -31.85 2.42
C ASP A 360 3.86 -30.57 1.77
N GLY A 361 3.75 -29.49 2.54
CA GLY A 361 3.12 -28.29 2.07
C GLY A 361 1.61 -28.31 1.79
N ALA A 362 0.87 -29.28 2.33
CA ALA A 362 -0.57 -29.39 2.07
C ALA A 362 -1.37 -29.29 3.39
N ASN A 363 -2.27 -28.30 3.53
CA ASN A 363 -3.03 -28.09 4.79
C ASN A 363 -4.14 -29.12 5.06
N GLY A 364 -4.41 -29.98 4.07
CA GLY A 364 -5.36 -31.09 4.23
C GLY A 364 -4.75 -32.41 4.72
N SER A 365 -3.41 -32.50 4.79
CA SER A 365 -2.74 -33.73 5.26
C SER A 365 -2.06 -33.48 6.58
N ARG A 366 -2.04 -34.46 7.46
CA ARG A 366 -1.44 -34.33 8.78
C ARG A 366 -0.78 -35.64 9.22
N TRP A 367 0.33 -35.50 9.92
CA TRP A 367 0.83 -36.56 10.78
C TRP A 367 0.00 -36.62 12.07
N MET A 368 -0.32 -37.83 12.53
CA MET A 368 -0.89 -38.03 13.89
C MET A 368 -0.21 -39.22 14.55
N ALA A 369 0.22 -39.07 15.81
CA ALA A 369 0.72 -40.21 16.61
C ALA A 369 -0.41 -41.15 16.91
N ALA A 370 -0.07 -42.37 17.26
CA ALA A 370 -1.08 -43.37 17.65
C ALA A 370 -1.70 -42.97 18.96
N ALA A 371 -3.00 -43.20 19.10
CA ALA A 371 -3.71 -42.86 20.36
C ALA A 371 -3.08 -43.48 21.64
N GLU A 372 -2.57 -44.70 21.55
CA GLU A 372 -1.90 -45.34 22.70
C GLU A 372 -0.54 -44.71 23.09
N ASP A 373 0.13 -44.05 22.14
CA ASP A 373 1.43 -43.38 22.34
C ASP A 373 1.20 -42.00 22.98
N SER A 374 0.74 -42.01 24.21
CA SER A 374 0.27 -40.82 24.89
C SER A 374 1.27 -40.21 25.87
N ILE A 375 2.46 -40.79 25.97
CA ILE A 375 3.51 -40.23 26.84
C ILE A 375 4.64 -39.68 25.96
N ASN A 376 4.65 -38.37 25.78
CA ASN A 376 5.65 -37.69 24.92
C ASN A 376 5.88 -38.29 23.53
N PRO A 377 4.81 -38.41 22.72
CA PRO A 377 5.06 -38.76 21.31
C PRO A 377 5.96 -37.70 20.65
N TRP A 378 6.64 -38.08 19.58
CA TRP A 378 7.65 -37.20 18.96
C TRP A 378 7.81 -37.41 17.47
N ILE A 379 8.46 -36.42 16.85
CA ILE A 379 8.72 -36.46 15.42
C ILE A 379 10.06 -35.76 15.13
N VAL A 380 10.81 -36.32 14.17
CA VAL A 380 12.14 -35.83 13.83
C VAL A 380 12.15 -35.44 12.36
N ALA A 381 12.64 -34.23 12.10
CA ALA A 381 13.02 -33.82 10.75
C ALA A 381 14.55 -33.94 10.62
N ASP A 382 14.99 -34.71 9.65
CA ASP A 382 16.40 -34.82 9.26
C ASP A 382 16.64 -33.94 7.99
N LEU A 383 17.43 -32.89 8.16
CA LEU A 383 17.77 -32.00 7.05
C LEU A 383 18.79 -32.57 6.05
N GLY A 384 19.34 -33.76 6.32
CA GLY A 384 20.25 -34.45 5.39
C GLY A 384 21.72 -34.16 5.66
N THR A 385 22.01 -32.89 5.93
CA THR A 385 23.33 -32.45 6.36
C THR A 385 23.19 -31.42 7.48
N VAL A 386 24.31 -31.01 8.06
CA VAL A 386 24.33 -29.91 9.02
C VAL A 386 24.10 -28.60 8.25
N LYS A 387 23.16 -27.79 8.74
CA LYS A 387 22.79 -26.51 8.12
C LYS A 387 22.50 -25.45 9.17
N LYS A 388 22.63 -24.20 8.76
CA LYS A 388 22.25 -23.08 9.62
C LYS A 388 20.71 -22.94 9.52
N VAL A 389 20.03 -23.04 10.66
CA VAL A 389 18.58 -22.92 10.70
C VAL A 389 18.21 -21.63 11.43
N ARG A 390 17.35 -20.84 10.81
CA ARG A 390 16.89 -19.60 11.41
C ARG A 390 15.78 -19.89 12.42
N ARG A 391 14.73 -20.59 11.97
CA ARG A 391 13.58 -20.85 12.83
C ARG A 391 12.69 -22.01 12.36
N SER A 392 11.84 -22.43 13.29
CA SER A 392 10.86 -23.46 13.11
C SER A 392 9.47 -22.85 13.32
N GLU A 393 8.51 -23.29 12.49
CA GLU A 393 7.08 -22.95 12.63
C GLU A 393 6.23 -24.21 12.52
N ILE A 394 5.49 -24.50 13.58
CA ILE A 394 4.73 -25.73 13.71
C ILE A 394 3.24 -25.38 13.78
N TYR A 395 2.48 -25.95 12.83
CA TYR A 395 1.02 -25.88 12.81
C TYR A 395 0.46 -27.22 13.32
N PHE A 396 0.15 -27.27 14.62
CA PHE A 396 -0.36 -28.48 15.23
C PHE A 396 -1.84 -28.70 14.89
N VAL A 397 -2.27 -29.94 15.09
CA VAL A 397 -3.66 -30.35 14.96
C VAL A 397 -4.48 -29.91 16.21
N ARG A 398 -5.74 -29.53 16.02
CA ARG A 398 -6.56 -28.87 17.05
C ARG A 398 -5.80 -27.73 17.79
N PRO A 399 -5.30 -26.76 17.02
CA PRO A 399 -4.45 -25.74 17.62
C PRO A 399 -5.15 -24.82 18.62
N THR A 400 -6.47 -24.69 18.54
CA THR A 400 -7.22 -23.80 19.43
C THR A 400 -7.35 -24.35 20.85
N ALA A 401 -7.08 -25.64 21.04
CA ALA A 401 -7.00 -26.22 22.38
C ALA A 401 -5.62 -26.07 22.99
N GLY A 402 -4.61 -25.64 22.22
CA GLY A 402 -3.27 -25.35 22.76
C GLY A 402 -2.34 -26.55 22.84
N HIS A 403 -1.04 -26.28 22.70
CA HIS A 403 -0.03 -27.32 22.84
C HIS A 403 1.14 -26.88 23.69
N ALA A 404 1.58 -27.82 24.52
CA ALA A 404 2.82 -27.77 25.26
C ALA A 404 3.73 -28.75 24.57
N TYR A 405 4.98 -28.35 24.35
CA TYR A 405 5.94 -29.18 23.61
C TYR A 405 7.39 -28.80 23.96
N VAL A 406 8.29 -29.67 23.57
CA VAL A 406 9.72 -29.41 23.70
C VAL A 406 10.33 -29.51 22.32
N ILE A 407 11.30 -28.64 22.04
CA ILE A 407 11.98 -28.71 20.75
C ILE A 407 13.48 -28.90 20.97
N GLU A 408 14.04 -29.90 20.30
CA GLU A 408 15.42 -30.31 20.50
C GLU A 408 16.15 -30.38 19.19
N ALA A 409 17.45 -30.09 19.22
CA ALA A 409 18.29 -30.21 18.04
C ALA A 409 19.43 -31.17 18.30
N SER A 410 19.94 -31.75 17.23
CA SER A 410 21.05 -32.70 17.29
C SER A 410 21.96 -32.59 16.09
N MET A 411 23.22 -32.92 16.31
CA MET A 411 24.22 -32.98 15.25
C MET A 411 24.20 -34.35 14.56
N ASP A 412 23.89 -35.41 15.31
CA ASP A 412 24.03 -36.81 14.84
C ASP A 412 22.78 -37.68 14.84
N GLY A 413 21.72 -37.27 15.55
CA GLY A 413 20.50 -38.07 15.68
C GLY A 413 20.37 -38.80 17.03
N LYS A 414 21.40 -38.70 17.87
CA LYS A 414 21.49 -39.47 19.12
C LYS A 414 21.67 -38.55 20.32
N VAL A 415 22.59 -37.59 20.22
CA VAL A 415 22.80 -36.54 21.22
C VAL A 415 21.92 -35.31 20.91
N TRP A 416 21.04 -34.95 21.85
CA TRP A 416 20.03 -33.91 21.64
C TRP A 416 20.19 -32.77 22.65
N GLN A 417 20.22 -31.52 22.19
CA GLN A 417 20.18 -30.36 23.08
C GLN A 417 18.77 -29.72 23.08
N GLU A 418 18.16 -29.51 24.24
CA GLU A 418 16.88 -28.79 24.34
C GLU A 418 17.07 -27.33 23.96
N PHE A 419 16.41 -26.87 22.90
CA PHE A 419 16.43 -25.46 22.54
C PHE A 419 15.33 -24.74 23.33
N ALA A 420 14.16 -25.37 23.50
CA ALA A 420 13.08 -24.69 24.22
C ALA A 420 12.02 -25.64 24.75
N VAL A 421 11.47 -25.28 25.90
CA VAL A 421 10.47 -26.04 26.61
C VAL A 421 9.29 -25.14 26.83
N HIS A 422 8.10 -25.57 26.42
CA HIS A 422 6.88 -24.79 26.58
C HIS A 422 5.86 -25.62 27.36
N GLN A 423 5.74 -25.41 28.67
CA GLN A 423 4.83 -26.20 29.49
C GLN A 423 3.40 -25.71 29.44
N ASP A 424 3.19 -24.44 29.10
CA ASP A 424 1.84 -23.90 28.90
C ASP A 424 1.23 -24.46 27.60
N ARG A 425 -0.10 -24.52 27.59
CA ARG A 425 -0.90 -24.85 26.40
C ARG A 425 -1.36 -23.60 25.68
N LYS A 426 -0.40 -22.95 25.02
CA LYS A 426 -0.64 -21.69 24.37
C LYS A 426 -1.54 -21.91 23.14
N MET A 427 -2.60 -21.10 23.08
CA MET A 427 -3.64 -21.18 22.08
C MET A 427 -3.22 -20.26 20.92
N CYS A 428 -2.50 -20.82 19.96
CA CYS A 428 -2.03 -20.08 18.78
C CYS A 428 -1.59 -21.04 17.67
N SER A 429 -1.40 -20.51 16.47
CA SER A 429 -0.78 -21.27 15.40
C SER A 429 -0.17 -20.30 14.38
N PRO A 430 1.04 -20.52 13.88
CA PRO A 430 1.94 -21.58 14.30
C PRO A 430 2.66 -21.26 15.61
N HIS A 431 3.34 -22.24 16.17
CA HIS A 431 4.22 -22.07 17.30
C HIS A 431 5.62 -21.91 16.73
N THR A 432 6.24 -20.78 17.00
CA THR A 432 7.49 -20.42 16.36
C THR A 432 8.64 -20.49 17.33
N ASP A 433 9.73 -21.17 16.95
CA ASP A 433 10.95 -21.13 17.76
C ASP A 433 12.10 -20.60 16.93
N VAL A 434 12.72 -19.52 17.42
CA VAL A 434 13.87 -18.89 16.76
C VAL A 434 15.11 -19.65 17.25
N LEU A 435 15.92 -20.14 16.32
CA LEU A 435 17.02 -21.06 16.62
C LEU A 435 18.39 -20.47 16.30
N ASN A 436 18.63 -20.11 15.04
CA ASN A 436 19.89 -19.48 14.62
C ASN A 436 21.10 -20.29 15.08
N LYS A 437 21.11 -21.55 14.70
CA LYS A 437 22.21 -22.44 15.02
C LYS A 437 22.31 -23.53 13.97
N ARG A 438 23.49 -24.12 13.89
CA ARG A 438 23.79 -25.20 12.95
C ARG A 438 23.45 -26.54 13.60
N PHE A 439 22.64 -27.33 12.89
CA PHE A 439 22.30 -28.70 13.30
CA PHE A 439 22.23 -28.67 13.33
C PHE A 439 21.76 -29.45 12.09
N ARG A 440 21.63 -30.76 12.22
CA ARG A 440 21.06 -31.58 11.14
C ARG A 440 19.64 -32.09 11.41
N TYR A 441 19.33 -32.37 12.67
CA TYR A 441 18.09 -33.00 13.07
C TYR A 441 17.36 -32.09 14.04
N LEU A 442 16.04 -32.09 13.93
CA LEU A 442 15.17 -31.33 14.81
C LEU A 442 14.09 -32.29 15.29
N ARG A 443 13.79 -32.27 16.59
CA ARG A 443 12.78 -33.14 17.21
C ARG A 443 11.77 -32.33 18.01
N ILE A 444 10.48 -32.64 17.82
CA ILE A 444 9.40 -32.10 18.63
C ILE A 444 8.87 -33.25 19.48
N LYS A 445 8.81 -33.05 20.80
CA LYS A 445 8.10 -33.93 21.74
C LYS A 445 6.87 -33.18 22.18
N ILE A 446 5.70 -33.78 22.01
CA ILE A 446 4.45 -33.16 22.43
C ILE A 446 4.12 -33.58 23.86
N LEU A 447 3.99 -32.59 24.75
CA LEU A 447 3.70 -32.81 26.18
C LEU A 447 2.20 -32.78 26.43
N LYS A 448 1.51 -31.81 25.86
CA LYS A 448 0.05 -31.72 25.98
C LYS A 448 -0.55 -31.19 24.70
N GLY A 449 -1.80 -31.57 24.49
CA GLY A 449 -2.54 -31.26 23.27
C GLY A 449 -2.56 -32.44 22.33
N VAL A 450 -3.37 -32.31 21.29
CA VAL A 450 -3.53 -33.40 20.33
C VAL A 450 -2.20 -33.60 19.59
N PRO A 451 -1.65 -34.84 19.63
CA PRO A 451 -0.34 -35.14 19.06
C PRO A 451 -0.37 -35.35 17.55
N GLY A 452 -0.43 -34.22 16.84
CA GLY A 452 -0.37 -34.21 15.40
C GLY A 452 0.03 -32.86 14.84
N ILE A 453 0.51 -32.89 13.60
CA ILE A 453 0.99 -31.73 12.91
C ILE A 453 0.46 -31.72 11.47
N TRP A 454 -0.16 -30.59 11.07
CA TRP A 454 -0.57 -30.36 9.70
C TRP A 454 0.61 -29.92 8.84
N GLU A 455 1.41 -29.01 9.37
CA GLU A 455 2.51 -28.41 8.64
C GLU A 455 3.57 -27.97 9.61
N TRP A 456 4.83 -28.26 9.24
CA TRP A 456 6.03 -27.94 9.98
C TRP A 456 7.06 -27.39 8.98
N ASN A 457 7.37 -26.11 9.12
CA ASN A 457 8.24 -25.41 8.20
C ASN A 457 9.48 -24.99 8.95
N ILE A 458 10.62 -25.20 8.32
CA ILE A 458 11.92 -24.84 8.87
C ILE A 458 12.60 -23.89 7.88
N TYR A 459 13.12 -22.75 8.36
CA TYR A 459 13.62 -21.63 7.50
C TYR A 459 15.13 -21.31 7.55
N HIS B 21 17.93 -7.38 29.34
CA HIS B 21 17.02 -6.96 28.24
C HIS B 21 15.83 -6.06 28.68
N ASN B 22 15.93 -5.28 29.78
CA ASN B 22 14.78 -4.47 30.23
C ASN B 22 15.00 -2.94 30.21
N ASN B 23 14.75 -2.32 29.06
CA ASN B 23 14.88 -0.87 28.83
C ASN B 23 13.48 -0.28 28.54
N PRO B 24 12.77 0.23 29.56
CA PRO B 24 11.42 0.76 29.28
C PRO B 24 11.40 2.06 28.46
N PHE B 25 12.56 2.64 28.13
CA PHE B 25 12.59 3.88 27.37
C PHE B 25 13.02 3.71 25.95
N GLY B 26 13.20 2.46 25.52
CA GLY B 26 13.34 2.13 24.11
C GLY B 26 14.43 2.88 23.36
N ASN B 27 14.16 3.14 22.09
CA ASN B 27 15.06 3.80 21.15
C ASN B 27 14.66 5.26 20.89
N ALA B 28 14.95 6.13 21.83
CA ALA B 28 14.66 7.55 21.67
C ALA B 28 15.45 8.07 20.48
N LEU B 29 14.94 9.14 19.88
CA LEU B 29 15.61 9.71 18.74
C LEU B 29 17.02 10.15 19.06
N ILE B 30 17.19 10.90 20.12
CA ILE B 30 18.44 11.56 20.45
C ILE B 30 18.98 10.97 21.75
N PRO B 31 20.31 10.82 21.85
CA PRO B 31 20.96 10.42 23.10
C PRO B 31 21.13 11.59 24.10
N ASP B 32 19.99 12.03 24.62
CA ASP B 32 19.86 13.11 25.57
C ASP B 32 18.37 13.18 25.92
N MET B 33 18.07 13.95 26.95
CA MET B 33 16.72 14.24 27.32
C MET B 33 16.32 15.54 26.62
N ILE B 34 15.39 15.41 25.68
CA ILE B 34 14.88 16.51 24.88
C ILE B 34 13.36 16.42 24.74
N ALA B 35 12.73 17.58 24.62
CA ALA B 35 11.29 17.72 24.50
C ALA B 35 10.98 18.87 23.57
N ASP B 36 9.74 18.93 23.14
CA ASP B 36 9.20 20.03 22.33
C ASP B 36 9.98 20.13 20.99
N ALA B 37 10.28 18.99 20.39
CA ALA B 37 11.21 18.95 19.27
C ALA B 37 10.60 19.47 17.98
N SER B 38 11.41 20.17 17.22
CA SER B 38 11.07 20.63 15.87
C SER B 38 12.12 20.00 14.94
N ILE B 39 11.65 19.16 14.01
CA ILE B 39 12.52 18.32 13.20
C ILE B 39 12.20 18.59 11.75
N GLN B 40 13.27 18.67 10.96
CA GLN B 40 13.17 19.03 9.56
C GLN B 40 14.40 18.63 8.77
N GLU B 41 14.23 18.64 7.44
CA GLU B 41 15.32 18.41 6.51
C GLU B 41 15.63 19.71 5.78
N ILE B 42 16.88 20.15 5.84
CA ILE B 42 17.34 21.31 5.10
C ILE B 42 18.56 20.89 4.28
N ASN B 43 18.48 21.05 2.96
CA ASN B 43 19.57 20.70 2.02
C ASN B 43 20.13 19.30 2.26
N GLY B 44 19.24 18.31 2.37
CA GLY B 44 19.67 16.91 2.57
C GLY B 44 20.24 16.48 3.93
N VAL B 45 20.18 17.36 4.94
CA VAL B 45 20.63 17.04 6.30
C VAL B 45 19.45 17.30 7.26
N PHE B 46 19.24 16.38 8.20
CA PHE B 46 18.21 16.49 9.21
C PHE B 46 18.71 17.29 10.42
N TYR B 47 17.82 18.17 10.89
CA TYR B 47 18.02 19.08 12.03
C TYR B 47 16.93 18.83 13.08
N CYS B 48 17.36 18.73 14.34
CA CYS B 48 16.45 18.62 15.48
C CYS B 48 16.73 19.77 16.48
N TYR B 49 15.82 20.75 16.54
CA TYR B 49 15.89 21.86 17.49
C TYR B 49 14.87 21.56 18.57
N ALA B 50 15.29 21.59 19.83
CA ALA B 50 14.45 21.12 20.94
C ALA B 50 14.78 21.82 22.24
N THR B 51 13.91 21.61 23.21
CA THR B 51 14.18 21.97 24.58
C THR B 51 15.11 20.92 25.13
N THR B 52 16.22 21.33 25.75
CA THR B 52 17.09 20.40 26.44
C THR B 52 16.65 20.22 27.90
N ASP B 53 16.44 18.96 28.24
CA ASP B 53 15.95 18.55 29.53
C ASP B 53 17.11 17.99 30.38
N GLY B 54 16.78 17.46 31.55
CA GLY B 54 17.74 16.74 32.38
C GLY B 54 18.67 17.59 33.23
N TYR B 55 18.27 18.83 33.52
CA TYR B 55 19.12 19.75 34.31
C TYR B 55 18.79 19.77 35.78
N GLY B 56 17.80 18.99 36.22
CA GLY B 56 17.61 18.72 37.63
C GLY B 56 16.91 19.78 38.48
N GLN B 57 16.30 20.79 37.87
CA GLN B 57 15.55 21.77 38.66
C GLN B 57 14.16 22.04 38.10
N GLY B 58 13.52 21.00 37.57
CA GLY B 58 12.17 21.11 37.05
C GLY B 58 12.13 22.15 35.95
N LEU B 59 11.13 23.00 35.98
CA LEU B 59 10.94 24.04 34.99
C LEU B 59 11.68 25.36 35.33
N LYS B 60 12.42 25.40 36.45
CA LYS B 60 13.19 26.61 36.84
C LYS B 60 14.36 26.87 35.92
N THR B 61 14.99 25.81 35.43
CA THR B 61 16.07 25.94 34.45
C THR B 61 15.87 24.93 33.30
N SER B 62 16.63 25.15 32.23
CA SER B 62 16.74 24.21 31.13
C SER B 62 18.21 24.04 30.77
N GLY B 63 18.45 23.15 29.82
CA GLY B 63 19.73 23.10 29.17
C GLY B 63 19.79 24.25 28.20
N PRO B 64 20.97 24.49 27.60
CA PRO B 64 21.19 25.52 26.59
C PRO B 64 20.64 25.15 25.19
N PRO B 65 20.55 26.12 24.27
CA PRO B 65 20.13 25.89 22.86
C PRO B 65 21.14 25.13 22.00
N VAL B 66 20.81 23.90 21.63
CA VAL B 66 21.67 23.07 20.79
C VAL B 66 20.80 22.50 19.69
N VAL B 67 21.43 22.33 18.52
CA VAL B 67 20.76 21.76 17.35
C VAL B 67 21.44 20.43 17.08
N TRP B 68 20.67 19.34 17.09
CA TRP B 68 21.23 18.02 16.71
C TRP B 68 21.09 17.85 15.20
N LYS B 69 22.14 17.30 14.57
CA LYS B 69 22.18 17.05 13.12
C LYS B 69 22.43 15.58 12.78
N SER B 70 21.87 15.14 11.66
CA SER B 70 22.04 13.78 11.19
C SER B 70 21.82 13.71 9.68
N LYS B 71 22.68 12.95 9.00
CA LYS B 71 22.53 12.70 7.55
C LYS B 71 21.61 11.52 7.24
N ASP B 72 21.48 10.59 8.18
CA ASP B 72 20.66 9.38 7.97
C ASP B 72 19.40 9.26 8.84
N PHE B 73 19.28 10.11 9.88
CA PHE B 73 18.20 10.09 10.86
C PHE B 73 18.45 9.07 12.00
N VAL B 74 19.66 8.50 12.04
CA VAL B 74 20.01 7.49 13.06
C VAL B 74 21.20 7.94 13.88
N HIS B 75 22.27 8.41 13.24
CA HIS B 75 23.43 8.92 13.98
C HIS B 75 23.35 10.46 14.07
N TRP B 76 23.33 10.97 15.30
CA TRP B 76 23.03 12.37 15.57
C TRP B 76 24.21 12.98 16.26
N SER B 77 24.46 14.26 16.00
CA SER B 77 25.51 14.97 16.74
C SER B 77 25.19 16.43 16.87
N PHE B 78 25.88 17.07 17.81
CA PHE B 78 25.93 18.53 17.91
C PHE B 78 27.30 18.92 18.39
N ASP B 79 27.65 20.17 18.13
CA ASP B 79 28.85 20.78 18.66
C ASP B 79 28.56 22.23 19.08
N GLY B 80 28.69 22.51 20.38
CA GLY B 80 28.42 23.84 20.94
C GLY B 80 26.98 24.30 20.72
N THR B 81 26.77 25.60 20.89
CA THR B 81 25.44 26.21 20.75
C THR B 81 25.28 26.91 19.43
N TYR B 82 24.05 26.95 18.93
CA TYR B 82 23.73 27.76 17.74
C TYR B 82 23.27 29.23 17.99
N PHE B 83 23.16 29.67 19.26
CA PHE B 83 22.52 30.97 19.63
C PHE B 83 23.28 31.53 20.83
N PRO B 84 24.48 32.13 20.59
CA PRO B 84 25.38 32.57 21.66
C PRO B 84 24.78 33.52 22.66
N SER B 85 24.01 34.52 22.21
CA SER B 85 23.37 35.44 23.20
C SER B 85 22.39 34.73 24.16
N ALA B 86 21.77 33.63 23.73
CA ALA B 86 20.76 32.94 24.56
C ALA B 86 21.36 31.78 25.37
N ALA B 87 22.67 31.56 25.27
CA ALA B 87 23.27 30.29 25.69
C ALA B 87 23.09 29.99 27.18
N LYS B 88 22.97 31.03 28.01
CA LYS B 88 22.73 30.89 29.43
C LYS B 88 21.30 31.18 29.89
N GLU B 89 20.36 31.36 28.96
CA GLU B 89 18.97 31.67 29.33
C GLU B 89 18.15 30.38 29.43
N LYS B 90 16.98 30.48 30.05
CA LYS B 90 16.01 29.39 29.97
C LYS B 90 15.45 29.36 28.56
N TYR B 91 15.53 28.19 27.94
CA TYR B 91 15.32 28.06 26.49
C TYR B 91 14.34 26.95 26.20
N TRP B 92 13.18 27.29 25.67
CA TRP B 92 12.09 26.32 25.45
C TRP B 92 11.59 26.36 24.04
N ALA B 93 11.32 25.18 23.51
CA ALA B 93 10.35 25.04 22.41
C ALA B 93 10.63 25.91 21.19
N PRO B 94 11.85 25.79 20.63
CA PRO B 94 12.09 26.46 19.36
C PRO B 94 11.17 25.91 18.26
N SER B 95 10.77 26.80 17.36
CA SER B 95 10.06 26.40 16.17
C SER B 95 11.07 25.70 15.24
N LYS B 96 10.59 25.29 14.07
CA LYS B 96 11.51 25.00 12.96
C LYS B 96 12.25 26.29 12.47
N ALA B 97 13.40 26.09 11.82
CA ALA B 97 14.12 27.13 11.11
C ALA B 97 13.41 27.38 9.78
N ILE B 98 13.01 28.62 9.54
CA ILE B 98 12.22 28.98 8.37
C ILE B 98 13.10 29.83 7.46
N PHE B 99 13.20 29.41 6.19
CA PHE B 99 14.07 30.08 5.21
C PHE B 99 13.29 31.21 4.54
N ALA B 100 13.75 32.46 4.72
CA ALA B 100 13.05 33.62 4.16
C ALA B 100 13.97 34.82 4.18
N ASN B 101 13.79 35.75 3.23
CA ASN B 101 14.72 36.88 3.05
C ASN B 101 16.19 36.43 2.97
N GLY B 102 16.44 35.29 2.34
CA GLY B 102 17.78 34.68 2.24
C GLY B 102 18.44 34.26 3.55
N LYS B 103 17.64 34.11 4.60
CA LYS B 103 18.13 33.82 5.96
C LYS B 103 17.25 32.76 6.63
N TYR B 104 17.66 32.33 7.80
CA TYR B 104 16.90 31.32 8.56
C TYR B 104 16.39 31.98 9.81
N TYR B 105 15.08 31.89 10.03
CA TYR B 105 14.44 32.42 11.24
C TYR B 105 13.92 31.28 12.17
N ILE B 106 14.03 31.47 13.47
CA ILE B 106 13.59 30.50 14.45
C ILE B 106 12.93 31.27 15.60
N TYR B 107 11.93 30.66 16.25
CA TYR B 107 11.07 31.37 17.21
C TYR B 107 10.93 30.67 18.57
N PRO B 108 12.02 30.70 19.37
CA PRO B 108 12.02 30.01 20.65
C PRO B 108 11.35 30.86 21.72
N THR B 109 11.07 30.20 22.84
CA THR B 109 10.53 30.81 24.01
C THR B 109 11.66 30.92 25.03
N ILE B 110 12.09 32.14 25.34
CA ILE B 110 13.29 32.39 26.13
C ILE B 110 12.92 33.14 27.40
N ASN B 111 13.25 32.54 28.54
CA ASN B 111 12.80 33.00 29.86
C ASN B 111 11.29 33.26 29.87
N GLY B 112 10.55 32.37 29.21
CA GLY B 112 9.09 32.39 29.22
C GLY B 112 8.40 33.22 28.16
N TYR B 113 9.14 33.93 27.31
CA TYR B 113 8.53 34.74 26.21
C TYR B 113 9.14 34.42 24.84
N MET B 114 8.31 34.56 23.81
CA MET B 114 8.70 34.26 22.45
C MET B 114 9.50 35.39 21.82
N TYR B 115 10.54 35.01 21.06
CA TYR B 115 11.47 35.93 20.34
C TYR B 115 11.80 35.44 18.94
N PRO B 116 11.76 36.34 17.94
CA PRO B 116 12.28 35.98 16.63
C PRO B 116 13.82 36.06 16.65
N ALA B 117 14.48 35.07 16.06
CA ALA B 117 15.94 35.03 15.91
C ALA B 117 16.25 34.65 14.48
N VAL B 118 17.46 35.01 14.07
CA VAL B 118 17.85 34.95 12.66
C VAL B 118 19.34 34.58 12.54
N ALA B 119 19.65 33.84 11.48
CA ALA B 119 21.01 33.40 11.14
C ALA B 119 21.13 33.23 9.62
N ASP B 120 22.37 33.23 9.15
CA ASP B 120 22.66 32.92 7.75
C ASP B 120 22.54 31.43 7.43
N LYS B 121 22.83 30.57 8.38
CA LYS B 121 22.66 29.12 8.15
C LYS B 121 21.97 28.42 9.36
N PRO B 122 21.45 27.17 9.17
CA PRO B 122 20.70 26.50 10.26
C PRO B 122 21.50 26.21 11.49
N GLU B 123 22.83 26.14 11.33
CA GLU B 123 23.77 25.95 12.43
C GLU B 123 24.03 27.21 13.24
N GLY B 124 23.52 28.34 12.79
CA GLY B 124 23.80 29.58 13.47
C GLY B 124 25.12 30.15 12.98
N PRO B 125 25.68 31.15 13.67
CA PRO B 125 25.13 31.69 14.92
C PRO B 125 23.83 32.45 14.71
N PHE B 126 22.85 32.24 15.58
CA PHE B 126 21.60 33.03 15.53
C PHE B 126 21.77 34.24 16.46
N LYS B 127 21.08 35.31 16.12
CA LYS B 127 20.93 36.46 17.02
C LYS B 127 19.48 36.93 16.94
N LEU B 128 19.07 37.71 17.94
CA LEU B 128 17.72 38.25 17.97
C LEU B 128 17.48 39.07 16.72
N ALA B 129 16.31 38.88 16.12
CA ALA B 129 15.99 39.50 14.82
C ALA B 129 15.45 40.94 14.90
N ARG B 130 15.05 41.37 16.10
CA ARG B 130 14.62 42.73 16.38
C ARG B 130 15.42 43.25 17.57
N GLY B 131 15.80 44.51 17.49
CA GLY B 131 16.43 45.20 18.58
C GLY B 131 17.80 44.64 18.88
N LYS B 132 18.19 44.75 20.15
CA LYS B 132 19.51 44.34 20.62
C LYS B 132 19.61 42.87 20.93
N ASP B 133 20.73 42.27 20.50
CA ASP B 133 20.99 40.85 20.73
C ASP B 133 21.47 40.60 22.15
N GLU B 134 20.53 40.69 23.08
CA GLU B 134 20.79 40.48 24.50
C GLU B 134 19.50 40.21 25.27
N PHE B 135 19.65 39.70 26.48
CA PHE B 135 18.52 39.30 27.32
C PHE B 135 18.58 39.82 28.74
N TYR B 136 17.41 40.17 29.25
CA TYR B 136 17.21 40.45 30.65
C TYR B 136 15.73 40.13 30.96
N LYS B 137 15.43 40.02 32.24
CA LYS B 137 14.14 39.57 32.72
C LYS B 137 13.23 40.73 33.12
N PRO B 138 11.91 40.58 32.99
CA PRO B 138 11.25 39.35 32.52
C PRO B 138 11.28 39.15 30.99
N PHE B 139 11.24 40.26 30.25
CA PHE B 139 11.36 40.20 28.79
C PHE B 139 11.92 41.52 28.30
N THR B 140 12.39 41.54 27.06
CA THR B 140 12.94 42.77 26.45
C THR B 140 11.98 43.27 25.33
N PRO B 141 12.22 44.48 24.78
CA PRO B 141 11.45 44.93 23.62
C PRO B 141 11.67 44.14 22.33
N SER B 142 12.59 43.17 22.33
CA SER B 142 12.83 42.32 21.16
C SER B 142 11.82 41.19 20.99
N THR B 143 10.82 41.10 21.86
CA THR B 143 9.86 40.00 21.80
C THR B 143 9.10 39.96 20.47
N LEU B 144 8.67 38.77 20.10
CA LEU B 144 7.85 38.53 18.93
C LEU B 144 6.58 39.36 18.98
N LEU B 145 5.81 39.21 20.04
CA LEU B 145 4.62 40.02 20.25
C LEU B 145 5.06 41.39 20.75
N GLN B 146 4.40 42.44 20.25
CA GLN B 146 4.74 43.82 20.58
C GLN B 146 3.59 44.57 21.28
N SER B 147 2.66 43.81 21.85
CA SER B 147 1.63 44.39 22.71
C SER B 147 2.25 44.62 24.07
N LYS B 148 1.54 45.40 24.88
CA LYS B 148 1.94 45.76 26.25
C LYS B 148 2.25 44.53 27.14
N ASN B 149 1.40 43.50 27.04
CA ASN B 149 1.68 42.20 27.64
C ASN B 149 2.01 41.26 26.47
N PRO B 150 3.31 40.93 26.25
CA PRO B 150 3.69 40.04 25.16
C PRO B 150 3.71 38.53 25.53
N GLY B 151 2.96 38.11 26.56
CA GLY B 151 2.95 36.73 27.02
C GLY B 151 2.47 35.77 25.95
N GLY B 152 2.89 34.52 26.05
CA GLY B 152 2.56 33.47 25.07
C GLY B 152 3.79 32.62 24.87
N ILE B 153 3.60 31.32 24.63
CA ILE B 153 4.70 30.38 24.39
C ILE B 153 4.49 29.50 23.16
N ASP B 154 5.52 28.73 22.79
CA ASP B 154 5.42 27.60 21.83
C ASP B 154 5.05 28.02 20.37
N ALA B 155 5.84 28.92 19.78
CA ALA B 155 5.60 29.38 18.40
C ALA B 155 5.80 28.24 17.39
N GLU B 156 4.97 28.28 16.36
CA GLU B 156 4.98 27.37 15.21
C GLU B 156 4.67 28.25 13.97
N ILE B 157 5.49 28.17 12.93
CA ILE B 157 5.39 29.08 11.77
C ILE B 157 4.93 28.28 10.57
N PHE B 158 4.04 28.87 9.79
CA PHE B 158 3.58 28.29 8.55
C PHE B 158 3.68 29.33 7.45
N VAL B 159 4.20 28.94 6.29
CA VAL B 159 4.18 29.84 5.11
C VAL B 159 3.39 29.15 4.04
N ASP B 160 2.30 29.79 3.62
CA ASP B 160 1.36 29.19 2.70
C ASP B 160 1.88 29.29 1.24
N ASP B 161 1.12 28.73 0.29
CA ASP B 161 1.53 28.68 -1.15
C ASP B 161 1.64 30.04 -1.78
N ASP B 162 0.65 30.90 -1.50
CA ASP B 162 0.67 32.32 -1.86
C ASP B 162 1.78 33.18 -1.21
N GLY B 163 2.65 32.58 -0.38
CA GLY B 163 3.73 33.32 0.30
C GLY B 163 3.37 33.97 1.64
N GLN B 164 2.10 33.95 2.06
CA GLN B 164 1.72 34.49 3.36
C GLN B 164 2.21 33.62 4.53
N ALA B 165 2.97 34.24 5.42
CA ALA B 165 3.41 33.61 6.64
C ALA B 165 2.39 33.81 7.78
N TYR B 166 2.29 32.80 8.64
CA TYR B 166 1.45 32.83 9.83
C TYR B 166 2.24 32.32 11.01
N VAL B 167 1.95 32.89 12.19
CA VAL B 167 2.47 32.37 13.47
C VAL B 167 1.31 31.82 14.32
N PHE B 168 1.50 30.59 14.82
CA PHE B 168 0.59 29.89 15.73
C PHE B 168 1.31 29.80 17.07
N TRP B 169 0.61 30.03 18.18
CA TRP B 169 1.25 29.82 19.46
C TRP B 169 0.28 29.25 20.48
N GLY B 170 0.71 29.19 21.73
CA GLY B 170 -0.03 28.50 22.76
C GLY B 170 -1.39 29.09 23.02
N ARG B 171 -2.26 28.27 23.59
CA ARG B 171 -3.62 28.66 23.87
C ARG B 171 -4.39 29.04 22.62
N ARG B 172 -4.10 28.32 21.54
CA ARG B 172 -4.88 28.38 20.28
C ARG B 172 -4.86 29.68 19.52
N HIS B 173 -3.82 30.46 19.75
CA HIS B 173 -3.67 31.77 19.11
C HIS B 173 -3.08 31.61 17.70
N VAL B 174 -3.50 32.49 16.80
CA VAL B 174 -2.94 32.54 15.43
C VAL B 174 -3.05 33.95 14.87
N ALA B 175 -2.01 34.36 14.14
CA ALA B 175 -1.98 35.66 13.45
C ALA B 175 -1.14 35.59 12.19
N LYS B 176 -1.41 36.52 11.29
CA LYS B 176 -0.52 36.72 10.13
C LYS B 176 0.81 37.28 10.58
N LEU B 177 1.86 36.85 9.90
CA LEU B 177 3.21 37.33 10.11
C LEU B 177 3.67 38.05 8.83
N ASN B 178 4.16 39.28 8.98
CA ASN B 178 4.67 40.10 7.86
C ASN B 178 5.93 39.48 7.24
N GLU B 179 6.18 39.83 5.98
CA GLU B 179 7.37 39.38 5.27
C GLU B 179 8.70 39.72 5.91
N ASP B 180 8.75 40.71 6.78
CA ASP B 180 9.95 40.93 7.62
C ASP B 180 10.21 39.76 8.61
N MET B 181 9.23 38.86 8.78
CA MET B 181 9.34 37.69 9.66
C MET B 181 9.48 38.02 11.15
N ILE B 182 9.20 39.27 11.52
CA ILE B 182 9.24 39.73 12.92
C ILE B 182 8.01 40.52 13.39
N THR B 183 7.23 41.10 12.47
CA THR B 183 6.08 41.92 12.88
CA THR B 183 6.08 41.94 12.81
C THR B 183 4.80 41.10 12.73
N VAL B 184 4.19 40.83 13.89
CA VAL B 184 2.96 40.05 13.96
C VAL B 184 1.81 41.01 13.66
N ASP B 185 0.85 40.53 12.87
CA ASP B 185 -0.38 41.29 12.55
C ASP B 185 -1.09 41.67 13.84
N SER B 186 -1.75 42.83 13.79
CA SER B 186 -2.55 43.32 14.90
C SER B 186 -3.82 42.47 15.11
N VAL B 187 -4.31 41.83 14.05
CA VAL B 187 -5.50 40.97 14.14
C VAL B 187 -5.05 39.60 14.64
N VAL B 188 -5.38 39.29 15.90
CA VAL B 188 -5.03 37.97 16.48
C VAL B 188 -6.30 37.19 16.66
N GLN B 189 -6.30 35.93 16.25
CA GLN B 189 -7.49 35.07 16.38
C GLN B 189 -7.24 33.92 17.33
N VAL B 190 -8.30 33.44 17.94
CA VAL B 190 -8.22 32.23 18.75
C VAL B 190 -9.01 31.16 18.01
N ILE B 191 -8.37 30.05 17.73
CA ILE B 191 -8.98 28.94 16.98
C ILE B 191 -10.03 28.21 17.83
N SER B 192 -11.18 27.97 17.24
CA SER B 192 -12.24 27.18 17.85
C SER B 192 -11.97 25.67 17.68
N THR B 193 -11.97 24.94 18.78
CA THR B 193 -11.75 23.48 18.80
C THR B 193 -12.82 22.89 19.73
N PRO B 194 -13.20 21.62 19.52
CA PRO B 194 -14.22 21.04 20.40
C PRO B 194 -13.73 20.78 21.83
N ARG B 195 -12.43 20.55 22.01
CA ARG B 195 -11.87 20.32 23.32
C ARG B 195 -11.36 21.69 23.78
N LYS B 196 -11.78 22.12 24.96
CA LYS B 196 -11.67 23.53 25.38
C LYS B 196 -10.58 23.84 26.39
N GLU B 197 -9.98 22.82 26.99
CA GLU B 197 -9.06 23.03 28.11
C GLU B 197 -7.73 23.61 27.66
N TYR B 198 -6.91 23.99 28.65
CA TYR B 198 -5.56 24.54 28.43
C TYR B 198 -4.76 23.77 27.34
N SER B 199 -4.28 24.51 26.33
CA SER B 199 -3.57 23.92 25.21
C SER B 199 -2.25 24.62 24.92
N GLU B 200 -1.29 23.84 24.44
CA GLU B 200 -0.01 24.38 24.01
C GLU B 200 0.55 23.51 22.86
N GLY B 201 1.81 23.72 22.50
CA GLY B 201 2.50 22.86 21.50
C GLY B 201 1.83 22.76 20.16
N PRO B 202 1.28 23.88 19.63
CA PRO B 202 0.62 23.74 18.35
C PRO B 202 1.54 23.20 17.25
N ILE B 203 0.97 22.37 16.40
CA ILE B 203 1.60 21.88 15.18
C ILE B 203 0.66 22.24 14.04
N PHE B 204 1.21 22.78 12.94
CA PHE B 204 0.41 23.15 11.80
C PHE B 204 1.09 22.71 10.51
N PHE B 205 0.32 22.12 9.61
CA PHE B 205 0.85 21.77 8.28
C PHE B 205 -0.25 21.69 7.26
N LYS B 206 0.13 21.77 5.98
CA LYS B 206 -0.80 21.63 4.87
C LYS B 206 -0.44 20.40 4.05
N ARG B 207 -1.44 19.62 3.66
CA ARG B 207 -1.23 18.43 2.82
C ARG B 207 -2.41 18.29 1.85
N LYS B 208 -2.11 18.40 0.55
CA LYS B 208 -3.08 18.23 -0.53
C LYS B 208 -4.26 19.13 -0.37
N GLY B 209 -3.99 20.42 -0.22
CA GLY B 209 -5.06 21.40 -0.09
C GLY B 209 -5.79 21.43 1.24
N ILE B 210 -5.42 20.56 2.20
CA ILE B 210 -6.06 20.57 3.52
C ILE B 210 -5.06 21.06 4.61
N TYR B 211 -5.59 21.92 5.47
CA TYR B 211 -4.85 22.54 6.54
C TYR B 211 -5.13 21.76 7.81
N TYR B 212 -4.08 21.40 8.54
CA TYR B 212 -4.20 20.62 9.78
C TYR B 212 -3.69 21.40 11.00
N TYR B 213 -4.56 21.61 11.99
CA TYR B 213 -4.16 22.27 13.23
C TYR B 213 -4.16 21.26 14.36
N LEU B 214 -2.98 20.90 14.87
CA LEU B 214 -2.85 19.99 16.01
C LEU B 214 -2.50 20.79 17.27
N TYR B 215 -3.12 20.46 18.39
CA TYR B 215 -2.93 21.20 19.64
C TYR B 215 -2.90 20.25 20.84
N THR B 216 -2.11 20.56 21.85
CA THR B 216 -2.10 19.70 23.05
C THR B 216 -3.27 19.99 23.99
N ILE B 217 -3.60 18.98 24.74
CA ILE B 217 -4.45 19.12 25.91
C ILE B 217 -3.82 18.26 27.02
N GLY B 218 -4.09 18.65 28.26
CA GLY B 218 -3.55 17.92 29.41
C GLY B 218 -2.09 18.23 29.59
N GLY B 219 -1.45 17.47 30.48
CA GLY B 219 -0.03 17.56 30.72
C GLY B 219 0.45 16.36 31.51
N ASP B 220 1.77 16.26 31.69
CA ASP B 220 2.42 15.08 32.29
C ASP B 220 1.96 13.82 31.58
N GLU B 221 1.54 12.77 32.29
CA GLU B 221 1.10 11.52 31.64
C GLU B 221 -0.21 11.71 30.88
N LYS B 222 -0.98 12.74 31.21
CA LYS B 222 -2.26 13.02 30.57
C LYS B 222 -2.16 13.85 29.26
N TYR B 223 -0.95 14.17 28.84
CA TYR B 223 -0.71 14.86 27.58
C TYR B 223 -1.33 14.07 26.40
N GLN B 224 -2.05 14.80 25.53
CA GLN B 224 -2.64 14.28 24.30
C GLN B 224 -2.55 15.35 23.21
N TYR B 225 -2.49 14.93 21.94
CA TYR B 225 -2.69 15.82 20.80
C TYR B 225 -4.05 15.58 20.20
N ALA B 226 -4.75 16.66 19.95
CA ALA B 226 -6.02 16.63 19.27
C ALA B 226 -5.85 17.49 18.02
N TYR B 227 -6.84 17.51 17.13
CA TYR B 227 -6.75 18.31 15.91
C TYR B 227 -8.06 18.69 15.28
N VAL B 228 -7.97 19.71 14.44
CA VAL B 228 -9.03 20.12 13.56
C VAL B 228 -8.44 20.38 12.15
N MET B 229 -9.34 20.43 11.17
CA MET B 229 -8.96 20.56 9.74
C MET B 229 -9.72 21.71 9.08
N SER B 230 -9.10 22.37 8.12
CA SER B 230 -9.79 23.37 7.29
C SER B 230 -9.46 23.12 5.84
N ARG B 231 -10.47 23.32 4.98
CA ARG B 231 -10.28 23.33 3.53
C ARG B 231 -10.28 24.76 3.00
N VAL B 232 -10.21 25.77 3.89
CA VAL B 232 -10.36 27.16 3.50
C VAL B 232 -9.01 27.90 3.70
N SER B 233 -8.62 28.13 4.94
CA SER B 233 -7.42 28.93 5.20
C SER B 233 -6.73 28.47 6.47
N PRO B 234 -5.47 28.87 6.64
CA PRO B 234 -4.78 28.64 7.91
C PRO B 234 -5.46 29.23 9.15
N MET B 235 -6.37 30.18 9.00
CA MET B 235 -7.11 30.75 10.13
C MET B 235 -8.58 30.34 10.13
N GLY B 236 -8.89 29.20 9.52
CA GLY B 236 -10.25 28.66 9.57
C GLY B 236 -11.15 28.97 8.37
N PRO B 237 -12.43 28.64 8.48
CA PRO B 237 -12.99 27.90 9.63
C PRO B 237 -12.54 26.43 9.70
N PHE B 238 -12.65 25.85 10.89
CA PHE B 238 -12.09 24.55 11.20
C PHE B 238 -13.19 23.59 11.57
N GLU B 239 -12.97 22.31 11.26
CA GLU B 239 -13.92 21.25 11.59
C GLU B 239 -13.17 20.15 12.30
N ALA B 240 -13.82 19.54 13.28
CA ALA B 240 -13.23 18.42 13.99
C ALA B 240 -13.92 17.13 13.58
N PRO B 241 -13.16 16.12 13.14
CA PRO B 241 -13.74 14.80 12.94
C PRO B 241 -14.06 14.12 14.27
N GLU B 242 -14.75 12.98 14.22
CA GLU B 242 -15.14 12.24 15.42
C GLU B 242 -13.89 11.76 16.17
N GLN B 243 -12.93 11.25 15.40
CA GLN B 243 -11.75 10.64 15.94
C GLN B 243 -10.67 11.75 15.92
N ASP B 244 -10.80 12.65 16.88
CA ASP B 244 -10.01 13.88 16.89
C ASP B 244 -8.75 13.79 17.77
N ILE B 245 -8.58 12.73 18.57
CA ILE B 245 -7.37 12.53 19.38
C ILE B 245 -6.37 11.66 18.61
N ILE B 246 -5.17 12.17 18.35
CA ILE B 246 -4.24 11.45 17.54
C ILE B 246 -3.02 10.93 18.27
N SER B 247 -2.79 11.42 19.48
CA SER B 247 -1.85 10.77 20.38
C SER B 247 -2.38 10.78 21.81
N THR B 248 -2.25 9.65 22.48
CA THR B 248 -2.66 9.49 23.84
C THR B 248 -1.88 8.33 24.44
N THR B 249 -1.83 8.28 25.76
CA THR B 249 -1.17 7.19 26.49
C THR B 249 -1.56 5.82 25.93
N ASN B 250 -0.55 4.99 25.68
CA ASN B 250 -0.78 3.59 25.34
C ASN B 250 -0.20 2.76 26.48
N TYR B 251 -1.10 2.32 27.36
CA TYR B 251 -0.68 1.56 28.53
C TYR B 251 0.02 0.24 28.16
N GLU B 252 -0.55 -0.54 27.23
CA GLU B 252 0.02 -1.85 26.87
C GLU B 252 1.44 -1.76 26.35
N ARG B 253 1.77 -0.71 25.57
CA ARG B 253 3.13 -0.51 25.10
C ARG B 253 4.00 0.32 26.07
N GLY B 254 3.44 0.81 27.16
CA GLY B 254 4.21 1.61 28.11
C GLY B 254 4.65 2.97 27.55
N ILE B 255 3.77 3.66 26.82
CA ILE B 255 4.06 4.98 26.28
C ILE B 255 3.09 5.95 26.94
N PHE B 256 3.61 6.88 27.74
CA PHE B 256 2.76 7.79 28.54
C PHE B 256 2.94 9.25 28.21
N GLY B 257 1.83 9.96 28.13
CA GLY B 257 1.83 11.40 27.79
C GLY B 257 2.57 11.81 26.52
N PRO B 258 2.12 11.30 25.36
CA PRO B 258 2.72 11.71 24.07
C PRO B 258 2.33 13.14 23.66
N GLY B 259 3.06 14.10 24.21
CA GLY B 259 2.83 15.53 23.94
C GLY B 259 3.84 16.26 23.08
N HIS B 260 4.04 17.53 23.42
CA HIS B 260 4.65 18.56 22.55
C HIS B 260 5.79 18.04 21.68
N GLY B 261 5.54 18.04 20.38
CA GLY B 261 6.54 17.66 19.40
C GLY B 261 6.27 18.32 18.08
N CYS B 262 6.31 17.56 16.98
CA CYS B 262 6.14 18.10 15.64
C CYS B 262 5.71 17.00 14.65
N VAL B 263 5.29 17.48 13.50
CA VAL B 263 5.12 16.67 12.31
C VAL B 263 6.14 17.15 11.27
N PHE B 264 6.75 16.20 10.58
CA PHE B 264 7.63 16.55 9.48
C PHE B 264 7.55 15.50 8.37
N HIS B 265 8.04 15.87 7.20
CA HIS B 265 8.21 14.92 6.09
C HIS B 265 9.51 15.19 5.35
N PRO B 266 10.33 14.15 5.12
CA PRO B 266 11.58 14.38 4.34
C PRO B 266 11.30 15.05 2.97
N GLU B 267 12.25 15.87 2.48
CA GLU B 267 12.09 16.60 1.19
C GLU B 267 11.62 15.67 0.04
N GLY B 268 10.52 16.05 -0.61
CA GLY B 268 10.04 15.36 -1.82
C GLY B 268 9.19 14.11 -1.66
N THR B 269 8.88 13.72 -0.42
CA THR B 269 8.17 12.48 -0.13
C THR B 269 6.82 12.79 0.49
N ASP B 270 5.87 11.88 0.32
CA ASP B 270 4.58 11.96 1.01
C ASP B 270 4.61 11.16 2.35
N ASN B 271 5.80 10.97 2.92
CA ASN B 271 5.95 10.17 4.15
C ASN B 271 5.99 11.14 5.31
N TYR B 272 4.88 11.18 6.04
CA TYR B 272 4.75 12.05 7.20
C TYR B 272 5.11 11.30 8.47
N TYR B 273 5.76 12.02 9.39
CA TYR B 273 6.22 11.50 10.65
C TYR B 273 5.79 12.45 11.79
N PHE B 274 5.47 11.85 12.93
CA PHE B 274 5.05 12.52 14.15
C PHE B 274 6.09 12.27 15.23
N ALA B 275 6.71 13.35 15.68
CA ALA B 275 7.67 13.34 16.77
C ALA B 275 6.96 13.86 18.04
N TYR B 276 7.22 13.21 19.17
CA TYR B 276 6.56 13.51 20.45
C TYR B 276 7.51 13.33 21.64
N LEU B 277 7.34 14.13 22.69
CA LEU B 277 8.00 13.86 23.97
C LEU B 277 7.22 12.80 24.70
N GLU B 278 7.85 12.10 25.63
CA GLU B 278 7.04 11.33 26.56
C GLU B 278 7.49 11.50 27.99
N PHE B 279 6.64 11.05 28.90
CA PHE B 279 6.75 11.37 30.33
C PHE B 279 8.12 11.07 30.94
N GLY B 280 8.73 10.00 30.46
CA GLY B 280 10.06 9.59 30.83
C GLY B 280 10.26 9.30 32.30
N ARG B 281 11.24 10.01 32.87
CA ARG B 281 11.59 9.90 34.28
C ARG B 281 10.93 10.96 35.17
N ARG B 282 9.83 11.56 34.70
CA ARG B 282 9.03 12.60 35.41
C ARG B 282 9.68 13.96 35.29
N SER B 283 8.86 15.01 35.45
CA SER B 283 9.32 16.40 35.44
C SER B 283 10.04 16.67 34.11
N THR B 284 11.15 17.42 34.14
CA THR B 284 11.91 17.73 32.91
C THR B 284 12.99 16.67 32.59
N ASN B 285 12.59 15.39 32.60
CA ASN B 285 13.47 14.26 32.30
C ASN B 285 12.83 13.43 31.19
N ARG B 286 12.48 14.13 30.10
CA ARG B 286 11.70 13.56 29.01
C ARG B 286 12.63 13.17 27.85
N GLN B 287 12.18 12.26 26.98
CA GLN B 287 12.88 11.97 25.72
C GLN B 287 11.89 12.08 24.61
N THR B 288 12.41 12.19 23.40
CA THR B 288 11.61 12.29 22.20
C THR B 288 11.69 11.02 21.32
N TYR B 289 10.56 10.66 20.72
CA TYR B 289 10.37 9.49 19.88
C TYR B 289 9.66 9.86 18.58
N VAL B 290 9.87 9.05 17.53
CA VAL B 290 9.23 9.28 16.25
C VAL B 290 8.45 8.06 15.74
N ASN B 291 7.24 8.30 15.22
CA ASN B 291 6.49 7.29 14.46
C ASN B 291 5.94 7.86 13.15
N GLN B 292 5.54 6.96 12.26
CA GLN B 292 4.86 7.31 11.03
C GLN B 292 3.51 7.92 11.37
N LEU B 293 3.11 8.94 10.61
CA LEU B 293 1.77 9.52 10.67
C LEU B 293 1.09 9.21 9.31
N LYS B 294 -0.11 8.66 9.36
CA LYS B 294 -0.82 8.20 8.16
C LYS B 294 -2.19 8.83 8.07
N PHE B 295 -2.69 8.89 6.84
CA PHE B 295 -3.94 9.58 6.56
C PHE B 295 -4.93 8.63 5.90
N ASN B 296 -6.22 8.85 6.16
CA ASN B 296 -7.31 8.20 5.45
C ASN B 296 -7.60 8.91 4.11
N GLU B 297 -8.39 8.24 3.27
CA GLU B 297 -8.79 8.73 1.93
C GLU B 297 -9.55 10.04 2.02
N ASP B 298 -10.37 10.18 3.04
CA ASP B 298 -11.11 11.41 3.30
C ASP B 298 -10.28 12.56 3.92
N GLY B 299 -8.96 12.42 4.05
CA GLY B 299 -8.09 13.48 4.61
C GLY B 299 -7.90 13.49 6.13
N THR B 300 -8.70 12.72 6.84
CA THR B 300 -8.56 12.58 8.29
C THR B 300 -7.25 11.87 8.65
N ILE B 301 -6.73 12.24 9.82
CA ILE B 301 -5.51 11.64 10.34
C ILE B 301 -5.88 10.35 11.07
N ARG B 302 -5.10 9.30 10.85
CA ARG B 302 -5.23 8.07 11.61
C ARG B 302 -4.42 8.23 12.91
N PRO B 303 -5.07 7.95 14.08
CA PRO B 303 -4.42 8.01 15.40
C PRO B 303 -3.13 7.28 15.37
N VAL B 304 -2.09 7.93 15.90
CA VAL B 304 -0.77 7.44 15.70
C VAL B 304 -0.62 6.15 16.47
N GLU B 305 -0.02 5.16 15.81
CA GLU B 305 0.42 3.91 16.44
C GLU B 305 1.76 4.16 17.11
N LEU B 306 1.74 4.44 18.41
CA LEU B 306 2.94 4.82 19.15
C LEU B 306 3.81 3.63 19.47
N THR B 307 5.11 3.76 19.24
CA THR B 307 6.06 2.74 19.67
C THR B 307 7.31 3.47 20.09
N MET B 308 8.13 2.80 20.86
CA MET B 308 9.48 3.27 21.13
C MET B 308 10.56 2.69 20.22
N ASP B 309 10.21 2.08 19.09
CA ASP B 309 11.21 1.44 18.20
C ASP B 309 11.91 2.40 17.22
N GLY B 310 11.36 3.60 17.02
CA GLY B 310 11.88 4.54 16.02
C GLY B 310 11.46 4.18 14.60
N VAL B 311 11.97 4.91 13.62
CA VAL B 311 11.62 4.69 12.22
C VAL B 311 12.86 4.34 11.38
N GLY B 312 13.97 3.98 12.04
CA GLY B 312 15.22 3.62 11.38
C GLY B 312 15.81 4.75 10.57
N ALA B 313 16.61 4.39 9.56
CA ALA B 313 17.26 5.37 8.71
C ALA B 313 16.26 5.87 7.70
N LEU B 314 16.22 7.19 7.49
CA LEU B 314 15.36 7.78 6.46
C LEU B 314 16.16 8.21 5.22
N LYS B 315 17.47 8.00 5.24
CA LYS B 315 18.32 8.30 4.09
C LYS B 315 19.43 7.24 4.03
N LYS B 316 19.82 6.84 2.82
CA LYS B 316 20.96 5.94 2.60
C LYS B 316 22.31 6.67 2.62
N VAL B 317 23.20 6.28 3.51
CA VAL B 317 24.54 6.83 3.56
C VAL B 317 25.54 5.72 3.95
N LYS B 318 26.75 5.81 3.42
CA LYS B 318 27.79 4.84 3.75
C LYS B 318 28.24 5.11 5.18
N SER B 319 28.34 4.07 5.98
CA SER B 319 28.95 4.21 7.29
C SER B 319 29.57 2.90 7.74
N ASP B 320 30.60 3.06 8.57
CA ASP B 320 31.41 1.94 9.04
C ASP B 320 30.60 1.09 10.02
N LYS B 321 30.90 -0.22 10.05
CA LYS B 321 30.23 -1.15 10.96
C LYS B 321 30.82 -1.01 12.36
N LYS B 322 29.95 -1.08 13.38
CA LYS B 322 30.39 -1.05 14.78
C LYS B 322 31.03 -2.40 15.10
N MET B 323 32.10 -2.41 15.88
CA MET B 323 32.70 -3.65 16.38
C MET B 323 31.84 -4.24 17.50
N LYS B 324 31.66 -5.56 17.48
CA LYS B 324 31.04 -6.29 18.59
C LYS B 324 31.86 -6.06 19.85
N ILE B 325 31.18 -5.82 20.96
CA ILE B 325 31.84 -5.69 22.24
C ILE B 325 31.46 -6.95 22.97
N ASP B 326 32.46 -7.66 23.47
CA ASP B 326 32.24 -8.93 24.11
C ASP B 326 31.70 -8.79 25.52
N THR B 327 32.20 -7.81 26.28
CA THR B 327 31.76 -7.57 27.66
C THR B 327 32.03 -6.12 28.05
N VAL B 328 31.26 -5.62 29.02
CA VAL B 328 31.50 -4.29 29.56
C VAL B 328 31.40 -4.36 31.07
N TYR B 329 32.22 -3.55 31.73
CA TYR B 329 32.12 -3.43 33.19
C TYR B 329 32.63 -2.09 33.66
N ALA B 330 32.28 -1.73 34.89
CA ALA B 330 32.52 -0.39 35.35
C ALA B 330 32.84 -0.32 36.83
N SER B 331 33.28 0.85 37.25
CA SER B 331 33.67 1.07 38.63
C SER B 331 32.49 1.00 39.56
N SER B 332 31.34 1.48 39.09
CA SER B 332 30.10 1.40 39.86
C SER B 332 28.85 1.46 38.96
N ILE B 333 27.72 1.16 39.57
CA ILE B 333 26.43 1.14 38.90
C ILE B 333 25.48 1.79 39.85
N GLU B 334 24.76 2.82 39.40
CA GLU B 334 23.79 3.50 40.22
C GLU B 334 22.63 2.54 40.57
N VAL B 335 22.07 2.66 41.77
CA VAL B 335 20.92 1.83 42.12
C VAL B 335 19.72 2.19 41.22
N PRO B 336 18.84 1.20 40.96
CA PRO B 336 17.71 1.47 40.05
C PRO B 336 16.84 2.60 40.53
N LEU B 337 16.31 3.37 39.58
CA LEU B 337 15.46 4.52 39.89
C LEU B 337 13.98 4.12 39.76
N LYS B 338 13.27 4.20 40.86
CA LYS B 338 11.84 3.81 40.90
C LYS B 338 11.04 5.09 40.68
N ILE B 339 10.57 5.27 39.46
CA ILE B 339 10.02 6.56 39.04
C ILE B 339 8.61 6.72 39.56
N GLU B 340 8.39 7.81 40.29
CA GLU B 340 7.09 8.10 40.87
C GLU B 340 6.20 8.76 39.82
N PRO B 341 4.94 8.34 39.75
CA PRO B 341 4.02 9.00 38.80
C PRO B 341 3.69 10.43 39.22
N MET B 342 3.04 11.15 38.32
CA MET B 342 2.67 12.54 38.52
C MET B 342 1.16 12.62 38.53
N LYS B 343 0.50 12.42 37.40
CA LYS B 343 -0.97 12.47 37.28
C LYS B 343 -1.65 11.11 37.04
N ASP B 344 -0.91 10.09 36.61
CA ASP B 344 -1.49 8.81 36.25
C ASP B 344 -0.87 7.75 37.20
N PRO B 345 -1.66 7.27 38.18
CA PRO B 345 -1.15 6.28 39.16
C PRO B 345 -0.67 4.96 38.54
N THR B 346 -1.13 4.63 37.33
CA THR B 346 -0.69 3.43 36.65
C THR B 346 0.65 3.57 35.92
N CYS B 347 1.17 4.79 35.80
CA CYS B 347 2.49 5.00 35.20
C CYS B 347 3.62 4.64 36.17
N LEU B 348 4.10 3.41 36.09
CA LEU B 348 4.97 2.82 37.11
C LEU B 348 6.15 2.12 36.49
N ARG B 349 7.31 2.76 36.47
CA ARG B 349 8.50 2.24 35.82
C ARG B 349 9.72 2.35 36.72
N THR B 350 10.74 1.59 36.32
CA THR B 350 12.02 1.53 37.00
C THR B 350 13.10 1.63 35.95
N GLU B 351 14.05 2.51 36.18
CA GLU B 351 15.21 2.61 35.30
C GLU B 351 16.45 1.96 35.98
N TYR B 352 17.11 1.08 35.24
CA TYR B 352 18.40 0.51 35.61
C TYR B 352 19.52 1.25 34.90
N PHE B 353 20.74 1.07 35.40
CA PHE B 353 21.90 1.79 34.91
C PHE B 353 23.11 0.88 34.67
N VAL B 354 22.84 -0.35 34.22
CA VAL B 354 23.87 -1.38 34.06
C VAL B 354 24.84 -1.02 32.93
N PRO B 355 26.12 -1.48 33.04
CA PRO B 355 27.12 -1.13 32.05
C PRO B 355 26.78 -1.47 30.60
N SER B 356 26.03 -2.53 30.35
CA SER B 356 25.64 -2.92 28.97
C SER B 356 24.71 -1.93 28.26
N PHE B 357 24.01 -1.10 29.02
CA PHE B 357 23.22 0.01 28.46
C PHE B 357 24.09 1.05 27.73
N ALA B 358 25.36 1.17 28.10
CA ALA B 358 26.31 2.00 27.33
C ALA B 358 26.57 1.55 25.89
N VAL B 359 26.35 0.28 25.57
CA VAL B 359 26.73 -0.26 24.26
C VAL B 359 25.62 -1.00 23.52
N ASP B 360 24.35 -0.78 23.88
CA ASP B 360 23.25 -1.62 23.35
C ASP B 360 22.57 -1.09 22.09
N GLY B 361 23.01 0.06 21.58
CA GLY B 361 22.34 0.68 20.44
C GLY B 361 21.01 1.38 20.72
N ALA B 362 20.68 1.65 21.99
CA ALA B 362 19.39 2.26 22.33
C ALA B 362 19.62 3.61 23.03
N ASN B 363 19.13 4.68 22.43
CA ASN B 363 19.26 6.01 23.05
C ASN B 363 18.39 6.25 24.30
N GLY B 364 17.46 5.33 24.62
CA GLY B 364 16.72 5.43 25.87
C GLY B 364 17.40 4.80 27.07
N SER B 365 18.49 4.06 26.87
CA SER B 365 19.18 3.42 27.98
C SER B 365 20.59 3.98 28.19
N ARG B 366 21.04 3.97 29.45
CA ARG B 366 22.35 4.53 29.81
C ARG B 366 22.96 3.80 31.01
N TRP B 367 24.28 3.63 30.96
CA TRP B 367 25.05 3.36 32.19
C TRP B 367 25.13 4.66 32.99
N MET B 368 25.05 4.57 34.31
CA MET B 368 25.37 5.66 35.22
C MET B 368 26.17 5.11 36.41
N ALA B 369 27.28 5.77 36.74
CA ALA B 369 28.02 5.49 37.97
C ALA B 369 27.22 5.85 39.21
N ALA B 370 27.50 5.20 40.32
CA ALA B 370 26.90 5.58 41.61
C ALA B 370 27.33 7.02 42.00
N ALA B 371 26.44 7.73 42.69
CA ALA B 371 26.72 9.08 43.19
C ALA B 371 28.01 9.11 44.03
N GLU B 372 28.17 8.13 44.93
CA GLU B 372 29.36 7.99 45.77
C GLU B 372 30.68 7.92 44.98
N ASP B 373 30.63 7.38 43.77
CA ASP B 373 31.80 7.19 42.93
C ASP B 373 32.09 8.43 42.05
N SER B 374 32.38 9.55 42.71
CA SER B 374 32.52 10.84 42.01
C SER B 374 33.97 11.25 41.72
N ILE B 375 34.97 10.46 42.14
CA ILE B 375 36.38 10.82 41.90
C ILE B 375 36.95 10.24 40.59
N ASN B 376 36.97 8.92 40.44
CA ASN B 376 37.63 8.29 39.28
C ASN B 376 36.73 7.33 38.50
N PRO B 377 35.44 7.65 38.29
CA PRO B 377 34.54 6.61 37.74
C PRO B 377 34.95 6.18 36.35
N TRP B 378 34.87 4.89 36.06
CA TRP B 378 35.35 4.39 34.78
C TRP B 378 34.49 3.26 34.22
N ILE B 379 34.65 3.00 32.92
CA ILE B 379 33.97 1.90 32.25
C ILE B 379 34.87 1.25 31.20
N VAL B 380 34.94 -0.09 31.22
CA VAL B 380 35.77 -0.85 30.28
C VAL B 380 34.90 -1.57 29.27
N ALA B 381 35.27 -1.45 27.99
CA ALA B 381 34.79 -2.37 26.96
C ALA B 381 35.87 -3.46 26.77
N ASP B 382 35.48 -4.72 26.93
CA ASP B 382 36.35 -5.86 26.61
C ASP B 382 35.95 -6.39 25.21
N LEU B 383 36.68 -6.03 24.16
CA LEU B 383 36.52 -6.69 22.86
C LEU B 383 37.00 -8.13 23.06
N GLY B 384 36.32 -9.11 22.48
CA GLY B 384 36.61 -10.53 22.80
C GLY B 384 38.10 -10.89 22.87
N THR B 385 38.86 -10.37 21.91
CA THR B 385 40.28 -10.62 21.79
C THR B 385 40.93 -9.32 21.28
N VAL B 386 42.22 -9.38 20.92
CA VAL B 386 42.93 -8.20 20.40
C VAL B 386 42.49 -7.92 18.97
N LYS B 387 42.34 -6.64 18.63
CA LYS B 387 41.81 -6.21 17.34
C LYS B 387 42.27 -4.79 17.07
N LYS B 388 42.35 -4.40 15.79
CA LYS B 388 42.71 -3.04 15.40
C LYS B 388 41.44 -2.22 15.34
N VAL B 389 41.28 -1.32 16.31
CA VAL B 389 40.12 -0.44 16.36
C VAL B 389 40.46 0.91 15.69
N ARG B 390 39.65 1.33 14.74
CA ARG B 390 39.82 2.65 14.10
C ARG B 390 39.53 3.84 15.03
N ARG B 391 38.39 3.81 15.73
CA ARG B 391 37.99 4.96 16.58
C ARG B 391 36.88 4.66 17.59
N SER B 392 36.70 5.60 18.52
CA SER B 392 35.75 5.54 19.62
C SER B 392 34.86 6.81 19.56
N GLU B 393 33.53 6.61 19.60
CA GLU B 393 32.52 7.68 19.61
C GLU B 393 31.64 7.50 20.87
N ILE B 394 31.70 8.47 21.78
CA ILE B 394 31.08 8.37 23.11
C ILE B 394 29.97 9.43 23.25
N TYR B 395 28.75 8.97 23.52
CA TYR B 395 27.58 9.84 23.79
C TYR B 395 27.34 9.86 25.29
N PHE B 396 27.90 10.87 25.97
CA PHE B 396 27.76 10.99 27.40
C PHE B 396 26.36 11.50 27.79
N VAL B 397 26.02 11.30 29.05
CA VAL B 397 24.79 11.77 29.65
C VAL B 397 24.98 13.25 30.03
N ARG B 398 23.94 14.04 29.82
CA ARG B 398 24.01 15.51 29.90
C ARG B 398 25.20 16.06 29.12
N PRO B 399 25.26 15.77 27.80
CA PRO B 399 26.39 16.20 26.98
C PRO B 399 26.54 17.71 26.86
N THR B 400 25.44 18.45 26.98
CA THR B 400 25.47 19.90 26.81
C THR B 400 26.18 20.63 27.97
N ALA B 401 26.37 19.98 29.10
CA ALA B 401 27.16 20.53 30.23
C ALA B 401 28.67 20.19 30.06
N GLY B 402 29.00 19.31 29.12
CA GLY B 402 30.38 19.06 28.74
C GLY B 402 31.08 18.03 29.57
N HIS B 403 32.05 17.37 28.94
CA HIS B 403 32.80 16.28 29.58
C HIS B 403 34.29 16.38 29.34
N ALA B 404 35.03 15.95 30.35
CA ALA B 404 36.47 15.78 30.29
C ALA B 404 36.71 14.35 30.72
N TYR B 405 37.61 13.67 30.03
CA TYR B 405 37.86 12.29 30.31
C TYR B 405 39.23 11.86 29.81
N VAL B 406 39.66 10.69 30.25
CA VAL B 406 40.78 9.99 29.62
C VAL B 406 40.31 8.68 29.02
N ILE B 407 41.05 8.22 28.02
CA ILE B 407 40.80 6.94 27.39
C ILE B 407 42.13 6.16 27.38
N GLU B 408 42.11 4.97 27.96
CA GLU B 408 43.28 4.11 28.06
C GLU B 408 43.01 2.84 27.26
N ALA B 409 44.08 2.09 27.01
CA ALA B 409 43.97 0.78 26.34
C ALA B 409 44.94 -0.25 26.97
N SER B 410 44.54 -1.53 26.94
CA SER B 410 45.28 -2.61 27.57
C SER B 410 45.14 -3.89 26.77
N MET B 411 46.12 -4.78 26.93
CA MET B 411 46.09 -6.13 26.34
C MET B 411 45.42 -7.12 27.30
N ASP B 412 45.67 -6.96 28.60
CA ASP B 412 45.22 -7.90 29.62
C ASP B 412 44.24 -7.34 30.67
N GLY B 413 44.00 -6.03 30.66
CA GLY B 413 43.12 -5.40 31.65
C GLY B 413 43.70 -5.22 33.05
N LYS B 414 45.02 -5.35 33.18
CA LYS B 414 45.73 -5.15 34.46
C LYS B 414 46.67 -3.96 34.37
N VAL B 415 47.46 -3.92 33.28
CA VAL B 415 48.38 -2.83 32.98
C VAL B 415 47.79 -2.09 31.77
N TRP B 416 47.79 -0.76 31.85
CA TRP B 416 47.07 0.13 30.91
C TRP B 416 48.02 1.14 30.29
N GLN B 417 47.67 1.70 29.14
CA GLN B 417 48.41 2.82 28.53
C GLN B 417 47.45 3.89 28.00
N GLU B 418 47.65 5.16 28.42
CA GLU B 418 46.80 6.29 27.98
C GLU B 418 46.93 6.56 26.47
N PHE B 419 45.81 6.60 25.75
CA PHE B 419 45.79 6.89 24.31
C PHE B 419 45.16 8.25 23.94
N ALA B 420 44.60 8.98 24.91
CA ALA B 420 44.16 10.40 24.74
C ALA B 420 43.68 11.00 26.07
N VAL B 421 44.12 12.23 26.35
CA VAL B 421 43.74 12.97 27.56
C VAL B 421 43.00 14.25 27.12
N HIS B 422 41.81 14.45 27.68
CA HIS B 422 41.04 15.68 27.47
C HIS B 422 40.74 16.24 28.85
N GLN B 423 41.55 17.21 29.28
CA GLN B 423 41.41 17.81 30.59
C GLN B 423 40.28 18.84 30.66
N ASP B 424 40.07 19.59 29.57
CA ASP B 424 38.99 20.59 29.51
C ASP B 424 37.66 19.94 29.09
N ARG B 425 36.58 20.35 29.74
CA ARG B 425 35.23 20.06 29.23
C ARG B 425 35.18 20.49 27.80
N LYS B 426 34.60 19.64 26.95
CA LYS B 426 34.06 20.12 25.68
C LYS B 426 32.55 19.78 25.66
N MET B 427 31.76 20.74 25.17
CA MET B 427 30.29 20.63 25.07
C MET B 427 29.91 20.20 23.66
N CYS B 428 29.95 18.90 23.42
CA CYS B 428 29.52 18.33 22.14
C CYS B 428 29.10 16.89 22.37
N SER B 429 28.62 16.25 21.31
CA SER B 429 28.31 14.82 21.36
C SER B 429 28.19 14.32 19.92
N PRO B 430 28.81 13.20 19.55
CA PRO B 430 29.66 12.38 20.40
C PRO B 430 31.06 12.98 20.56
N HIS B 431 31.84 12.39 21.47
CA HIS B 431 33.27 12.67 21.60
C HIS B 431 34.00 11.58 20.85
N THR B 432 34.67 11.97 19.77
CA THR B 432 35.38 11.03 18.93
C THR B 432 36.88 11.04 19.23
N ASP B 433 37.47 9.85 19.30
CA ASP B 433 38.90 9.68 19.41
C ASP B 433 39.34 8.70 18.33
N VAL B 434 40.17 9.16 17.41
CA VAL B 434 40.72 8.30 16.35
C VAL B 434 41.93 7.56 16.97
N LEU B 435 41.99 6.23 16.80
CA LEU B 435 42.96 5.41 17.56
C LEU B 435 43.95 4.57 16.72
N ASN B 436 43.45 3.65 15.89
CA ASN B 436 44.30 2.79 15.02
C ASN B 436 45.42 2.05 15.76
N LYS B 437 45.07 1.43 16.87
CA LYS B 437 46.00 0.65 17.70
C LYS B 437 45.32 -0.67 18.09
N ARG B 438 46.08 -1.77 18.06
CA ARG B 438 45.54 -3.09 18.37
C ARG B 438 45.46 -3.27 19.89
N PHE B 439 44.27 -3.62 20.41
CA PHE B 439 44.10 -4.02 21.83
C PHE B 439 42.81 -4.80 22.08
N ARG B 440 42.67 -5.32 23.30
CA ARG B 440 41.49 -6.07 23.75
C ARG B 440 40.54 -5.29 24.68
N TYR B 441 41.09 -4.36 25.46
CA TYR B 441 40.36 -3.61 26.48
C TYR B 441 40.49 -2.11 26.27
N LEU B 442 39.35 -1.41 26.23
CA LEU B 442 39.28 0.06 26.13
C LEU B 442 38.64 0.56 27.42
N ARG B 443 39.21 1.58 28.03
CA ARG B 443 38.73 2.11 29.32
C ARG B 443 38.57 3.62 29.23
N ILE B 444 37.45 4.11 29.76
CA ILE B 444 37.17 5.54 29.84
C ILE B 444 37.13 5.88 31.31
N LYS B 445 37.95 6.84 31.72
CA LYS B 445 37.86 7.44 33.05
C LYS B 445 37.29 8.84 32.85
N ILE B 446 36.25 9.18 33.61
CA ILE B 446 35.57 10.45 33.42
C ILE B 446 36.09 11.41 34.46
N LEU B 447 36.66 12.51 33.98
CA LEU B 447 37.27 13.51 34.86
C LEU B 447 36.28 14.58 35.30
N LYS B 448 35.47 15.08 34.34
CA LYS B 448 34.40 16.03 34.63
C LYS B 448 33.17 15.73 33.79
N GLY B 449 32.03 16.19 34.28
CA GLY B 449 30.74 15.97 33.62
C GLY B 449 29.97 14.89 34.34
N VAL B 450 28.69 14.73 33.96
CA VAL B 450 27.88 13.67 34.55
C VAL B 450 28.49 12.30 34.14
N PRO B 451 28.79 11.44 35.15
CA PRO B 451 29.44 10.15 34.86
C PRO B 451 28.44 9.05 34.40
N GLY B 452 28.16 9.09 33.11
CA GLY B 452 27.20 8.19 32.47
C GLY B 452 27.25 8.27 30.96
N ILE B 453 26.75 7.24 30.31
CA ILE B 453 26.92 7.08 28.86
C ILE B 453 25.65 6.43 28.28
N TRP B 454 25.05 7.11 27.29
CA TRP B 454 23.90 6.59 26.56
C TRP B 454 24.34 5.57 25.54
N GLU B 455 25.37 5.90 24.76
CA GLU B 455 25.89 5.06 23.69
C GLU B 455 27.40 5.25 23.58
N TRP B 456 28.08 4.17 23.23
CA TRP B 456 29.53 4.14 23.05
C TRP B 456 29.80 3.19 21.89
N ASN B 457 30.20 3.73 20.75
CA ASN B 457 30.43 2.95 19.55
C ASN B 457 31.94 2.90 19.21
N ILE B 458 32.38 1.73 18.77
CA ILE B 458 33.77 1.44 18.39
C ILE B 458 33.76 0.91 16.96
N TYR B 459 34.67 1.39 16.12
CA TYR B 459 34.68 1.10 14.65
C TYR B 459 35.98 0.49 14.16
N GLN C 20 -11.17 1.70 -55.91
CA GLN C 20 -10.05 1.83 -54.92
C GLN C 20 -9.24 3.11 -55.14
N HIS C 21 -8.83 3.72 -54.02
CA HIS C 21 -7.71 4.67 -53.94
C HIS C 21 -6.78 4.07 -52.89
N ASN C 22 -5.47 4.27 -53.04
CA ASN C 22 -4.50 3.66 -52.14
C ASN C 22 -4.56 4.29 -50.71
N ASN C 23 -4.56 3.41 -49.72
CA ASN C 23 -4.45 3.72 -48.29
C ASN C 23 -3.11 3.21 -47.74
N PRO C 24 -2.09 4.09 -47.66
CA PRO C 24 -0.79 3.60 -47.20
C PRO C 24 -0.68 3.37 -45.68
N PHE C 25 -1.71 3.72 -44.92
CA PHE C 25 -1.75 3.58 -43.47
C PHE C 25 -2.58 2.42 -42.93
N GLY C 26 -3.17 1.63 -43.85
CA GLY C 26 -3.78 0.35 -43.52
C GLY C 26 -4.79 0.42 -42.40
N ASN C 27 -4.77 -0.56 -41.50
CA ASN C 27 -5.75 -0.61 -40.41
C ASN C 27 -5.12 -0.40 -39.04
N ALA C 28 -4.97 0.86 -38.66
CA ALA C 28 -4.44 1.23 -37.34
C ALA C 28 -5.32 0.67 -36.21
N LEU C 29 -4.78 0.56 -35.00
CA LEU C 29 -5.55 0.02 -33.90
C LEU C 29 -6.74 0.93 -33.53
N ILE C 30 -6.46 2.21 -33.41
CA ILE C 30 -7.41 3.22 -32.90
C ILE C 30 -7.71 4.19 -34.03
N PRO C 31 -8.97 4.69 -34.09
CA PRO C 31 -9.36 5.73 -35.11
C PRO C 31 -9.03 7.13 -34.64
N ASP C 32 -7.75 7.37 -34.46
CA ASP C 32 -7.23 8.65 -34.11
C ASP C 32 -5.72 8.54 -34.36
N MET C 33 -5.05 9.66 -34.23
CA MET C 33 -3.61 9.69 -34.22
C MET C 33 -3.14 9.57 -32.78
N ILE C 34 -2.57 8.41 -32.46
CA ILE C 34 -2.03 8.12 -31.16
C ILE C 34 -0.63 7.51 -31.28
N ALA C 35 0.16 7.75 -30.25
CA ALA C 35 1.51 7.26 -30.15
C ALA C 35 1.84 6.85 -28.71
N ASP C 36 2.97 6.18 -28.53
CA ASP C 36 3.53 5.90 -27.22
C ASP C 36 2.51 5.08 -26.38
N ALA C 37 1.85 4.13 -27.01
CA ALA C 37 0.67 3.47 -26.43
C ALA C 37 1.03 2.46 -25.34
N SER C 38 0.18 2.42 -24.32
CA SER C 38 0.25 1.46 -23.24
C SER C 38 -1.05 0.75 -23.26
N ILE C 39 -1.03 -0.51 -23.66
CA ILE C 39 -2.23 -1.29 -23.85
C ILE C 39 -2.23 -2.46 -22.86
N GLN C 40 -3.39 -2.73 -22.29
CA GLN C 40 -3.49 -3.75 -21.24
C GLN C 40 -4.92 -4.24 -21.09
N GLU C 41 -5.08 -5.47 -20.63
CA GLU C 41 -6.37 -5.96 -20.22
C GLU C 41 -6.53 -5.75 -18.73
N ILE C 42 -7.65 -5.13 -18.33
CA ILE C 42 -7.97 -4.95 -16.93
C ILE C 42 -9.41 -5.39 -16.70
N ASN C 43 -9.60 -6.41 -15.87
CA ASN C 43 -10.93 -6.94 -15.54
C ASN C 43 -11.76 -7.29 -16.78
N GLY C 44 -11.17 -8.04 -17.69
CA GLY C 44 -11.86 -8.46 -18.89
C GLY C 44 -12.09 -7.42 -20.00
N VAL C 45 -11.52 -6.23 -19.90
CA VAL C 45 -11.67 -5.18 -20.93
C VAL C 45 -10.26 -4.66 -21.34
N PHE C 46 -10.04 -4.37 -22.63
CA PHE C 46 -8.75 -3.76 -23.05
C PHE C 46 -8.79 -2.25 -22.91
N TYR C 47 -7.68 -1.68 -22.44
CA TYR C 47 -7.50 -0.27 -22.28
C TYR C 47 -6.27 0.16 -23.07
N CYS C 48 -6.35 1.34 -23.71
CA CYS C 48 -5.24 1.97 -24.39
C CYS C 48 -5.07 3.41 -23.92
N TYR C 49 -4.00 3.62 -23.14
CA TYR C 49 -3.56 4.92 -22.72
C TYR C 49 -2.41 5.35 -23.65
N ALA C 50 -2.51 6.51 -24.25
CA ALA C 50 -1.53 6.92 -25.26
C ALA C 50 -1.38 8.43 -25.28
N THR C 51 -0.32 8.89 -25.96
CA THR C 51 -0.22 10.28 -26.38
C THR C 51 -1.25 10.50 -27.52
N THR C 52 -2.07 11.55 -27.41
CA THR C 52 -2.94 11.92 -28.49
C THR C 52 -2.19 12.94 -29.41
N ASP C 53 -2.09 12.58 -30.69
CA ASP C 53 -1.32 13.30 -31.72
C ASP C 53 -2.35 14.12 -32.56
N GLY C 54 -1.95 14.70 -33.67
CA GLY C 54 -2.89 15.31 -34.62
C GLY C 54 -3.34 16.73 -34.22
N TYR C 55 -2.62 17.38 -33.29
CA TYR C 55 -2.95 18.74 -32.85
C TYR C 55 -2.22 19.88 -33.61
N GLY C 56 -1.41 19.56 -34.62
CA GLY C 56 -0.97 20.55 -35.58
C GLY C 56 0.19 21.46 -35.18
N GLN C 57 0.79 21.29 -34.01
CA GLN C 57 1.89 22.15 -33.60
C GLN C 57 3.16 21.37 -33.26
N GLY C 58 3.36 20.25 -33.94
CA GLY C 58 4.44 19.32 -33.62
C GLY C 58 4.43 18.99 -32.12
N LEU C 59 5.63 19.01 -31.55
CA LEU C 59 5.83 18.69 -30.16
C LEU C 59 5.51 19.82 -29.17
N LYS C 60 4.97 20.94 -29.62
CA LYS C 60 4.71 22.09 -28.75
C LYS C 60 3.43 21.91 -27.98
N THR C 61 2.48 21.17 -28.55
CA THR C 61 1.25 20.79 -27.87
C THR C 61 0.93 19.30 -28.11
N SER C 62 -0.08 18.78 -27.42
CA SER C 62 -0.57 17.43 -27.67
C SER C 62 -2.07 17.51 -27.55
N GLY C 63 -2.75 16.42 -27.85
CA GLY C 63 -4.13 16.28 -27.38
C GLY C 63 -4.20 16.03 -25.87
N PRO C 64 -5.41 15.92 -25.35
CA PRO C 64 -5.59 15.68 -23.93
C PRO C 64 -5.45 14.20 -23.56
N PRO C 65 -5.33 13.87 -22.24
CA PRO C 65 -5.43 12.49 -21.70
C PRO C 65 -6.77 11.83 -21.89
N VAL C 66 -6.83 10.85 -22.80
CA VAL C 66 -8.01 10.01 -22.96
C VAL C 66 -7.58 8.54 -22.92
N VAL C 67 -8.49 7.67 -22.47
CA VAL C 67 -8.25 6.24 -22.48
C VAL C 67 -9.28 5.59 -23.37
N TRP C 68 -8.83 4.85 -24.37
CA TRP C 68 -9.72 4.10 -25.24
C TRP C 68 -9.91 2.72 -24.68
N LYS C 69 -11.13 2.19 -24.78
CA LYS C 69 -11.49 0.89 -24.27
C LYS C 69 -12.19 0.08 -25.33
N SER C 70 -12.10 -1.23 -25.18
CA SER C 70 -12.64 -2.18 -26.09
C SER C 70 -12.88 -3.52 -25.40
N LYS C 71 -14.01 -4.16 -25.71
CA LYS C 71 -14.29 -5.49 -25.19
C LYS C 71 -13.64 -6.57 -26.03
N ASP C 72 -13.38 -6.28 -27.30
CA ASP C 72 -12.93 -7.30 -28.25
C ASP C 72 -11.61 -6.99 -28.96
N PHE C 73 -11.02 -5.81 -28.72
CA PHE C 73 -9.79 -5.34 -29.43
C PHE C 73 -10.00 -4.82 -30.87
N VAL C 74 -11.25 -4.70 -31.28
CA VAL C 74 -11.60 -4.23 -32.64
C VAL C 74 -12.36 -2.90 -32.54
N HIS C 75 -13.44 -2.90 -31.75
CA HIS C 75 -14.24 -1.70 -31.51
C HIS C 75 -13.79 -0.99 -30.27
N TRP C 76 -13.30 0.24 -30.45
CA TRP C 76 -12.72 1.05 -29.38
C TRP C 76 -13.54 2.29 -29.15
N SER C 77 -13.56 2.82 -27.92
CA SER C 77 -14.23 4.08 -27.67
C SER C 77 -13.65 4.80 -26.47
N PHE C 78 -13.93 6.08 -26.38
CA PHE C 78 -13.60 6.88 -25.21
C PHE C 78 -14.69 7.93 -25.00
N ASP C 79 -14.71 8.47 -23.78
CA ASP C 79 -15.61 9.55 -23.44
C ASP C 79 -14.97 10.41 -22.35
N GLY C 80 -14.64 11.65 -22.69
CA GLY C 80 -14.01 12.57 -21.75
C GLY C 80 -12.55 12.24 -21.45
N THR C 81 -12.02 12.90 -20.41
CA THR C 81 -10.70 12.65 -19.92
C THR C 81 -10.78 11.79 -18.66
N TYR C 82 -9.67 11.11 -18.34
CA TYR C 82 -9.53 10.31 -17.12
C TYR C 82 -8.69 11.06 -16.09
N PHE C 83 -8.19 12.25 -16.44
CA PHE C 83 -7.26 13.00 -15.60
C PHE C 83 -7.62 14.48 -15.67
N PRO C 84 -8.72 14.88 -14.98
CA PRO C 84 -9.23 16.27 -15.04
C PRO C 84 -8.19 17.37 -14.85
N SER C 85 -7.36 17.29 -13.83
CA SER C 85 -6.38 18.34 -13.61
C SER C 85 -5.36 18.53 -14.75
N ALA C 86 -5.11 17.50 -15.55
CA ALA C 86 -4.07 17.57 -16.59
C ALA C 86 -4.65 17.74 -17.98
N ALA C 87 -5.97 17.89 -18.08
CA ALA C 87 -6.69 17.86 -19.35
C ALA C 87 -6.30 18.90 -20.42
N LYS C 88 -5.66 19.99 -20.04
CA LYS C 88 -5.21 20.99 -20.98
C LYS C 88 -3.71 21.17 -20.93
N GLU C 89 -3.01 20.22 -20.30
CA GLU C 89 -1.57 20.24 -20.30
C GLU C 89 -1.11 19.42 -21.48
N LYS C 90 0.16 19.57 -21.83
CA LYS C 90 0.80 18.67 -22.80
C LYS C 90 1.08 17.33 -22.14
N TYR C 91 0.55 16.25 -22.71
CA TYR C 91 0.40 14.98 -22.05
C TYR C 91 1.00 13.89 -22.94
N TRP C 92 2.09 13.30 -22.49
CA TRP C 92 2.84 12.32 -23.21
C TRP C 92 3.00 11.02 -22.46
N ALA C 93 2.92 9.95 -23.23
CA ALA C 93 3.55 8.68 -22.93
C ALA C 93 3.20 8.13 -21.51
N PRO C 94 1.91 8.01 -21.22
CA PRO C 94 1.52 7.41 -19.95
C PRO C 94 1.93 5.93 -19.90
N SER C 95 2.27 5.51 -18.69
CA SER C 95 2.52 4.11 -18.41
C SER C 95 1.23 3.33 -18.51
N LYS C 96 1.32 2.02 -18.32
CA LYS C 96 0.14 1.23 -17.95
C LYS C 96 -0.42 1.67 -16.60
N ALA C 97 -1.71 1.42 -16.41
CA ALA C 97 -2.37 1.66 -15.12
C ALA C 97 -1.97 0.49 -14.22
N ILE C 98 -1.31 0.75 -13.10
CA ILE C 98 -0.74 -0.31 -12.24
C ILE C 98 -1.62 -0.49 -10.99
N PHE C 99 -2.09 -1.70 -10.73
CA PHE C 99 -2.90 -1.95 -9.54
C PHE C 99 -2.01 -2.19 -8.32
N ALA C 100 -2.18 -1.39 -7.28
CA ALA C 100 -1.45 -1.58 -6.01
C ALA C 100 -2.17 -0.81 -4.91
N ASN C 101 -2.06 -1.33 -3.68
CA ASN C 101 -2.68 -0.71 -2.49
C ASN C 101 -4.17 -0.45 -2.67
N GLY C 102 -4.85 -1.35 -3.37
CA GLY C 102 -6.26 -1.22 -3.64
C GLY C 102 -6.64 -0.14 -4.63
N LYS C 103 -5.65 0.39 -5.37
CA LYS C 103 -5.79 1.55 -6.28
C LYS C 103 -5.08 1.30 -7.63
N TYR C 104 -5.33 2.22 -8.56
CA TYR C 104 -4.63 2.28 -9.84
C TYR C 104 -3.71 3.49 -9.89
N TYR C 105 -2.46 3.26 -10.26
CA TYR C 105 -1.46 4.31 -10.44
C TYR C 105 -1.05 4.42 -11.93
N ILE C 106 -0.79 5.63 -12.40
CA ILE C 106 -0.32 5.87 -13.74
C ILE C 106 0.75 6.94 -13.68
N TYR C 107 1.72 6.86 -14.58
CA TYR C 107 2.91 7.70 -14.54
C TYR C 107 3.17 8.41 -15.90
N PRO C 108 2.38 9.45 -16.21
CA PRO C 108 2.55 10.14 -17.49
C PRO C 108 3.61 11.22 -17.47
N THR C 109 3.96 11.72 -18.66
CA THR C 109 4.93 12.80 -18.80
C THR C 109 4.16 14.08 -19.14
N ILE C 110 4.09 15.00 -18.17
CA ILE C 110 3.19 16.16 -18.26
C ILE C 110 4.06 17.40 -18.34
N ASN C 111 3.88 18.15 -19.44
CA ASN C 111 4.74 19.28 -19.80
C ASN C 111 6.20 18.95 -19.69
N GLY C 112 6.59 17.79 -20.21
CA GLY C 112 7.99 17.33 -20.19
C GLY C 112 8.49 16.54 -18.98
N TYR C 113 7.65 16.33 -17.98
CA TYR C 113 8.14 15.76 -16.71
C TYR C 113 7.21 14.68 -16.17
N MET C 114 7.80 13.64 -15.57
CA MET C 114 7.02 12.52 -15.06
C MET C 114 6.38 12.87 -13.72
N TYR C 115 5.11 12.49 -13.55
CA TYR C 115 4.33 12.59 -12.31
C TYR C 115 3.61 11.29 -11.99
N PRO C 116 3.57 10.92 -10.69
CA PRO C 116 2.67 9.85 -10.24
C PRO C 116 1.25 10.32 -10.03
N ALA C 117 0.28 9.56 -10.55
CA ALA C 117 -1.12 9.87 -10.40
C ALA C 117 -1.83 8.62 -9.90
N VAL C 118 -3.00 8.80 -9.28
CA VAL C 118 -3.70 7.70 -8.62
C VAL C 118 -5.19 7.84 -8.78
N ALA C 119 -5.89 6.71 -8.86
CA ALA C 119 -7.35 6.69 -9.02
C ALA C 119 -7.91 5.40 -8.45
N ASP C 120 -9.24 5.34 -8.28
CA ASP C 120 -9.94 4.14 -7.77
C ASP C 120 -10.26 3.16 -8.85
N LYS C 121 -10.34 3.62 -10.11
CA LYS C 121 -10.54 2.73 -11.23
C LYS C 121 -9.76 3.21 -12.46
N PRO C 122 -9.57 2.33 -13.45
CA PRO C 122 -8.77 2.71 -14.64
C PRO C 122 -9.37 3.86 -15.46
N GLU C 123 -10.67 4.11 -15.31
CA GLU C 123 -11.35 5.27 -15.95
C GLU C 123 -11.07 6.62 -15.27
N GLY C 124 -10.39 6.62 -14.14
CA GLY C 124 -10.20 7.83 -13.36
C GLY C 124 -11.46 8.13 -12.55
N PRO C 125 -11.58 9.34 -11.98
CA PRO C 125 -10.64 10.43 -12.20
C PRO C 125 -9.33 10.21 -11.49
N PHE C 126 -8.23 10.39 -12.20
CA PHE C 126 -6.92 10.33 -11.62
C PHE C 126 -6.60 11.69 -11.02
N LYS C 127 -5.75 11.69 -9.99
CA LYS C 127 -5.23 12.91 -9.40
C LYS C 127 -3.77 12.75 -9.14
N LEU C 128 -3.03 13.85 -9.07
CA LEU C 128 -1.64 13.75 -8.61
C LEU C 128 -1.63 13.04 -7.24
N ALA C 129 -0.68 12.13 -7.06
CA ALA C 129 -0.60 11.29 -5.87
C ALA C 129 0.10 11.99 -4.71
N ARG C 130 0.97 12.94 -5.05
CA ARG C 130 1.67 13.82 -4.12
C ARG C 130 1.31 15.26 -4.41
N GLY C 131 1.26 16.09 -3.35
CA GLY C 131 1.14 17.56 -3.50
C GLY C 131 -0.26 17.95 -3.88
N LYS C 132 -0.45 19.22 -4.23
CA LYS C 132 -1.75 19.71 -4.71
C LYS C 132 -2.00 19.19 -6.13
N ASP C 133 -3.24 18.77 -6.39
CA ASP C 133 -3.64 18.35 -7.74
C ASP C 133 -3.71 19.50 -8.80
N GLU C 134 -2.57 20.05 -9.19
CA GLU C 134 -2.54 21.13 -10.17
C GLU C 134 -1.18 21.23 -10.84
N PHE C 135 -1.16 21.86 -12.02
CA PHE C 135 0.04 21.94 -12.85
C PHE C 135 0.39 23.37 -13.16
N TYR C 136 1.70 23.63 -13.24
CA TYR C 136 2.23 24.87 -13.74
C TYR C 136 3.63 24.53 -14.21
N LYS C 137 4.22 25.38 -15.05
CA LYS C 137 5.49 25.09 -15.71
C LYS C 137 6.66 25.70 -14.96
N PRO C 138 7.88 25.18 -15.11
CA PRO C 138 8.20 24.02 -15.96
C PRO C 138 7.78 22.70 -15.31
N PHE C 139 7.93 22.60 -13.98
CA PHE C 139 7.41 21.47 -13.21
C PHE C 139 6.94 21.85 -11.80
N THR C 140 6.09 20.99 -11.23
CA THR C 140 5.50 21.10 -9.90
C THR C 140 6.40 20.28 -8.93
N PRO C 141 6.35 20.58 -7.61
CA PRO C 141 7.06 19.72 -6.65
C PRO C 141 6.57 18.26 -6.60
N SER C 142 5.36 18.02 -7.10
CA SER C 142 4.76 16.72 -7.35
C SER C 142 5.41 15.75 -8.37
N THR C 143 6.55 16.10 -8.96
CA THR C 143 7.19 15.22 -9.92
C THR C 143 7.62 13.88 -9.29
N LEU C 144 7.66 12.84 -10.12
CA LEU C 144 8.10 11.51 -9.71
C LEU C 144 9.54 11.52 -9.26
N LEU C 145 10.43 12.12 -10.03
CA LEU C 145 11.81 12.24 -9.57
C LEU C 145 11.91 13.45 -8.64
N GLN C 146 12.87 13.42 -7.73
CA GLN C 146 13.02 14.46 -6.70
C GLN C 146 14.45 14.96 -6.55
N SER C 147 15.33 14.62 -7.48
CA SER C 147 16.64 15.23 -7.54
C SER C 147 16.48 16.70 -7.96
N LYS C 148 17.53 17.49 -7.74
CA LYS C 148 17.57 18.91 -8.08
C LYS C 148 17.05 19.15 -9.51
N ASN C 149 17.61 18.42 -10.46
CA ASN C 149 17.04 18.29 -11.82
C ASN C 149 16.19 16.99 -11.90
N PRO C 150 14.84 17.10 -11.92
CA PRO C 150 13.99 15.92 -11.98
C PRO C 150 13.60 15.51 -13.44
N GLY C 151 14.49 15.79 -14.40
CA GLY C 151 14.20 15.56 -15.81
C GLY C 151 14.22 14.07 -16.14
N GLY C 152 13.38 13.69 -17.08
CA GLY C 152 13.29 12.30 -17.57
C GLY C 152 11.89 12.09 -18.10
N ILE C 153 11.74 11.17 -19.04
CA ILE C 153 10.44 10.92 -19.66
C ILE C 153 10.17 9.41 -19.84
N ASP C 154 8.93 9.10 -20.22
CA ASP C 154 8.55 7.77 -20.70
C ASP C 154 8.63 6.71 -19.61
N ALA C 155 7.87 6.89 -18.53
CA ALA C 155 7.92 5.92 -17.41
C ALA C 155 7.28 4.58 -17.79
N GLU C 156 7.89 3.52 -17.29
CA GLU C 156 7.41 2.14 -17.42
C GLU C 156 7.56 1.46 -16.04
N ILE C 157 6.48 0.85 -15.55
CA ILE C 157 6.45 0.24 -14.21
C ILE C 157 6.49 -1.29 -14.28
N PHE C 158 7.28 -1.90 -13.41
CA PHE C 158 7.27 -3.35 -13.25
C PHE C 158 7.11 -3.75 -11.76
N VAL C 159 6.23 -4.70 -11.46
CA VAL C 159 6.14 -5.26 -10.07
C VAL C 159 6.53 -6.73 -10.13
N ASP C 160 7.58 -7.12 -9.43
CA ASP C 160 8.10 -8.48 -9.52
C ASP C 160 7.24 -9.42 -8.63
N ASP C 161 7.46 -10.73 -8.79
CA ASP C 161 6.68 -11.76 -8.07
C ASP C 161 6.74 -11.61 -6.54
N ASP C 162 7.86 -11.10 -6.02
CA ASP C 162 8.02 -10.79 -4.60
C ASP C 162 7.44 -9.45 -4.13
N GLY C 163 6.78 -8.73 -5.02
CA GLY C 163 6.20 -7.43 -4.65
C GLY C 163 7.09 -6.22 -4.87
N GLN C 164 8.36 -6.42 -5.19
CA GLN C 164 9.26 -5.29 -5.39
C GLN C 164 8.85 -4.59 -6.70
N ALA C 165 8.56 -3.30 -6.58
CA ALA C 165 8.23 -2.47 -7.73
C ALA C 165 9.47 -1.71 -8.23
N TYR C 166 9.48 -1.44 -9.55
CA TYR C 166 10.56 -0.75 -10.26
C TYR C 166 9.97 0.24 -11.26
N VAL C 167 10.67 1.36 -11.42
CA VAL C 167 10.34 2.34 -12.45
C VAL C 167 11.50 2.39 -13.44
N PHE C 168 11.18 2.20 -14.73
CA PHE C 168 12.10 2.34 -15.84
C PHE C 168 11.76 3.62 -16.60
N TRP C 169 12.75 4.38 -17.02
CA TRP C 169 12.46 5.56 -17.82
C TRP C 169 13.50 5.80 -18.90
N GLY C 170 13.35 6.86 -19.69
CA GLY C 170 14.21 7.08 -20.85
C GLY C 170 15.68 7.20 -20.51
N ARG C 171 16.51 6.96 -21.52
CA ARG C 171 17.97 6.92 -21.42
C ARG C 171 18.49 5.81 -20.51
N ARG C 172 17.77 4.70 -20.53
CA ARG C 172 18.18 3.46 -19.92
C ARG C 172 18.22 3.50 -18.37
N HIS C 173 17.39 4.36 -17.79
CA HIS C 173 17.35 4.51 -16.35
C HIS C 173 16.41 3.52 -15.69
N VAL C 174 16.80 3.05 -14.51
CA VAL C 174 15.95 2.20 -13.66
C VAL C 174 16.28 2.38 -12.16
N ALA C 175 15.23 2.37 -11.36
CA ALA C 175 15.34 2.45 -9.90
C ALA C 175 14.19 1.69 -9.26
N LYS C 176 14.39 1.19 -8.04
CA LYS C 176 13.28 0.63 -7.26
C LYS C 176 12.25 1.71 -6.93
N LEU C 177 11.02 1.27 -6.73
CA LEU C 177 9.92 2.11 -6.34
C LEU C 177 9.42 1.58 -5.00
N ASN C 178 9.14 2.48 -4.07
CA ASN C 178 8.61 2.09 -2.75
C ASN C 178 7.18 1.57 -2.80
N GLU C 179 6.73 0.93 -1.71
CA GLU C 179 5.38 0.36 -1.62
C GLU C 179 4.27 1.38 -1.73
N ASP C 180 4.54 2.61 -1.31
CA ASP C 180 3.62 3.72 -1.60
C ASP C 180 3.47 4.02 -3.14
N MET C 181 4.35 3.46 -3.97
CA MET C 181 4.28 3.57 -5.45
C MET C 181 4.51 5.00 -6.01
N ILE C 182 5.01 5.91 -5.17
CA ILE C 182 5.27 7.28 -5.57
C ILE C 182 6.66 7.80 -5.24
N THR C 183 7.44 7.04 -4.50
CA THR C 183 8.72 7.48 -4.01
C THR C 183 9.73 6.62 -4.72
N VAL C 184 10.61 7.24 -5.48
CA VAL C 184 11.64 6.55 -6.18
C VAL C 184 12.82 6.36 -5.25
N ASP C 185 13.48 5.21 -5.31
CA ASP C 185 14.65 4.95 -4.47
C ASP C 185 15.85 5.78 -4.93
N SER C 186 16.71 6.13 -3.96
CA SER C 186 17.86 6.99 -4.24
CA SER C 186 17.86 6.99 -4.24
C SER C 186 18.89 6.31 -5.14
N VAL C 187 18.90 4.96 -5.17
CA VAL C 187 19.84 4.23 -6.01
C VAL C 187 19.28 4.11 -7.43
N VAL C 188 19.89 4.81 -8.40
CA VAL C 188 19.46 4.84 -9.81
C VAL C 188 20.53 4.17 -10.63
N GLN C 189 20.19 3.19 -11.48
CA GLN C 189 21.16 2.53 -12.31
C GLN C 189 20.93 2.85 -13.78
N VAL C 190 21.99 2.72 -14.57
CA VAL C 190 21.90 2.86 -16.03
C VAL C 190 22.13 1.48 -16.61
N ILE C 191 21.14 0.99 -17.36
CA ILE C 191 21.23 -0.35 -17.95
C ILE C 191 22.25 -0.32 -19.06
N SER C 192 23.09 -1.33 -19.09
CA SER C 192 24.09 -1.51 -20.12
C SER C 192 23.49 -2.24 -21.36
N THR C 193 23.68 -1.65 -22.54
CA THR C 193 23.21 -2.25 -23.80
C THR C 193 24.30 -2.14 -24.89
N PRO C 194 24.30 -3.05 -25.88
CA PRO C 194 25.33 -2.95 -26.93
C PRO C 194 25.11 -1.81 -27.94
N ARG C 195 23.87 -1.33 -28.06
CA ARG C 195 23.59 -0.14 -28.87
C ARG C 195 23.49 1.08 -27.98
N LYS C 196 24.30 2.10 -28.27
CA LYS C 196 24.64 3.18 -27.32
C LYS C 196 23.94 4.54 -27.49
N GLU C 197 23.20 4.70 -28.58
CA GLU C 197 22.62 6.02 -28.92
C GLU C 197 21.43 6.39 -28.06
N TYR C 198 20.99 7.64 -28.18
CA TYR C 198 19.82 8.11 -27.47
C TYR C 198 18.66 7.10 -27.49
N SER C 199 18.11 6.81 -26.30
CA SER C 199 17.02 5.84 -26.16
C SER C 199 15.89 6.33 -25.30
N GLU C 200 14.68 5.92 -25.67
CA GLU C 200 13.47 6.26 -24.89
C GLU C 200 12.48 5.11 -24.94
N GLY C 201 11.24 5.37 -24.56
CA GLY C 201 10.18 4.36 -24.67
C GLY C 201 10.49 2.97 -24.12
N PRO C 202 11.07 2.87 -22.93
CA PRO C 202 11.36 1.52 -22.40
C PRO C 202 10.09 0.64 -22.25
N ILE C 203 10.24 -0.63 -22.52
CA ILE C 203 9.23 -1.65 -22.28
C ILE C 203 9.93 -2.68 -21.46
N PHE C 204 9.30 -3.14 -20.39
CA PHE C 204 9.86 -4.19 -19.54
C PHE C 204 8.79 -5.20 -19.18
N PHE C 205 9.15 -6.47 -19.28
CA PHE C 205 8.29 -7.56 -18.84
C PHE C 205 9.08 -8.82 -18.51
N LYS C 206 8.42 -9.71 -17.78
CA LYS C 206 8.98 -10.96 -17.33
C LYS C 206 8.18 -12.11 -17.95
N ARG C 207 8.85 -13.08 -18.57
CA ARG C 207 8.18 -14.27 -19.10
C ARG C 207 9.00 -15.53 -18.82
N LYS C 208 8.37 -16.51 -18.15
CA LYS C 208 9.02 -17.80 -17.83
C LYS C 208 10.39 -17.63 -17.20
N GLY C 209 10.46 -16.79 -16.18
CA GLY C 209 11.71 -16.51 -15.47
C GLY C 209 12.73 -15.61 -16.14
N ILE C 210 12.44 -15.08 -17.34
CA ILE C 210 13.36 -14.21 -18.05
C ILE C 210 12.80 -12.78 -18.05
N TYR C 211 13.66 -11.83 -17.68
CA TYR C 211 13.39 -10.42 -17.70
C TYR C 211 13.83 -9.83 -19.04
N TYR C 212 12.94 -9.06 -19.67
CA TYR C 212 13.13 -8.45 -21.00
C TYR C 212 13.11 -6.96 -20.90
N TYR C 213 14.20 -6.31 -21.31
CA TYR C 213 14.30 -4.86 -21.38
C TYR C 213 14.44 -4.43 -22.83
N LEU C 214 13.38 -3.83 -23.36
CA LEU C 214 13.33 -3.33 -24.74
C LEU C 214 13.45 -1.82 -24.67
N TYR C 215 14.24 -1.25 -25.57
CA TYR C 215 14.54 0.17 -25.58
C TYR C 215 14.60 0.68 -27.03
N THR C 216 14.15 1.90 -27.26
CA THR C 216 14.24 2.49 -28.61
C THR C 216 15.61 3.01 -28.92
N ILE C 217 15.91 3.00 -30.21
CA ILE C 217 17.06 3.62 -30.84
CA ILE C 217 17.03 3.74 -30.78
C ILE C 217 16.55 4.46 -32.04
N GLY C 218 17.21 5.59 -32.34
CA GLY C 218 16.81 6.46 -33.45
C GLY C 218 15.56 7.25 -33.13
N GLY C 219 14.97 7.78 -34.19
CA GLY C 219 13.76 8.58 -34.12
C GLY C 219 13.20 8.75 -35.55
N ASP C 220 11.97 9.22 -35.67
CA ASP C 220 11.30 9.42 -36.97
C ASP C 220 11.32 8.10 -37.73
N GLU C 221 11.65 8.11 -39.03
CA GLU C 221 11.66 6.88 -39.83
C GLU C 221 12.73 5.93 -39.35
N LYS C 222 13.77 6.43 -38.68
CA LYS C 222 14.84 5.53 -38.16
C LYS C 222 14.57 4.88 -36.81
N TYR C 223 13.41 5.11 -36.20
CA TYR C 223 13.02 4.45 -34.94
C TYR C 223 13.15 2.93 -35.06
N GLN C 224 13.83 2.31 -34.09
CA GLN C 224 13.91 0.86 -33.93
C GLN C 224 13.76 0.50 -32.45
N TYR C 225 13.32 -0.71 -32.21
CA TYR C 225 13.42 -1.30 -30.86
C TYR C 225 14.52 -2.34 -30.89
N ALA C 226 15.35 -2.28 -29.86
CA ALA C 226 16.33 -3.30 -29.54
C ALA C 226 16.05 -3.82 -28.14
N TYR C 227 16.76 -4.86 -27.72
CA TYR C 227 16.52 -5.43 -26.38
C TYR C 227 17.73 -6.18 -25.83
N VAL C 228 17.68 -6.36 -24.51
CA VAL C 228 18.55 -7.21 -23.73
C VAL C 228 17.72 -8.04 -22.75
N MET C 229 18.33 -9.07 -22.19
CA MET C 229 17.64 -10.06 -21.33
C MET C 229 18.43 -10.32 -20.07
N SER C 230 17.74 -10.62 -18.98
CA SER C 230 18.38 -11.09 -17.78
C SER C 230 17.64 -12.23 -17.15
N ARG C 231 18.40 -13.14 -16.58
CA ARG C 231 17.87 -14.18 -15.71
C ARG C 231 18.18 -13.90 -14.25
N VAL C 232 18.66 -12.72 -13.90
CA VAL C 232 19.05 -12.43 -12.53
C VAL C 232 18.02 -11.52 -11.88
N SER C 233 17.88 -10.29 -12.36
CA SER C 233 16.96 -9.34 -11.75
C SER C 233 16.53 -8.28 -12.76
N PRO C 234 15.47 -7.50 -12.43
CA PRO C 234 15.09 -6.33 -13.27
C PRO C 234 16.18 -5.25 -13.39
N MET C 235 17.17 -5.22 -12.48
CA MET C 235 18.29 -4.31 -12.63
C MET C 235 19.53 -5.01 -13.15
N GLY C 236 19.39 -6.20 -13.71
CA GLY C 236 20.51 -6.88 -14.38
C GLY C 236 21.23 -7.87 -13.49
N PRO C 237 22.39 -8.37 -13.94
CA PRO C 237 23.03 -8.02 -15.22
C PRO C 237 22.29 -8.55 -16.46
N PHE C 238 22.44 -7.86 -17.58
CA PHE C 238 21.73 -8.16 -18.81
C PHE C 238 22.67 -8.77 -19.85
N GLU C 239 22.12 -9.56 -20.76
CA GLU C 239 22.87 -10.19 -21.86
C GLU C 239 22.18 -9.76 -23.14
N ALA C 240 22.96 -9.40 -24.15
CA ALA C 240 22.43 -9.05 -25.48
C ALA C 240 22.57 -10.24 -26.42
N PRO C 241 21.49 -10.64 -27.10
CA PRO C 241 21.60 -11.69 -28.12
C PRO C 241 22.12 -11.08 -29.41
N GLU C 242 22.57 -11.93 -30.33
CA GLU C 242 23.06 -11.45 -31.64
C GLU C 242 21.97 -10.74 -32.45
N GLN C 243 20.78 -11.32 -32.45
CA GLN C 243 19.63 -10.79 -33.16
C GLN C 243 18.81 -9.92 -32.19
N ASP C 244 19.38 -8.76 -31.84
CA ASP C 244 18.83 -7.86 -30.83
C ASP C 244 17.87 -6.73 -31.36
N ILE C 245 17.76 -6.56 -32.68
CA ILE C 245 16.85 -5.58 -33.25
C ILE C 245 15.51 -6.27 -33.51
N ILE C 246 14.48 -5.86 -32.80
CA ILE C 246 13.22 -6.54 -32.92
C ILE C 246 12.16 -5.79 -33.73
N SER C 247 12.31 -4.48 -33.95
CA SER C 247 11.45 -3.75 -34.87
C SER C 247 12.28 -2.74 -35.60
N THR C 248 12.02 -2.61 -36.90
CA THR C 248 12.77 -1.71 -37.77
C THR C 248 11.95 -1.46 -39.04
N THR C 249 12.25 -0.37 -39.75
CA THR C 249 11.58 -0.06 -41.03
C THR C 249 11.56 -1.28 -41.97
N ASN C 250 10.39 -1.57 -42.51
CA ASN C 250 10.20 -2.58 -43.57
C ASN C 250 9.78 -1.84 -44.84
N TYR C 251 10.77 -1.63 -45.71
CA TYR C 251 10.60 -0.82 -46.92
CA TYR C 251 10.54 -0.77 -46.88
C TYR C 251 9.57 -1.46 -47.85
N GLU C 252 9.69 -2.77 -48.04
CA GLU C 252 8.78 -3.56 -48.88
C GLU C 252 7.30 -3.42 -48.49
N ARG C 253 6.99 -3.45 -47.19
CA ARG C 253 5.63 -3.27 -46.71
C ARG C 253 5.25 -1.82 -46.45
N GLY C 254 6.16 -0.90 -46.62
CA GLY C 254 5.83 0.53 -46.40
C GLY C 254 5.55 0.85 -44.92
N ILE C 255 6.36 0.30 -44.02
CA ILE C 255 6.20 0.52 -42.56
C ILE C 255 7.47 1.14 -42.01
N PHE C 256 7.37 2.43 -41.65
CA PHE C 256 8.53 3.26 -41.32
C PHE C 256 8.56 3.62 -39.82
N GLY C 257 9.71 3.40 -39.20
CA GLY C 257 9.99 3.92 -37.87
C GLY C 257 9.06 3.34 -36.83
N PRO C 258 9.08 1.99 -36.66
CA PRO C 258 8.27 1.30 -35.66
C PRO C 258 8.80 1.49 -34.24
N GLY C 259 8.37 2.60 -33.63
CA GLY C 259 8.86 2.99 -32.32
C GLY C 259 7.90 2.91 -31.14
N HIS C 260 8.13 3.81 -30.21
CA HIS C 260 7.60 3.77 -28.87
C HIS C 260 6.17 3.20 -28.81
N GLY C 261 6.08 2.00 -28.20
CA GLY C 261 4.81 1.36 -27.91
C GLY C 261 4.86 0.53 -26.65
N CYS C 262 4.32 -0.69 -26.70
CA CYS C 262 4.31 -1.54 -25.51
C CYS C 262 4.28 -2.99 -25.94
N VAL C 263 4.41 -3.86 -24.94
CA VAL C 263 4.14 -5.29 -25.02
C VAL C 263 3.02 -5.65 -24.04
N PHE C 264 2.12 -6.52 -24.48
CA PHE C 264 1.07 -7.03 -23.62
C PHE C 264 0.65 -8.46 -24.01
N HIS C 265 0.01 -9.14 -23.07
CA HIS C 265 -0.63 -10.41 -23.32
C HIS C 265 -1.97 -10.40 -22.60
N PRO C 266 -3.03 -10.86 -23.27
CA PRO C 266 -4.33 -11.01 -22.59
C PRO C 266 -4.19 -11.94 -21.37
N GLU C 267 -4.83 -11.57 -20.27
CA GLU C 267 -4.74 -12.33 -19.02
C GLU C 267 -5.02 -13.84 -19.22
N GLY C 268 -4.25 -14.68 -18.53
CA GLY C 268 -4.41 -16.13 -18.67
C GLY C 268 -3.98 -16.73 -20.01
N THR C 269 -3.19 -16.00 -20.85
CA THR C 269 -2.67 -16.57 -22.11
C THR C 269 -1.16 -16.42 -22.19
N ASP C 270 -0.54 -17.16 -23.11
CA ASP C 270 0.86 -16.93 -23.50
C ASP C 270 0.95 -16.24 -24.88
N ASN C 271 -0.08 -15.49 -25.27
CA ASN C 271 -0.09 -14.86 -26.57
C ASN C 271 0.38 -13.46 -26.33
N TYR C 272 1.60 -13.15 -26.77
CA TYR C 272 2.14 -11.80 -26.59
C TYR C 272 1.94 -11.00 -27.90
N TYR C 273 1.78 -9.69 -27.73
CA TYR C 273 1.58 -8.72 -28.81
C TYR C 273 2.50 -7.52 -28.59
N PHE C 274 2.90 -6.91 -29.68
CA PHE C 274 3.77 -5.73 -29.74
C PHE C 274 2.97 -4.61 -30.41
N ALA C 275 2.79 -3.50 -29.71
CA ALA C 275 2.15 -2.32 -30.26
C ALA C 275 3.20 -1.31 -30.51
N TYR C 276 3.09 -0.56 -31.61
CA TYR C 276 4.10 0.43 -31.96
C TYR C 276 3.50 1.61 -32.72
N LEU C 277 4.13 2.76 -32.56
CA LEU C 277 3.80 3.90 -33.40
C LEU C 277 4.48 3.71 -34.75
N GLU C 278 3.98 4.45 -35.77
CA GLU C 278 4.50 4.42 -37.11
C GLU C 278 4.63 5.87 -37.58
N PHE C 279 5.65 6.14 -38.38
CA PHE C 279 5.99 7.51 -38.86
C PHE C 279 4.78 8.36 -39.32
N GLY C 280 3.84 7.71 -40.00
CA GLY C 280 2.59 8.32 -40.37
C GLY C 280 2.76 9.48 -41.32
N ARG C 281 2.12 10.60 -40.99
CA ARG C 281 2.15 11.79 -41.83
C ARG C 281 3.20 12.78 -41.35
N ARG C 282 4.25 12.28 -40.68
CA ARG C 282 5.39 13.05 -40.14
C ARG C 282 5.04 13.79 -38.84
N SER C 283 6.08 14.17 -38.10
CA SER C 283 5.95 14.91 -36.82
C SER C 283 4.96 14.14 -35.91
N THR C 284 4.04 14.84 -35.28
CA THR C 284 3.09 14.22 -34.36
C THR C 284 1.79 13.92 -35.07
N ASN C 285 1.86 13.19 -36.18
CA ASN C 285 0.71 12.70 -36.89
C ASN C 285 0.96 11.19 -37.10
N ARG C 286 1.10 10.49 -35.99
CA ARG C 286 1.42 9.08 -35.99
C ARG C 286 0.16 8.28 -35.68
N GLN C 287 0.14 7.03 -36.10
CA GLN C 287 -0.86 6.07 -35.64
C GLN C 287 -0.17 4.87 -35.06
N THR C 288 -0.96 4.01 -34.40
CA THR C 288 -0.46 2.86 -33.63
C THR C 288 -0.99 1.58 -34.26
N TYR C 289 -0.11 0.59 -34.37
CA TYR C 289 -0.41 -0.71 -34.98
C TYR C 289 -0.01 -1.81 -34.00
N VAL C 290 -0.60 -3.00 -34.19
CA VAL C 290 -0.35 -4.17 -33.33
C VAL C 290 -0.02 -5.40 -34.20
N ASN C 291 1.02 -6.14 -33.79
CA ASN C 291 1.33 -7.46 -34.38
C ASN C 291 1.69 -8.42 -33.28
N GLN C 292 1.69 -9.69 -33.64
CA GLN C 292 2.15 -10.75 -32.72
C GLN C 292 3.64 -10.64 -32.37
N LEU C 293 3.96 -11.03 -31.15
CA LEU C 293 5.32 -11.12 -30.66
C LEU C 293 5.54 -12.59 -30.26
N LYS C 294 6.60 -13.17 -30.81
CA LYS C 294 6.91 -14.59 -30.62
C LYS C 294 8.34 -14.75 -30.11
N PHE C 295 8.55 -15.90 -29.47
CA PHE C 295 9.80 -16.23 -28.84
C PHE C 295 10.31 -17.56 -29.42
N ASN C 296 11.62 -17.68 -29.49
CA ASN C 296 12.28 -18.95 -29.75
C ASN C 296 12.36 -19.71 -28.45
N GLU C 297 12.70 -21.01 -28.52
CA GLU C 297 12.67 -21.85 -27.32
C GLU C 297 13.65 -21.39 -26.22
N ASP C 298 14.81 -20.88 -26.62
CA ASP C 298 15.77 -20.32 -25.63
C ASP C 298 15.33 -19.01 -24.94
N GLY C 299 14.14 -18.49 -25.25
CA GLY C 299 13.67 -17.23 -24.70
C GLY C 299 14.00 -16.00 -25.53
N THR C 300 14.78 -16.12 -26.61
CA THR C 300 15.07 -14.93 -27.43
C THR C 300 13.80 -14.49 -28.15
N ILE C 301 13.65 -13.18 -28.37
CA ILE C 301 12.49 -12.61 -29.08
C ILE C 301 12.73 -12.72 -30.58
N ARG C 302 11.73 -13.21 -31.31
CA ARG C 302 11.83 -13.24 -32.77
C ARG C 302 11.55 -11.84 -33.31
N PRO C 303 12.42 -11.31 -34.20
CA PRO C 303 12.11 -9.97 -34.75
C PRO C 303 10.69 -9.91 -35.29
N VAL C 304 9.99 -8.83 -35.00
CA VAL C 304 8.55 -8.76 -35.26
C VAL C 304 8.28 -8.61 -36.75
N GLU C 305 7.32 -9.39 -37.25
CA GLU C 305 6.89 -9.31 -38.65
C GLU C 305 5.82 -8.21 -38.69
N LEU C 306 6.19 -7.03 -39.19
CA LEU C 306 5.30 -5.89 -39.14
C LEU C 306 4.31 -5.89 -40.30
N THR C 307 3.05 -5.62 -40.01
CA THR C 307 2.03 -5.36 -41.00
C THR C 307 1.19 -4.20 -40.48
N MET C 308 0.44 -3.59 -41.38
CA MET C 308 -0.64 -2.71 -40.97
C MET C 308 -2.03 -3.39 -41.01
N ASP C 309 -2.09 -4.71 -40.86
CA ASP C 309 -3.36 -5.45 -40.95
C ASP C 309 -4.02 -5.64 -39.60
N GLY C 310 -3.27 -5.55 -38.50
CA GLY C 310 -3.81 -5.79 -37.18
C GLY C 310 -3.90 -7.27 -36.84
N VAL C 311 -4.47 -7.55 -35.70
CA VAL C 311 -4.52 -8.92 -35.17
C VAL C 311 -5.96 -9.38 -34.95
N GLY C 312 -6.94 -8.61 -35.41
CA GLY C 312 -8.36 -8.99 -35.29
C GLY C 312 -8.82 -8.97 -33.85
N ALA C 313 -9.85 -9.76 -33.59
CA ALA C 313 -10.45 -9.82 -32.25
C ALA C 313 -9.66 -10.76 -31.34
N LEU C 314 -9.37 -10.30 -30.13
CA LEU C 314 -8.68 -11.09 -29.13
C LEU C 314 -9.64 -11.65 -28.08
N LYS C 315 -10.93 -11.37 -28.22
CA LYS C 315 -11.97 -11.96 -27.39
C LYS C 315 -13.25 -12.10 -28.23
N LYS C 316 -13.95 -13.22 -28.06
CA LYS C 316 -15.26 -13.44 -28.66
C LYS C 316 -16.29 -12.69 -27.83
N VAL C 317 -16.88 -11.63 -28.38
CA VAL C 317 -18.06 -10.96 -27.77
C VAL C 317 -19.16 -10.79 -28.79
N LYS C 318 -20.39 -10.66 -28.31
CA LYS C 318 -21.54 -10.53 -29.18
C LYS C 318 -21.55 -9.10 -29.68
N SER C 319 -21.81 -8.94 -30.97
CA SER C 319 -21.97 -7.61 -31.54
C SER C 319 -22.75 -7.71 -32.82
N ASP C 320 -23.19 -6.57 -33.30
CA ASP C 320 -24.03 -6.54 -34.47
C ASP C 320 -23.21 -6.47 -35.74
N LYS C 321 -23.73 -7.10 -36.77
CA LYS C 321 -23.15 -7.09 -38.08
C LYS C 321 -23.47 -5.73 -38.73
N LYS C 322 -22.55 -5.26 -39.58
CA LYS C 322 -22.60 -3.93 -40.16
C LYS C 322 -23.32 -3.95 -41.52
N MET C 323 -24.02 -2.85 -41.85
CA MET C 323 -24.75 -2.73 -43.13
C MET C 323 -23.81 -2.41 -44.29
N LYS C 324 -24.03 -3.05 -45.44
CA LYS C 324 -23.25 -2.79 -46.65
C LYS C 324 -23.70 -1.47 -47.26
N ILE C 325 -22.82 -0.47 -47.26
CA ILE C 325 -23.06 0.82 -47.91
C ILE C 325 -22.74 0.70 -49.40
N ASP C 326 -23.61 1.25 -50.25
CA ASP C 326 -23.48 1.11 -51.71
C ASP C 326 -22.60 2.18 -52.37
N THR C 327 -22.85 3.43 -52.03
CA THR C 327 -22.00 4.56 -52.43
C THR C 327 -22.01 5.66 -51.36
N VAL C 328 -21.01 6.52 -51.43
CA VAL C 328 -20.89 7.69 -50.57
C VAL C 328 -20.44 8.85 -51.42
N TYR C 329 -20.72 10.07 -50.96
CA TYR C 329 -20.27 11.29 -51.63
C TYR C 329 -20.40 12.41 -50.63
N ALA C 330 -19.71 13.52 -50.87
CA ALA C 330 -19.60 14.58 -49.88
C ALA C 330 -19.64 15.96 -50.52
N SER C 331 -19.70 16.98 -49.68
CA SER C 331 -19.66 18.37 -50.09
C SER C 331 -18.34 18.80 -50.71
N SER C 332 -17.24 18.22 -50.22
CA SER C 332 -15.93 18.44 -50.78
C SER C 332 -14.96 17.35 -50.34
N ILE C 333 -13.78 17.39 -50.95
CA ILE C 333 -12.70 16.45 -50.68
C ILE C 333 -11.43 17.28 -50.62
N GLU C 334 -10.67 17.14 -49.52
CA GLU C 334 -9.38 17.79 -49.42
C GLU C 334 -8.43 17.23 -50.48
N VAL C 335 -7.59 18.12 -51.01
CA VAL C 335 -6.53 17.75 -51.97
C VAL C 335 -5.50 16.77 -51.31
N PRO C 336 -4.90 15.85 -52.10
CA PRO C 336 -3.95 14.89 -51.52
C PRO C 336 -2.78 15.55 -50.79
N LEU C 337 -2.32 14.89 -49.73
CA LEU C 337 -1.20 15.37 -48.90
C LEU C 337 0.02 14.60 -49.35
N LYS C 338 1.02 15.33 -49.83
CA LYS C 338 2.28 14.77 -50.25
C LYS C 338 3.16 14.88 -49.01
N ILE C 339 3.42 13.75 -48.34
CA ILE C 339 4.08 13.78 -47.03
C ILE C 339 5.60 13.92 -47.19
N GLU C 340 6.14 14.92 -46.53
CA GLU C 340 7.57 15.21 -46.57
C GLU C 340 8.28 14.26 -45.60
N PRO C 341 9.33 13.57 -46.06
CA PRO C 341 10.12 12.75 -45.13
C PRO C 341 10.87 13.59 -44.10
N MET C 342 11.51 12.93 -43.14
CA MET C 342 12.26 13.61 -42.09
C MET C 342 13.72 13.16 -42.09
N LYS C 343 13.97 11.89 -41.84
CA LYS C 343 15.31 11.31 -41.83
C LYS C 343 15.58 10.28 -42.92
N ASP C 344 14.54 9.85 -43.64
CA ASP C 344 14.67 8.79 -44.67
C ASP C 344 14.17 9.37 -45.98
N PRO C 345 15.10 9.80 -46.86
CA PRO C 345 14.62 10.41 -48.10
C PRO C 345 13.80 9.48 -49.02
N THR C 346 13.81 8.16 -48.77
CA THR C 346 12.98 7.21 -49.50
C THR C 346 11.54 7.05 -48.98
N CYS C 347 11.21 7.67 -47.85
CA CYS C 347 9.86 7.57 -47.30
C CYS C 347 8.93 8.62 -47.92
N LEU C 348 8.30 8.24 -49.03
CA LEU C 348 7.65 9.18 -49.91
C LEU C 348 6.22 8.70 -50.19
N ARG C 349 5.30 9.23 -49.39
CA ARG C 349 3.93 8.76 -49.41
C ARG C 349 2.97 9.89 -49.67
N THR C 350 1.79 9.50 -50.12
CA THR C 350 0.68 10.42 -50.38
C THR C 350 -0.56 9.89 -49.67
N GLU C 351 -1.27 10.77 -48.98
CA GLU C 351 -2.55 10.45 -48.37
C GLU C 351 -3.67 11.11 -49.17
N TYR C 352 -4.70 10.35 -49.49
CA TYR C 352 -5.90 10.86 -50.14
C TYR C 352 -7.00 10.93 -49.10
N PHE C 353 -8.05 11.66 -49.43
CA PHE C 353 -9.07 12.07 -48.47
C PHE C 353 -10.48 11.81 -48.97
N VAL C 354 -10.62 10.79 -49.81
CA VAL C 354 -11.88 10.50 -50.49
C VAL C 354 -12.97 9.98 -49.54
N PRO C 355 -14.26 10.26 -49.85
CA PRO C 355 -15.41 9.83 -49.01
C PRO C 355 -15.49 8.33 -48.73
N SER C 356 -15.16 7.48 -49.70
CA SER C 356 -15.14 6.04 -49.47
C SER C 356 -14.20 5.60 -48.32
N PHE C 357 -13.20 6.44 -48.00
CA PHE C 357 -12.37 6.21 -46.80
C PHE C 357 -13.17 6.33 -45.47
N ALA C 358 -14.28 7.07 -45.45
CA ALA C 358 -15.18 7.09 -44.26
C ALA C 358 -15.82 5.71 -43.92
N VAL C 359 -15.94 4.81 -44.91
CA VAL C 359 -16.71 3.55 -44.74
C VAL C 359 -16.00 2.30 -45.23
N ASP C 360 -14.67 2.36 -45.33
CA ASP C 360 -13.88 1.23 -45.80
C ASP C 360 -13.52 0.21 -44.72
N GLY C 361 -13.80 0.48 -43.45
CA GLY C 361 -13.37 -0.44 -42.37
C GLY C 361 -11.86 -0.37 -42.01
N ALA C 362 -11.14 0.65 -42.46
CA ALA C 362 -9.72 0.84 -42.08
C ALA C 362 -9.55 2.10 -41.23
N ASN C 363 -8.98 1.97 -40.05
CA ASN C 363 -8.70 3.11 -39.18
C ASN C 363 -7.54 3.98 -39.61
N GLY C 364 -6.76 3.55 -40.60
CA GLY C 364 -5.70 4.35 -41.18
C GLY C 364 -6.14 5.33 -42.24
N SER C 365 -7.39 5.20 -42.73
CA SER C 365 -7.89 6.10 -43.75
C SER C 365 -9.06 6.96 -43.28
N ARG C 366 -9.17 8.15 -43.85
CA ARG C 366 -10.20 9.10 -43.50
C ARG C 366 -10.66 9.92 -44.70
N TRP C 367 -11.94 10.25 -44.70
CA TRP C 367 -12.46 11.39 -45.49
C TRP C 367 -12.08 12.65 -44.77
N MET C 368 -11.70 13.68 -45.53
CA MET C 368 -11.56 15.03 -45.02
C MET C 368 -12.17 16.01 -46.02
N ALA C 369 -13.03 16.91 -45.53
CA ALA C 369 -13.54 18.04 -46.31
C ALA C 369 -12.39 18.99 -46.66
N ALA C 370 -12.54 19.71 -47.78
CA ALA C 370 -11.55 20.72 -48.16
C ALA C 370 -11.50 21.85 -47.13
N ALA C 371 -10.31 22.43 -46.96
CA ALA C 371 -10.10 23.56 -46.06
C ALA C 371 -11.12 24.69 -46.27
N GLU C 372 -11.42 25.01 -47.54
CA GLU C 372 -12.35 26.11 -47.90
C GLU C 372 -13.80 25.79 -47.56
N ASP C 373 -14.11 24.51 -47.38
CA ASP C 373 -15.49 24.06 -47.10
C ASP C 373 -15.75 23.96 -45.58
N SER C 374 -15.68 25.09 -44.89
CA SER C 374 -15.85 25.13 -43.43
C SER C 374 -17.25 25.52 -42.92
N ILE C 375 -18.29 25.51 -43.78
CA ILE C 375 -19.66 25.87 -43.37
C ILE C 375 -20.61 24.72 -43.69
N ASN C 376 -21.08 24.01 -42.67
CA ASN C 376 -21.80 22.74 -42.87
C ASN C 376 -21.21 21.87 -44.00
N PRO C 377 -19.95 21.43 -43.86
CA PRO C 377 -19.49 20.33 -44.70
C PRO C 377 -20.36 19.13 -44.43
N TRP C 378 -20.59 18.30 -45.44
CA TRP C 378 -21.45 17.15 -45.26
C TRP C 378 -21.01 15.96 -46.10
N ILE C 379 -21.48 14.79 -45.67
CA ILE C 379 -21.24 13.53 -46.35
C ILE C 379 -22.54 12.73 -46.30
N VAL C 380 -22.77 11.91 -47.33
CA VAL C 380 -23.98 11.13 -47.47
C VAL C 380 -23.64 9.69 -47.73
N ALA C 381 -24.24 8.79 -46.97
CA ALA C 381 -24.18 7.38 -47.25
C ALA C 381 -25.46 6.96 -47.96
N ASP C 382 -25.30 6.21 -49.06
CA ASP C 382 -26.39 5.64 -49.83
C ASP C 382 -26.38 4.11 -49.70
N LEU C 383 -27.28 3.62 -48.86
CA LEU C 383 -27.61 2.18 -48.85
C LEU C 383 -28.26 1.86 -50.21
N GLY C 384 -28.10 0.66 -50.73
CA GLY C 384 -28.68 0.35 -52.05
C GLY C 384 -30.16 0.72 -52.23
N THR C 385 -30.95 0.48 -51.19
CA THR C 385 -32.40 0.68 -51.18
C THR C 385 -32.82 1.23 -49.82
N VAL C 386 -34.13 1.28 -49.56
CA VAL C 386 -34.63 1.59 -48.22
C VAL C 386 -34.47 0.33 -47.37
N LYS C 387 -33.89 0.48 -46.19
CA LYS C 387 -33.72 -0.61 -45.23
C LYS C 387 -34.07 -0.12 -43.83
N LYS C 388 -34.21 -1.05 -42.90
CA LYS C 388 -34.35 -0.76 -41.47
C LYS C 388 -32.95 -0.46 -40.90
N VAL C 389 -32.83 0.63 -40.15
CA VAL C 389 -31.56 1.14 -39.69
C VAL C 389 -31.61 1.30 -38.18
N ARG C 390 -30.94 0.39 -37.47
CA ARG C 390 -30.86 0.46 -36.01
C ARG C 390 -30.10 1.69 -35.55
N ARG C 391 -28.83 1.82 -35.92
CA ARG C 391 -28.05 2.97 -35.47
C ARG C 391 -26.85 3.29 -36.35
N SER C 392 -26.28 4.47 -36.07
CA SER C 392 -25.10 4.99 -36.70
C SER C 392 -24.03 5.22 -35.63
N GLU C 393 -22.78 4.93 -36.01
CA GLU C 393 -21.64 5.17 -35.13
C GLU C 393 -20.56 5.88 -35.96
N ILE C 394 -20.23 7.08 -35.53
CA ILE C 394 -19.31 7.95 -36.26
C ILE C 394 -18.04 8.19 -35.48
N TYR C 395 -16.93 7.84 -36.12
CA TYR C 395 -15.60 8.12 -35.58
C TYR C 395 -15.03 9.30 -36.33
N PHE C 396 -15.16 10.49 -35.77
CA PHE C 396 -14.61 11.69 -36.41
C PHE C 396 -13.11 11.80 -36.24
N VAL C 397 -12.52 12.59 -37.12
CA VAL C 397 -11.11 12.98 -37.03
C VAL C 397 -10.91 14.04 -35.94
N ARG C 398 -9.79 13.95 -35.23
CA ARG C 398 -9.52 14.76 -34.01
C ARG C 398 -10.70 14.73 -33.00
N PRO C 399 -11.12 13.51 -32.60
CA PRO C 399 -12.29 13.27 -31.76
C PRO C 399 -12.18 13.92 -30.36
N THR C 400 -10.95 14.07 -29.88
CA THR C 400 -10.76 14.60 -28.55
C THR C 400 -11.01 16.11 -28.46
N ALA C 401 -11.11 16.81 -29.60
CA ALA C 401 -11.49 18.25 -29.59
C ALA C 401 -12.99 18.48 -29.67
N GLY C 402 -13.76 17.39 -29.83
CA GLY C 402 -15.21 17.45 -29.75
C GLY C 402 -15.84 17.81 -31.09
N HIS C 403 -17.03 17.30 -31.35
CA HIS C 403 -17.79 17.61 -32.55
C HIS C 403 -19.24 17.94 -32.25
N ALA C 404 -19.79 18.83 -33.07
CA ALA C 404 -21.22 19.14 -33.12
C ALA C 404 -21.70 18.80 -34.52
N TYR C 405 -22.83 18.10 -34.61
CA TYR C 405 -23.32 17.69 -35.89
C TYR C 405 -24.83 17.51 -35.89
N VAL C 406 -25.35 17.29 -37.10
CA VAL C 406 -26.74 17.01 -37.34
C VAL C 406 -26.71 15.77 -38.20
N ILE C 407 -27.52 14.78 -37.87
CA ILE C 407 -27.74 13.65 -38.74
C ILE C 407 -29.15 13.72 -39.27
N GLU C 408 -29.30 13.41 -40.54
CA GLU C 408 -30.57 13.45 -41.24
C GLU C 408 -30.69 12.15 -42.04
N ALA C 409 -31.93 11.79 -42.35
CA ALA C 409 -32.25 10.61 -43.14
C ALA C 409 -33.15 11.01 -44.31
N SER C 410 -33.19 10.15 -45.34
CA SER C 410 -34.01 10.40 -46.52
C SER C 410 -34.33 9.15 -47.30
N MET C 411 -35.39 9.24 -48.09
CA MET C 411 -35.86 8.16 -48.95
C MET C 411 -35.37 8.36 -50.39
N ASP C 412 -35.14 9.61 -50.81
CA ASP C 412 -34.86 9.94 -52.22
C ASP C 412 -33.59 10.77 -52.51
N GLY C 413 -32.92 11.24 -51.45
CA GLY C 413 -31.75 12.11 -51.58
C GLY C 413 -32.10 13.59 -51.68
N LYS C 414 -33.39 13.92 -51.53
CA LYS C 414 -33.90 15.30 -51.75
C LYS C 414 -34.48 15.88 -50.48
N VAL C 415 -35.43 15.17 -49.89
CA VAL C 415 -36.15 15.59 -48.69
C VAL C 415 -35.58 14.87 -47.48
N TRP C 416 -35.16 15.65 -46.48
CA TRP C 416 -34.42 15.17 -45.32
C TRP C 416 -35.16 15.37 -43.99
N GLN C 417 -35.61 14.26 -43.39
CA GLN C 417 -36.11 14.27 -42.00
C GLN C 417 -34.92 14.30 -41.04
N GLU C 418 -34.89 15.27 -40.13
CA GLU C 418 -33.84 15.32 -39.08
C GLU C 418 -34.08 14.27 -37.98
N PHE C 419 -33.12 13.36 -37.78
CA PHE C 419 -33.18 12.33 -36.73
C PHE C 419 -32.56 12.85 -35.44
N ALA C 420 -31.40 13.51 -35.53
CA ALA C 420 -30.75 14.10 -34.34
C ALA C 420 -29.94 15.36 -34.63
N VAL C 421 -29.80 16.19 -33.60
CA VAL C 421 -29.11 17.49 -33.67
C VAL C 421 -28.33 17.67 -32.39
N HIS C 422 -27.02 17.89 -32.51
CA HIS C 422 -26.13 18.12 -31.37
C HIS C 422 -25.37 19.45 -31.58
N GLN C 423 -25.97 20.54 -31.11
CA GLN C 423 -25.36 21.87 -31.20
C GLN C 423 -24.17 22.07 -30.26
N ASP C 424 -24.01 21.24 -29.24
CA ASP C 424 -22.84 21.29 -28.31
C ASP C 424 -21.80 20.22 -28.68
N ARG C 425 -20.54 20.65 -28.76
CA ARG C 425 -19.38 19.74 -28.81
C ARG C 425 -19.47 18.70 -27.71
N LYS C 426 -19.44 17.43 -28.06
CA LYS C 426 -19.23 16.38 -27.09
C LYS C 426 -17.90 15.66 -27.44
N MET C 427 -17.01 15.55 -26.45
CA MET C 427 -15.66 15.07 -26.61
C MET C 427 -15.67 13.56 -26.32
N CYS C 428 -16.00 12.78 -27.34
CA CYS C 428 -16.09 11.35 -27.20
C CYS C 428 -15.87 10.70 -28.57
N SER C 429 -15.78 9.38 -28.66
CA SER C 429 -15.82 8.67 -29.96
C SER C 429 -16.16 7.22 -29.68
N PRO C 430 -17.02 6.59 -30.46
CA PRO C 430 -17.74 7.18 -31.56
C PRO C 430 -18.93 8.05 -31.09
N HIS C 431 -19.52 8.79 -32.02
CA HIS C 431 -20.84 9.42 -31.81
C HIS C 431 -21.91 8.51 -32.33
N THR C 432 -22.76 8.04 -31.41
CA THR C 432 -23.77 7.02 -31.70
C THR C 432 -25.18 7.65 -31.70
N ASP C 433 -25.97 7.36 -32.72
CA ASP C 433 -27.35 7.88 -32.82
C ASP C 433 -28.27 6.73 -33.18
N VAL C 434 -29.22 6.44 -32.30
CA VAL C 434 -30.22 5.39 -32.53
C VAL C 434 -31.30 6.01 -33.41
N LEU C 435 -31.66 5.32 -34.49
CA LEU C 435 -32.73 5.78 -35.39
C LEU C 435 -33.94 4.85 -35.24
N ASN C 436 -33.75 3.60 -35.64
CA ASN C 436 -34.80 2.57 -35.73
C ASN C 436 -35.94 2.99 -36.65
N LYS C 437 -35.56 3.53 -37.81
CA LYS C 437 -36.51 3.91 -38.85
C LYS C 437 -36.07 3.27 -40.13
N ARG C 438 -36.94 3.32 -41.15
CA ARG C 438 -36.52 2.96 -42.49
C ARG C 438 -36.04 4.22 -43.24
N PHE C 439 -35.00 4.04 -44.04
CA PHE C 439 -34.36 5.15 -44.75
C PHE C 439 -33.50 4.54 -45.86
N ARG C 440 -33.15 5.38 -46.83
CA ARG C 440 -32.19 4.99 -47.86
C ARG C 440 -30.84 5.70 -47.71
N TYR C 441 -30.89 7.01 -47.46
CA TYR C 441 -29.73 7.85 -47.36
C TYR C 441 -29.62 8.36 -45.94
N LEU C 442 -28.36 8.49 -45.47
CA LEU C 442 -28.06 9.24 -44.25
C LEU C 442 -27.12 10.34 -44.62
N ARG C 443 -27.17 11.42 -43.84
CA ARG C 443 -26.30 12.53 -44.04
C ARG C 443 -25.89 13.10 -42.71
N ILE C 444 -24.62 13.43 -42.60
CA ILE C 444 -24.07 14.12 -41.45
C ILE C 444 -23.69 15.49 -41.93
N LYS C 445 -24.09 16.53 -41.20
CA LYS C 445 -23.55 17.87 -41.42
C LYS C 445 -22.74 18.21 -40.19
N ILE C 446 -21.53 18.71 -40.38
CA ILE C 446 -20.64 18.98 -39.27
C ILE C 446 -20.72 20.47 -38.97
N LEU C 447 -21.04 20.79 -37.72
CA LEU C 447 -21.26 22.16 -37.25
C LEU C 447 -20.07 22.72 -36.51
N LYS C 448 -19.42 21.90 -35.68
CA LYS C 448 -18.14 22.25 -35.06
C LYS C 448 -17.23 21.01 -34.99
N GLY C 449 -15.93 21.26 -34.86
CA GLY C 449 -14.91 20.22 -34.88
C GLY C 449 -14.32 20.00 -36.27
N VAL C 450 -13.23 19.24 -36.33
CA VAL C 450 -12.56 18.98 -37.59
C VAL C 450 -13.48 18.20 -38.51
N PRO C 451 -13.68 18.71 -39.76
CA PRO C 451 -14.66 18.12 -40.65
C PRO C 451 -14.13 16.88 -41.41
N GLY C 452 -14.02 15.74 -40.71
CA GLY C 452 -13.53 14.51 -41.28
C GLY C 452 -13.91 13.29 -40.50
N ILE C 453 -13.87 12.13 -41.16
CA ILE C 453 -14.31 10.88 -40.59
C ILE C 453 -13.32 9.74 -40.94
N TRP C 454 -12.78 9.10 -39.90
CA TRP C 454 -12.05 7.82 -40.02
C TRP C 454 -12.95 6.64 -40.38
N GLU C 455 -14.04 6.48 -39.64
CA GLU C 455 -14.96 5.33 -39.81
C GLU C 455 -16.38 5.73 -39.47
N TRP C 456 -17.33 5.25 -40.28
CA TRP C 456 -18.75 5.54 -40.07
C TRP C 456 -19.45 4.21 -40.26
N ASN C 457 -19.89 3.65 -39.15
CA ASN C 457 -20.50 2.32 -39.14
C ASN C 457 -22.00 2.47 -38.94
N ILE C 458 -22.74 1.77 -39.80
CA ILE C 458 -24.19 1.82 -39.82
C ILE C 458 -24.66 0.40 -39.54
N TYR C 459 -25.54 0.26 -38.56
CA TYR C 459 -26.07 -1.04 -38.17
C TYR C 459 -27.61 -1.01 -38.29
N1 EPE D . -38.68 -17.10 13.07
C2 EPE D . -37.93 -16.24 14.02
C3 EPE D . -38.36 -14.77 14.04
N4 EPE D . -38.65 -14.22 12.71
C5 EPE D . -39.65 -15.08 12.05
C6 EPE D . -38.99 -16.44 11.80
C7 EPE D . -38.90 -12.75 12.71
C8 EPE D . -40.32 -12.23 12.65
O8 EPE D . -40.97 -12.47 13.90
C9 EPE D . -38.12 -18.47 12.85
C10 EPE D . -37.43 -19.07 14.06
S EPE D . -37.27 -20.75 14.07
O1S EPE D . -38.49 -21.21 14.82
O2S EPE D . -36.09 -21.05 14.89
O3S EPE D . -37.08 -21.32 12.69
CA CA E . -21.94 -17.02 6.89
CA CA F . 0.34 -31.55 5.60
C1 EDO G . -6.75 -5.67 -10.69
O1 EDO G . -7.10 -4.94 -11.85
C2 EDO G . -7.82 -6.72 -10.55
O2 EDO G . -9.12 -6.11 -10.58
C1 144 H . -24.77 -23.24 11.97
N 144 H . -24.00 -24.22 11.18
C2 144 H . -23.54 -23.46 9.97
O2 144 H . -24.55 -23.21 8.95
C3 144 H . -22.88 -24.81 11.98
O3 144 H . -21.77 -25.36 11.23
C4 144 H . -24.98 -25.29 10.84
O4 144 H . -24.43 -26.42 10.17
CA CA I . 6.67 23.52 18.87
CA CA J . 21.98 2.82 25.44
C1 EDO K . 8.59 23.31 28.51
O1 EDO K . 8.97 22.05 27.95
C2 EDO K . 7.31 23.78 27.86
O2 EDO K . 6.22 23.29 28.66
C1 EDO L . 13.52 17.65 38.72
O1 EDO L . 14.26 18.12 37.59
C2 EDO L . 13.62 16.14 38.86
O2 EDO L . 14.87 15.65 38.37
C1 EDO M . 20.37 27.54 32.81
O1 EDO M . 20.38 28.33 34.01
C2 EDO M . 19.26 28.10 31.91
O2 EDO M . 17.97 27.93 32.51
C1 EDO N . 4.27 34.42 29.41
O1 EDO N . 4.65 34.19 28.04
C2 EDO N . 4.10 33.10 30.13
O2 EDO N . 5.30 32.84 30.87
C1 EDO O . 15.01 40.76 10.51
O1 EDO O . 15.84 39.99 9.62
C2 EDO O . 14.43 41.92 9.73
O2 EDO O . 13.59 41.44 8.66
C1 EDO P . 7.32 44.26 23.73
O1 EDO P . 8.19 43.95 24.82
C2 EDO P . 6.60 45.56 24.01
O2 EDO P . 5.68 45.31 25.07
C1 EDO Q . 2.71 15.60 -0.19
O1 EDO Q . 1.51 14.90 -0.57
C2 EDO Q . 2.33 16.85 0.60
O2 EDO Q . 1.58 17.81 -0.18
C1 EDO R . -0.06 5.23 12.01
O1 EDO R . 0.98 5.47 13.02
C2 EDO R . -1.22 6.22 12.03
O2 EDO R . -0.92 7.65 11.89
CA CA S . 5.78 3.82 -22.51
CA CA T . -11.35 4.69 -42.95
C1 EDO U . 7.34 12.75 -27.84
O1 EDO U . 8.15 11.57 -27.98
C2 EDO U . 5.89 12.39 -27.65
O2 EDO U . 5.61 11.20 -28.37
C1 EDO V . -0.24 -6.57 -19.56
O1 EDO V . 0.19 -7.66 -20.39
C2 EDO V . -1.70 -6.70 -19.17
O2 EDO V . -2.49 -7.19 -20.27
C1 EDO W . 2.31 18.91 -38.72
O1 EDO W . 0.90 18.72 -38.64
C2 EDO W . 2.85 19.46 -37.41
O2 EDO W . 2.04 19.08 -36.29
C1 EDO X . 5.65 -10.87 -13.35
O1 EDO X . 5.25 -10.52 -14.68
C2 EDO X . 4.72 -10.15 -12.39
O2 EDO X . 5.19 -10.29 -11.05
C1 EDO Y . 15.11 9.17 -6.22
O1 EDO Y . 15.68 9.45 -7.49
C2 EDO Y . 14.03 10.18 -5.83
O2 EDO Y . 13.71 11.05 -6.93
C1 EDO Z . 26.38 -5.61 -22.42
O1 EDO Z . 26.07 -4.50 -23.27
C2 EDO Z . 25.14 -6.45 -22.16
O2 EDO Z . 24.19 -5.70 -21.38
C1 EDO AA . 21.13 -7.40 -36.35
O1 EDO AA . 21.16 -8.80 -36.61
C2 EDO AA . 20.51 -7.19 -35.00
O2 EDO AA . 19.20 -7.78 -34.93
C1 EDO BA . 9.19 10.13 -25.95
O1 EDO BA . 9.67 10.82 -27.11
C2 EDO BA . 8.12 10.95 -25.23
O2 EDO BA . 6.86 10.35 -25.49
C1 EDO CA . 16.04 -28.49 -18.69
O1 EDO CA . 16.92 -29.59 -18.39
C2 EDO CA . 16.01 -28.23 -20.19
O2 EDO CA . 14.66 -28.08 -20.65
C1 EDO DA . 7.38 -12.63 -34.00
O1 EDO DA . 7.93 -11.60 -33.17
C2 EDO DA . 6.82 -12.24 -35.36
O2 EDO DA . 5.78 -11.22 -35.27
C1 EDO EA . -6.86 -14.59 -27.46
O1 EDO EA . -6.52 -13.58 -26.48
C2 EDO EA . -5.83 -14.60 -28.58
O2 EDO EA . -4.57 -14.13 -28.07
C1 EDO FA . -15.21 11.74 -32.57
O1 EDO FA . -15.96 10.65 -33.08
C2 EDO FA . -15.99 12.95 -32.02
O2 EDO FA . -15.27 14.05 -31.44
C1 EDO GA . -18.02 25.50 -29.31
O1 EDO GA . -16.87 26.31 -29.49
C2 EDO GA . -17.99 24.93 -27.89
O2 EDO GA . -19.16 24.15 -27.62
#